data_5OYN
#
_entry.id   5OYN
#
_cell.length_a   270.420
_cell.length_b   236.130
_cell.length_c   65.160
_cell.angle_alpha   90.00
_cell.angle_beta   97.38
_cell.angle_gamma   90.00
#
_symmetry.space_group_name_H-M   'C 1 2 1'
#
loop_
_entity.id
_entity.type
_entity.pdbx_description
1 polymer 'Dehydratase, IlvD/Edd family'
2 non-polymer 'MAGNESIUM ION'
3 non-polymer 'FE2/S2 (INORGANIC) CLUSTER'
4 water water
#
_entity_poly.entity_id   1
_entity_poly.type   'polypeptide(L)'
_entity_poly.pdbx_seq_one_letter_code
;MDWSHPQFEKSNRTPRRFRSRDWFDNPDHIDMTALYLERFMNYGITPEELRSGKPIIGIAQTGSDISPCNRIHLDLVQRV
RDGIRDAGGIPMEFPVHPIFENCRRPTAALDRNLSYLGLVETLHGYPIDAVVLTTGCD(KCX)TTPAGIMAATTVNIPAI
VLSGGPMLDGWHENELVGSGTVIWRSRRKLAAGEITEEEFIDRAASSAPSAGHCNTMGTASTMNAVAEALGLSLTGCAAI
PAPYRERGQMAYKTGQRIVDLAYDDVKPLDILTKQAFENAIALVAAAGGSTNAQPHIVAMARHAGVEITADDWRAAYDIP
LIVNMQPAGKYLGERFHRAGGAPAVLWELLQQGRLHGDVLTVTGKTMSENLQGRETSDREVIFPYHEPLAEKAGFLVLKG
NLFDFAIMKSSVIGEEFRKRYLSQPGQEGVFEARAIVFDGSDDYHKRINDPALEIDERCILVIRGAGPIGWPGSAEVVNM
QPPDHLLKKGIMSLPTLGDGRQSGTADSPSILNASPESAIGGGLSWLRTGDTIRIDLNTGRCDALVDEATIAARKQDGIP
AVPATMTPWQEIYRAHASQLDTGGVLEFAVKYQDLAAKLPRHNH
;
_entity_poly.pdbx_strand_id   A,B,C,D
#
# COMPACT_ATOMS: atom_id res chain seq x y z
N ASN A 12 -26.96 -5.32 21.98
CA ASN A 12 -25.99 -4.24 21.90
C ASN A 12 -26.44 -3.13 20.93
N ARG A 13 -26.86 -3.55 19.71
CA ARG A 13 -27.01 -2.64 18.57
C ARG A 13 -28.48 -2.39 18.27
N THR A 14 -28.97 -1.22 18.70
CA THR A 14 -30.31 -0.76 18.37
C THR A 14 -30.22 0.28 17.27
N PRO A 15 -30.93 0.12 16.16
CA PRO A 15 -30.70 1.00 15.00
C PRO A 15 -30.88 2.48 15.34
N ARG A 16 -30.30 3.32 14.50
CA ARG A 16 -30.30 4.76 14.72
C ARG A 16 -30.18 5.44 13.35
N ARG A 17 -30.75 6.63 13.24
CA ARG A 17 -30.59 7.42 12.01
C ARG A 17 -29.39 8.32 12.22
N PHE A 18 -28.25 7.91 11.68
CA PHE A 18 -27.03 8.67 11.80
C PHE A 18 -27.06 9.88 10.87
N ARG A 19 -26.28 10.92 11.21
CA ARG A 19 -26.26 12.10 10.36
C ARG A 19 -25.83 11.77 8.94
N SER A 20 -25.05 10.69 8.76
CA SER A 20 -24.73 10.23 7.41
C SER A 20 -25.99 10.08 6.59
N ARG A 21 -27.06 9.52 7.19
CA ARG A 21 -28.31 9.31 6.46
C ARG A 21 -28.87 10.59 5.88
N ASP A 22 -28.49 11.76 6.40
CA ASP A 22 -29.00 12.98 5.76
C ASP A 22 -28.36 13.23 4.39
N TRP A 23 -27.24 12.57 4.09
CA TRP A 23 -26.66 12.62 2.76
C TRP A 23 -27.19 11.49 1.89
N PHE A 24 -27.20 10.27 2.43
CA PHE A 24 -27.38 9.05 1.66
C PHE A 24 -28.81 8.54 1.64
N ASP A 25 -29.69 9.06 2.49
CA ASP A 25 -31.09 8.69 2.49
C ASP A 25 -31.94 9.89 2.91
N ASN A 26 -31.72 11.03 2.25
CA ASN A 26 -32.43 12.25 2.61
C ASN A 26 -33.89 12.16 2.19
N PRO A 27 -34.84 12.41 3.12
CA PRO A 27 -36.27 12.28 2.79
C PRO A 27 -36.74 13.27 1.73
N ASP A 28 -36.43 14.55 1.92
CA ASP A 28 -36.96 15.59 1.04
C ASP A 28 -36.34 15.53 -0.35
N HIS A 29 -35.02 15.64 -0.44
CA HIS A 29 -34.33 15.75 -1.71
C HIS A 29 -33.77 14.39 -2.11
N ILE A 30 -34.35 13.79 -3.14
CA ILE A 30 -33.78 12.59 -3.74
C ILE A 30 -32.76 12.97 -4.82
N ASP A 31 -32.87 14.15 -5.41
CA ASP A 31 -31.83 14.60 -6.32
C ASP A 31 -30.50 14.72 -5.60
N MET A 32 -30.51 15.29 -4.38
CA MET A 32 -29.26 15.50 -3.64
C MET A 32 -28.70 14.18 -3.12
N THR A 33 -29.58 13.27 -2.68
CA THR A 33 -29.11 11.95 -2.29
C THR A 33 -28.28 11.33 -3.41
N ALA A 34 -28.88 11.13 -4.58
CA ALA A 34 -28.13 10.58 -5.72
C ALA A 34 -26.83 11.36 -5.98
N LEU A 35 -26.88 12.69 -5.86
CA LEU A 35 -25.66 13.49 -6.00
C LEU A 35 -24.60 13.10 -4.97
N TYR A 36 -25.02 12.62 -3.80
CA TYR A 36 -24.11 12.31 -2.71
C TYR A 36 -23.57 10.88 -2.76
N LEU A 37 -24.40 9.88 -3.11
CA LEU A 37 -23.89 8.51 -3.25
C LEU A 37 -22.94 8.36 -4.41
N GLU A 38 -23.10 9.17 -5.44
CA GLU A 38 -22.59 8.80 -6.75
C GLU A 38 -21.06 8.63 -6.74
N ARG A 39 -20.33 9.64 -6.27
CA ARG A 39 -18.88 9.60 -6.40
C ARG A 39 -18.22 8.74 -5.33
N PHE A 40 -18.80 8.66 -4.13
CA PHE A 40 -18.28 7.76 -3.10
C PHE A 40 -18.21 6.31 -3.56
N MET A 41 -18.73 5.98 -4.73
CA MET A 41 -18.68 4.61 -5.22
C MET A 41 -17.65 4.46 -6.34
N ASN A 42 -16.80 5.45 -6.56
CA ASN A 42 -15.98 5.46 -7.76
C ASN A 42 -14.69 4.67 -7.60
N TYR A 43 -14.41 4.15 -6.40
CA TYR A 43 -13.33 3.19 -6.22
C TYR A 43 -13.83 1.87 -5.66
N GLY A 44 -15.12 1.57 -5.79
CA GLY A 44 -15.63 0.24 -5.57
C GLY A 44 -16.54 0.01 -4.38
N ILE A 45 -16.91 1.05 -3.64
CA ILE A 45 -17.87 0.88 -2.56
C ILE A 45 -19.25 0.61 -3.15
N THR A 46 -19.89 -0.48 -2.69
CA THR A 46 -21.20 -0.84 -3.23
C THR A 46 -22.29 0.05 -2.65
N PRO A 47 -23.39 0.21 -3.38
CA PRO A 47 -24.52 0.98 -2.83
C PRO A 47 -25.05 0.40 -1.54
N GLU A 48 -25.05 -0.94 -1.41
CA GLU A 48 -25.55 -1.56 -0.19
C GLU A 48 -24.73 -1.14 1.03
N GLU A 49 -23.46 -0.80 0.83
CA GLU A 49 -22.66 -0.31 1.95
C GLU A 49 -23.15 1.05 2.41
N LEU A 50 -23.28 1.99 1.48
CA LEU A 50 -23.61 3.36 1.85
C LEU A 50 -25.09 3.57 2.18
N ARG A 51 -25.94 2.57 1.93
CA ARG A 51 -27.38 2.74 2.08
C ARG A 51 -28.00 1.77 3.08
N SER A 52 -27.19 1.01 3.80
CA SER A 52 -27.71 0.04 4.76
C SER A 52 -27.85 0.60 6.16
N GLY A 53 -27.54 1.88 6.36
CA GLY A 53 -27.68 2.46 7.68
C GLY A 53 -26.58 2.15 8.66
N LYS A 54 -25.48 1.54 8.21
CA LYS A 54 -24.31 1.45 9.08
C LYS A 54 -23.70 2.84 9.26
N PRO A 55 -22.99 3.08 10.36
CA PRO A 55 -22.38 4.41 10.54
C PRO A 55 -21.08 4.56 9.76
N ILE A 56 -20.92 5.73 9.15
CA ILE A 56 -19.68 6.10 8.49
C ILE A 56 -18.69 6.49 9.57
N ILE A 57 -17.63 5.70 9.74
CA ILE A 57 -16.59 5.97 10.71
C ILE A 57 -15.43 6.69 10.03
N GLY A 58 -15.23 7.96 10.33
CA GLY A 58 -14.03 8.63 9.87
C GLY A 58 -12.81 8.12 10.61
N ILE A 59 -11.68 8.14 9.92
CA ILE A 59 -10.37 7.89 10.52
C ILE A 59 -9.50 9.09 10.14
N ALA A 60 -9.14 9.90 11.13
CA ALA A 60 -8.36 11.10 10.85
C ALA A 60 -6.88 10.71 10.83
N GLN A 61 -6.35 10.52 9.63
CA GLN A 61 -4.98 10.05 9.41
C GLN A 61 -3.99 11.18 9.64
N THR A 62 -3.01 10.94 10.49
CA THR A 62 -1.98 11.93 10.73
C THR A 62 -0.60 11.53 10.24
N GLY A 63 -0.41 10.25 9.88
CA GLY A 63 0.88 9.79 9.42
C GLY A 63 1.12 10.19 7.97
N SER A 64 2.38 10.50 7.68
CA SER A 64 2.85 10.72 6.31
C SER A 64 4.37 10.77 6.33
N ASP A 65 4.96 10.80 5.12
CA ASP A 65 6.40 10.96 4.99
C ASP A 65 6.91 12.19 5.71
N ILE A 66 6.12 13.27 5.75
CA ILE A 66 6.50 14.51 6.44
C ILE A 66 6.32 14.42 7.94
N SER A 67 5.62 13.40 8.44
CA SER A 67 5.30 13.25 9.86
C SER A 67 5.78 11.89 10.33
N PRO A 68 7.09 11.71 10.48
CA PRO A 68 7.61 10.39 10.85
C PRO A 68 7.12 9.86 12.19
N CYS A 69 6.82 10.72 13.17
CA CYS A 69 6.34 10.26 14.46
C CYS A 69 4.96 9.61 14.37
N ASN A 70 4.16 9.98 13.37
CA ASN A 70 2.81 9.50 13.19
C ASN A 70 2.69 8.51 12.02
N ARG A 71 3.77 8.30 11.27
CA ARG A 71 3.67 7.55 10.03
C ARG A 71 3.31 6.07 10.25
N ILE A 72 3.54 5.55 11.47
CA ILE A 72 3.11 4.19 11.78
C ILE A 72 1.61 4.00 11.56
N HIS A 73 0.85 5.09 11.60
CA HIS A 73 -0.57 4.99 11.31
C HIS A 73 -0.84 4.68 9.85
N LEU A 74 0.15 4.72 8.97
CA LEU A 74 -0.09 4.28 7.60
C LEU A 74 -0.25 2.77 7.53
N ASP A 75 0.49 2.03 8.37
CA ASP A 75 0.27 0.58 8.46
C ASP A 75 -0.83 0.22 9.45
N LEU A 76 -1.02 0.99 10.54
CA LEU A 76 -2.05 0.62 11.51
C LEU A 76 -3.45 0.94 11.01
N VAL A 77 -3.59 1.88 10.08
CA VAL A 77 -4.92 2.26 9.62
C VAL A 77 -5.68 1.03 9.11
N GLN A 78 -4.97 0.06 8.53
CA GLN A 78 -5.61 -1.16 8.05
C GLN A 78 -6.24 -1.96 9.18
N ARG A 79 -5.57 -2.02 10.34
CA ARG A 79 -6.14 -2.69 11.50
C ARG A 79 -7.40 -1.97 11.98
N VAL A 80 -7.37 -0.64 11.95
CA VAL A 80 -8.56 0.12 12.35
C VAL A 80 -9.71 -0.19 11.41
N ARG A 81 -9.45 -0.21 10.10
CA ARG A 81 -10.48 -0.55 9.12
C ARG A 81 -11.06 -1.92 9.41
N ASP A 82 -10.21 -2.88 9.77
CA ASP A 82 -10.70 -4.22 10.03
C ASP A 82 -11.57 -4.23 11.27
N GLY A 83 -11.20 -3.47 12.30
CA GLY A 83 -12.02 -3.40 13.49
C GLY A 83 -13.40 -2.85 13.19
N ILE A 84 -13.44 -1.69 12.52
CA ILE A 84 -14.70 -1.06 12.13
C ILE A 84 -15.59 -2.02 11.35
N ARG A 85 -15.00 -2.78 10.41
CA ARG A 85 -15.84 -3.61 9.55
C ARG A 85 -16.35 -4.86 10.26
N ASP A 86 -15.52 -5.48 11.10
CA ASP A 86 -16.01 -6.63 11.87
C ASP A 86 -17.18 -6.22 12.73
N ALA A 87 -17.12 -5.01 13.25
CA ALA A 87 -18.07 -4.54 14.24
C ALA A 87 -19.28 -3.87 13.61
N GLY A 88 -19.26 -3.64 12.29
CA GLY A 88 -20.43 -3.21 11.56
C GLY A 88 -20.51 -1.78 11.10
N GLY A 89 -19.38 -1.07 11.02
CA GLY A 89 -19.34 0.25 10.43
C GLY A 89 -18.66 0.24 9.06
N ILE A 90 -18.62 1.42 8.47
CA ILE A 90 -18.00 1.65 7.17
C ILE A 90 -16.87 2.66 7.40
N PRO A 91 -15.61 2.30 7.18
CA PRO A 91 -14.53 3.25 7.44
C PRO A 91 -14.33 4.22 6.29
N MET A 92 -13.84 5.41 6.63
CA MET A 92 -13.50 6.48 5.69
C MET A 92 -12.24 7.14 6.24
N GLU A 93 -11.10 6.85 5.64
CA GLU A 93 -9.86 7.46 6.07
C GLU A 93 -9.69 8.79 5.35
N PHE A 94 -9.17 9.78 6.06
CA PHE A 94 -8.98 11.09 5.47
C PHE A 94 -7.89 11.79 6.25
N PRO A 95 -7.26 12.80 5.67
CA PRO A 95 -6.11 13.41 6.32
C PRO A 95 -6.44 14.71 7.03
N VAL A 96 -5.46 15.21 7.80
CA VAL A 96 -5.53 16.52 8.43
C VAL A 96 -4.25 17.27 8.09
N HIS A 97 -4.21 18.53 8.49
CA HIS A 97 -2.99 19.31 8.35
C HIS A 97 -1.84 18.57 9.03
N PRO A 98 -0.70 18.39 8.36
CA PRO A 98 0.40 17.64 8.97
C PRO A 98 1.14 18.46 10.00
N ILE A 99 1.69 17.76 10.99
CA ILE A 99 2.43 18.39 12.08
C ILE A 99 3.61 17.50 12.46
N PHE A 100 4.82 18.04 12.31
CA PHE A 100 6.06 17.36 12.66
C PHE A 100 6.85 18.36 13.50
N GLU A 101 6.86 18.14 14.81
CA GLU A 101 7.41 19.14 15.73
C GLU A 101 8.89 19.41 15.48
N ASN A 102 9.66 18.37 15.14
CA ASN A 102 11.12 18.53 15.08
C ASN A 102 11.53 19.52 13.99
N CYS A 103 10.89 19.50 12.83
CA CYS A 103 11.34 20.30 11.71
C CYS A 103 10.45 21.50 11.38
N ARG A 104 9.30 21.65 12.01
CA ARG A 104 8.40 22.73 11.66
C ARG A 104 8.93 24.06 12.19
N ARG A 105 9.03 25.05 11.31
CA ARG A 105 9.63 26.34 11.63
C ARG A 105 8.71 27.48 11.20
N PRO A 106 8.54 28.51 12.03
CA PRO A 106 9.24 28.83 13.29
C PRO A 106 8.98 27.85 14.45
N THR A 107 7.78 27.27 14.56
CA THR A 107 7.50 26.27 15.58
C THR A 107 6.22 25.54 15.19
N ALA A 108 6.11 24.29 15.65
CA ALA A 108 4.90 23.51 15.39
C ALA A 108 3.72 23.94 16.25
N ALA A 109 3.94 24.79 17.27
CA ALA A 109 2.81 25.31 18.03
C ALA A 109 1.85 26.08 17.15
N LEU A 110 2.34 26.61 16.02
CA LEU A 110 1.49 27.34 15.11
C LEU A 110 0.41 26.45 14.50
N ASP A 111 0.65 25.14 14.44
CA ASP A 111 -0.14 24.27 13.61
C ASP A 111 -1.31 23.62 14.34
N ARG A 112 -1.24 23.54 15.68
CA ARG A 112 -2.29 22.84 16.40
C ARG A 112 -3.65 23.48 16.13
N ASN A 113 -3.71 24.81 16.15
CA ASN A 113 -4.99 25.47 15.93
C ASN A 113 -5.41 25.39 14.47
N LEU A 114 -4.44 25.50 13.54
CA LEU A 114 -4.73 25.37 12.12
C LEU A 114 -5.25 23.98 11.79
N SER A 115 -4.64 22.94 12.35
CA SER A 115 -5.15 21.60 12.14
C SER A 115 -6.54 21.46 12.78
N TYR A 116 -6.73 22.06 13.95
CA TYR A 116 -8.03 22.06 14.61
C TYR A 116 -9.13 22.56 13.68
N LEU A 117 -8.93 23.74 13.08
CA LEU A 117 -9.93 24.33 12.19
C LEU A 117 -10.34 23.36 11.11
N GLY A 118 -9.34 22.80 10.42
CA GLY A 118 -9.63 21.92 9.30
C GLY A 118 -10.29 20.63 9.70
N LEU A 119 -9.99 20.12 10.90
CA LEU A 119 -10.65 18.88 11.28
C LEU A 119 -12.14 19.11 11.55
N VAL A 120 -12.51 20.22 12.20
CA VAL A 120 -13.93 20.47 12.47
C VAL A 120 -14.69 20.66 11.16
N GLU A 121 -14.12 21.40 10.20
CA GLU A 121 -14.76 21.54 8.89
C GLU A 121 -15.08 20.17 8.30
N THR A 122 -14.09 19.27 8.29
CA THR A 122 -14.28 17.92 7.75
C THR A 122 -15.29 17.13 8.56
N LEU A 123 -15.11 17.05 9.88
CA LEU A 123 -16.02 16.24 10.70
C LEU A 123 -17.45 16.71 10.60
N HIS A 124 -17.66 18.02 10.53
CA HIS A 124 -19.00 18.56 10.47
C HIS A 124 -19.55 18.64 9.06
N GLY A 125 -18.69 18.80 8.05
CA GLY A 125 -19.08 19.03 6.67
C GLY A 125 -19.32 17.81 5.79
N TYR A 126 -19.01 16.61 6.26
CA TYR A 126 -19.14 15.39 5.47
C TYR A 126 -20.00 14.40 6.21
N PRO A 127 -20.53 13.37 5.53
CA PRO A 127 -21.43 12.44 6.23
C PRO A 127 -20.69 11.51 7.17
N ILE A 128 -20.12 12.08 8.23
CA ILE A 128 -19.29 11.36 9.18
C ILE A 128 -20.06 11.24 10.49
N ASP A 129 -20.11 10.02 11.03
CA ASP A 129 -20.86 9.74 12.26
C ASP A 129 -19.97 9.72 13.48
N ALA A 130 -19.01 8.81 13.52
CA ALA A 130 -18.02 8.74 14.58
C ALA A 130 -16.63 8.92 13.96
N VAL A 131 -15.62 9.07 14.81
CA VAL A 131 -14.26 9.31 14.35
C VAL A 131 -13.26 8.51 15.19
N VAL A 132 -12.18 8.12 14.54
CA VAL A 132 -11.02 7.54 15.20
C VAL A 132 -9.87 8.52 14.97
N LEU A 133 -9.42 9.15 16.05
CA LEU A 133 -8.36 10.14 15.99
C LEU A 133 -7.01 9.43 16.15
N THR A 134 -6.18 9.48 15.11
CA THR A 134 -4.84 8.90 15.18
C THR A 134 -3.90 9.98 15.67
N THR A 135 -3.04 9.63 16.62
CA THR A 135 -2.25 10.63 17.33
C THR A 135 -0.86 10.08 17.62
N GLY A 136 0.10 10.99 17.74
CA GLY A 136 1.46 10.68 18.10
C GLY A 136 2.29 11.91 18.40
N CYS A 137 2.83 12.56 17.36
CA CYS A 137 3.66 13.74 17.54
C CYS A 137 2.95 14.75 18.42
N ASP A 138 3.74 15.53 19.16
CA ASP A 138 3.27 16.35 20.29
C ASP A 138 1.87 16.96 20.15
N THR A 140 -0.68 16.66 17.92
CA THR A 140 -1.76 16.08 17.13
C THR A 140 -2.83 15.54 18.07
N THR A 141 -2.42 15.11 19.26
CA THR A 141 -3.41 14.66 20.24
C THR A 141 -4.35 15.79 20.66
N PRO A 142 -3.87 16.94 21.17
CA PRO A 142 -4.82 18.03 21.48
C PRO A 142 -5.56 18.54 20.26
N ALA A 143 -4.86 18.80 19.16
CA ALA A 143 -5.52 19.24 17.94
C ALA A 143 -6.67 18.30 17.57
N GLY A 144 -6.46 16.99 17.70
CA GLY A 144 -7.53 16.06 17.36
C GLY A 144 -8.68 16.14 18.35
N ILE A 145 -8.39 16.03 19.64
CA ILE A 145 -9.43 16.04 20.66
C ILE A 145 -10.19 17.36 20.65
N MET A 146 -9.47 18.49 20.57
CA MET A 146 -10.13 19.79 20.45
C MET A 146 -11.16 19.79 19.33
N ALA A 147 -10.78 19.32 18.15
CA ALA A 147 -11.69 19.36 17.01
C ALA A 147 -12.88 18.42 17.19
N ALA A 148 -12.63 17.22 17.71
CA ALA A 148 -13.73 16.28 17.89
C ALA A 148 -14.76 16.81 18.89
N THR A 149 -14.33 17.55 19.92
CA THR A 149 -15.32 17.98 20.91
C THR A 149 -16.16 19.16 20.39
N THR A 150 -15.52 20.13 19.72
CA THR A 150 -16.27 21.22 19.10
C THR A 150 -17.41 20.68 18.26
N VAL A 151 -17.14 19.65 17.47
CA VAL A 151 -18.20 19.07 16.67
C VAL A 151 -19.04 18.12 17.51
N ASN A 152 -18.39 17.37 18.40
CA ASN A 152 -19.06 16.50 19.36
C ASN A 152 -19.85 15.40 18.66
N ILE A 153 -19.12 14.57 17.93
CA ILE A 153 -19.63 13.26 17.50
C ILE A 153 -18.79 12.22 18.23
N PRO A 154 -19.29 10.99 18.43
CA PRO A 154 -18.50 10.01 19.19
C PRO A 154 -17.10 9.83 18.61
N ALA A 155 -16.10 9.91 19.48
CA ALA A 155 -14.69 9.94 19.11
C ALA A 155 -13.91 8.95 19.97
N ILE A 156 -12.71 8.61 19.51
CA ILE A 156 -11.81 7.75 20.28
C ILE A 156 -10.40 7.97 19.75
N VAL A 157 -9.43 8.04 20.67
CA VAL A 157 -8.06 8.29 20.28
C VAL A 157 -7.35 6.96 20.09
N LEU A 158 -6.56 6.88 19.02
CA LEU A 158 -5.62 5.78 18.82
C LEU A 158 -4.23 6.36 18.77
N SER A 159 -3.38 5.94 19.71
CA SER A 159 -2.03 6.44 19.80
C SER A 159 -1.12 5.64 18.87
N GLY A 160 -0.13 6.32 18.29
CA GLY A 160 0.91 5.62 17.55
C GLY A 160 1.84 4.84 18.47
N GLY A 161 2.28 5.48 19.56
CA GLY A 161 3.24 4.89 20.47
C GLY A 161 4.63 5.44 20.26
N PRO A 162 5.51 5.25 21.24
CA PRO A 162 6.89 5.73 21.09
C PRO A 162 7.76 4.76 20.29
N MET A 163 8.93 5.25 19.91
CA MET A 163 9.94 4.41 19.26
C MET A 163 10.52 3.41 20.25
N LEU A 164 11.29 2.47 19.73
CA LEU A 164 12.00 1.53 20.58
C LEU A 164 13.13 2.24 21.34
N ASP A 165 13.70 1.55 22.32
CA ASP A 165 14.82 2.12 23.06
C ASP A 165 15.98 2.39 22.12
N GLY A 166 16.68 3.50 22.33
CA GLY A 166 17.88 3.82 21.56
C GLY A 166 19.10 3.57 22.44
N TRP A 167 20.17 3.09 21.79
CA TRP A 167 21.40 2.75 22.49
C TRP A 167 22.61 3.33 21.77
N HIS A 168 23.57 3.80 22.54
CA HIS A 168 24.84 4.30 21.99
C HIS A 168 25.92 3.88 22.97
N GLU A 169 26.80 2.99 22.52
CA GLU A 169 27.87 2.44 23.34
C GLU A 169 27.32 1.93 24.68
N ASN A 170 26.38 0.97 24.56
CA ASN A 170 25.80 0.26 25.70
C ASN A 170 25.01 1.17 26.63
N GLU A 171 24.61 2.36 26.16
CA GLU A 171 23.92 3.33 27.00
C GLU A 171 22.59 3.74 26.38
N LEU A 172 21.56 3.83 27.22
CA LEU A 172 20.27 4.38 26.80
C LEU A 172 20.44 5.81 26.31
N VAL A 173 19.57 6.19 25.39
CA VAL A 173 19.71 7.42 24.64
C VAL A 173 18.31 7.81 24.19
N GLY A 174 17.72 8.79 24.86
CA GLY A 174 16.35 9.16 24.64
C GLY A 174 16.23 10.27 23.62
N SER A 175 15.19 10.17 22.79
CA SER A 175 14.86 11.24 21.86
C SER A 175 14.76 12.56 22.60
N GLY A 176 15.25 13.63 21.97
CA GLY A 176 15.19 14.96 22.55
C GLY A 176 16.24 15.16 23.62
N THR A 177 16.16 14.37 24.70
CA THR A 177 17.08 14.59 25.79
C THR A 177 18.52 14.37 25.35
N VAL A 178 18.73 13.53 24.34
CA VAL A 178 20.09 13.35 23.83
C VAL A 178 20.59 14.65 23.21
N ILE A 179 19.70 15.46 22.64
CA ILE A 179 20.13 16.74 22.07
C ILE A 179 20.60 17.69 23.17
N TRP A 180 19.83 17.83 24.25
CA TRP A 180 20.19 18.77 25.31
C TRP A 180 21.43 18.31 26.06
N ARG A 181 21.58 17.00 26.31
CA ARG A 181 22.82 16.52 26.93
C ARG A 181 24.01 16.65 26.00
N SER A 182 23.78 16.54 24.69
CA SER A 182 24.91 16.63 23.78
C SER A 182 25.31 18.07 23.51
N ARG A 183 24.38 19.01 23.67
CA ARG A 183 24.74 20.43 23.60
C ARG A 183 25.74 20.78 24.70
N ARG A 184 25.65 20.12 25.85
CA ARG A 184 26.54 20.42 26.97
C ARG A 184 27.92 19.79 26.77
N LYS A 185 27.97 18.57 26.26
CA LYS A 185 29.24 17.91 26.08
C LYS A 185 30.02 18.47 24.89
N LEU A 186 29.32 18.96 23.87
CA LEU A 186 30.00 19.61 22.76
C LEU A 186 30.60 20.94 23.19
N ALA A 187 29.92 21.67 24.07
CA ALA A 187 30.49 22.90 24.61
C ALA A 187 31.67 22.60 25.52
N ALA A 188 31.51 21.64 26.42
CA ALA A 188 32.58 21.18 27.32
C ALA A 188 33.70 20.45 26.60
N GLY A 189 33.65 20.40 25.26
CA GLY A 189 34.71 19.80 24.46
C GLY A 189 34.91 18.33 24.71
N GLU A 190 33.85 17.60 25.06
CA GLU A 190 33.94 16.16 25.31
C GLU A 190 33.38 15.30 24.17
N ILE A 191 32.64 15.87 23.21
CA ILE A 191 32.23 15.18 22.00
C ILE A 191 32.44 16.11 20.80
N THR A 192 32.55 15.51 19.61
CA THR A 192 32.76 16.26 18.40
C THR A 192 31.42 16.46 17.67
N GLU A 193 31.49 17.06 16.49
CA GLU A 193 30.28 17.40 15.76
C GLU A 193 29.66 16.21 15.03
N GLU A 194 30.43 15.13 14.81
CA GLU A 194 29.81 13.94 14.23
C GLU A 194 29.28 12.99 15.29
N GLU A 195 29.93 12.87 16.46
CA GLU A 195 29.30 12.12 17.55
C GLU A 195 27.95 12.71 17.92
N PHE A 196 27.83 14.04 17.86
CA PHE A 196 26.56 14.71 18.14
C PHE A 196 25.48 14.26 17.16
N ILE A 197 25.79 14.24 15.87
CA ILE A 197 24.79 13.81 14.89
C ILE A 197 24.48 12.32 15.08
N ASP A 198 25.48 11.53 15.47
CA ASP A 198 25.33 10.08 15.49
C ASP A 198 24.64 9.58 16.75
N ARG A 199 24.90 10.22 17.90
CA ARG A 199 24.09 9.97 19.08
C ARG A 199 22.64 10.34 18.84
N ALA A 200 22.40 11.46 18.15
CA ALA A 200 21.03 11.85 17.83
C ALA A 200 20.36 10.77 16.99
N ALA A 201 21.07 10.26 15.98
CA ALA A 201 20.53 9.23 15.11
C ALA A 201 20.24 7.95 15.90
N SER A 202 21.13 7.59 16.83
CA SER A 202 20.87 6.42 17.66
C SER A 202 19.64 6.59 18.54
N SER A 203 19.18 7.82 18.75
CA SER A 203 18.02 8.03 19.62
C SER A 203 16.72 7.64 18.95
N ALA A 204 16.71 7.44 17.63
CA ALA A 204 15.51 7.17 16.85
C ALA A 204 15.70 5.87 16.09
N PRO A 205 15.56 4.73 16.77
CA PRO A 205 15.85 3.44 16.13
C PRO A 205 14.71 2.81 15.33
N SER A 206 13.53 3.43 15.26
CA SER A 206 12.37 2.77 14.65
C SER A 206 11.26 3.78 14.43
N ALA A 207 10.12 3.30 13.95
CA ALA A 207 8.94 4.13 13.84
C ALA A 207 8.35 4.43 15.23
N GLY A 208 7.61 5.54 15.33
CA GLY A 208 7.01 5.98 16.56
C GLY A 208 7.43 7.39 16.93
N HIS A 209 6.92 7.85 18.08
CA HIS A 209 7.20 9.21 18.53
C HIS A 209 8.35 9.19 19.54
N CYS A 210 8.67 10.37 20.08
CA CYS A 210 9.79 10.48 21.02
C CYS A 210 9.63 9.46 22.15
N ASN A 211 10.71 8.76 22.49
CA ASN A 211 10.63 7.61 23.38
C ASN A 211 10.90 7.95 24.84
N THR A 212 11.12 9.23 25.14
CA THR A 212 11.17 9.76 26.49
C THR A 212 9.76 10.23 26.92
N MET A 213 9.61 10.55 28.20
CA MET A 213 8.33 11.09 28.69
C MET A 213 8.21 12.57 28.33
N GLY A 214 8.23 12.85 27.04
CA GLY A 214 8.07 14.19 26.52
C GLY A 214 6.61 14.50 26.27
N THR A 215 6.37 15.48 25.39
CA THR A 215 5.00 15.93 25.17
C THR A 215 4.15 14.84 24.56
N ALA A 216 4.72 14.06 23.62
CA ALA A 216 3.97 13.04 22.92
C ALA A 216 3.56 11.91 23.86
N SER A 217 4.51 11.38 24.62
CA SER A 217 4.12 10.35 25.58
C SER A 217 3.18 10.93 26.65
N THR A 218 3.40 12.18 27.05
CA THR A 218 2.51 12.80 28.04
C THR A 218 1.10 12.96 27.50
N MET A 219 0.96 13.62 26.34
CA MET A 219 -0.38 13.83 25.80
C MET A 219 -1.08 12.52 25.46
N ASN A 220 -0.33 11.47 25.16
CA ASN A 220 -1.02 10.22 24.88
C ASN A 220 -1.45 9.53 26.17
N ALA A 221 -0.62 9.60 27.22
CA ALA A 221 -1.07 9.17 28.53
C ALA A 221 -2.27 9.99 29.01
N VAL A 222 -2.28 11.29 28.70
CA VAL A 222 -3.39 12.16 29.10
C VAL A 222 -4.70 11.65 28.50
N ALA A 223 -4.71 11.41 27.18
CA ALA A 223 -5.94 10.96 26.56
C ALA A 223 -6.43 9.66 27.18
N GLU A 224 -5.51 8.84 27.69
CA GLU A 224 -5.96 7.64 28.39
C GLU A 224 -6.58 8.02 29.73
N ALA A 225 -5.89 8.87 30.50
CA ALA A 225 -6.42 9.35 31.77
C ALA A 225 -7.76 10.06 31.57
N LEU A 226 -7.89 10.83 30.49
CA LEU A 226 -9.13 11.50 30.15
C LEU A 226 -10.24 10.52 29.80
N GLY A 227 -9.93 9.24 29.64
CA GLY A 227 -10.93 8.24 29.27
C GLY A 227 -11.33 8.26 27.81
N LEU A 228 -10.44 8.74 26.94
CA LEU A 228 -10.71 8.90 25.51
C LEU A 228 -10.07 7.81 24.65
N SER A 229 -9.28 6.92 25.22
CA SER A 229 -8.72 5.80 24.48
C SER A 229 -8.83 4.56 25.34
N LEU A 230 -8.66 3.39 24.71
CA LEU A 230 -8.81 2.13 25.43
C LEU A 230 -7.68 1.97 26.45
N THR A 231 -7.94 1.15 27.45
CA THR A 231 -6.96 0.98 28.52
C THR A 231 -5.69 0.36 27.95
N GLY A 232 -4.55 0.97 28.28
CA GLY A 232 -3.27 0.49 27.84
C GLY A 232 -2.82 1.05 26.51
N CYS A 233 -3.63 1.89 25.87
CA CYS A 233 -3.34 2.36 24.52
C CYS A 233 -2.10 3.27 24.47
N ALA A 234 -1.94 4.15 25.45
CA ALA A 234 -0.96 5.23 25.30
C ALA A 234 0.45 4.71 25.10
N ALA A 235 0.86 3.72 25.89
CA ALA A 235 2.29 3.45 26.07
C ALA A 235 2.86 2.40 25.12
N ILE A 236 2.03 1.62 24.44
CA ILE A 236 2.57 0.56 23.56
C ILE A 236 3.52 1.18 22.55
N PRO A 237 4.76 0.69 22.43
CA PRO A 237 5.66 1.21 21.39
C PRO A 237 5.13 0.90 19.99
N ALA A 238 5.28 1.87 19.10
CA ALA A 238 4.74 1.74 17.74
C ALA A 238 5.03 0.41 17.01
N PRO A 239 6.22 -0.19 17.07
CA PRO A 239 6.43 -1.43 16.31
C PRO A 239 6.00 -2.72 17.00
N TYR A 240 5.50 -2.71 18.22
CA TYR A 240 4.98 -3.95 18.82
C TYR A 240 3.69 -4.37 18.13
N ARG A 241 3.45 -5.68 18.08
CA ARG A 241 2.20 -6.08 17.44
C ARG A 241 1.01 -5.72 18.33
N GLU A 242 1.24 -5.62 19.65
CA GLU A 242 0.24 -5.10 20.58
C GLU A 242 -0.41 -3.85 20.03
N ARG A 243 0.40 -2.98 19.40
CA ARG A 243 -0.14 -1.74 18.86
C ARG A 243 -1.14 -2.00 17.74
N GLY A 244 -0.85 -2.97 16.88
CA GLY A 244 -1.78 -3.27 15.80
C GLY A 244 -3.01 -3.99 16.31
N GLN A 245 -2.85 -4.83 17.32
CA GLN A 245 -4.02 -5.39 18.00
C GLN A 245 -4.86 -4.29 18.63
N MET A 246 -4.21 -3.34 19.31
CA MET A 246 -4.96 -2.25 19.90
C MET A 246 -5.66 -1.45 18.82
N ALA A 247 -5.03 -1.29 17.66
CA ALA A 247 -5.66 -0.53 16.59
C ALA A 247 -6.93 -1.22 16.12
N TYR A 248 -6.92 -2.56 16.06
CA TYR A 248 -8.12 -3.31 15.73
C TYR A 248 -9.22 -3.09 16.76
N LYS A 249 -8.91 -3.32 18.05
CA LYS A 249 -9.94 -3.18 19.07
C LYS A 249 -10.48 -1.76 19.14
N THR A 250 -9.66 -0.76 18.84
CA THR A 250 -10.17 0.61 18.77
C THR A 250 -11.17 0.75 17.62
N GLY A 251 -10.93 0.04 16.52
CA GLY A 251 -11.87 0.11 15.41
C GLY A 251 -13.20 -0.55 15.75
N GLN A 252 -13.15 -1.69 16.44
CA GLN A 252 -14.36 -2.30 16.99
C GLN A 252 -15.09 -1.34 17.92
N ARG A 253 -14.36 -0.72 18.84
CA ARG A 253 -15.02 0.06 19.88
C ARG A 253 -15.70 1.30 19.32
N ILE A 254 -15.19 1.87 18.23
CA ILE A 254 -15.71 3.17 17.81
C ILE A 254 -17.11 3.03 17.22
N VAL A 255 -17.45 1.85 16.67
CA VAL A 255 -18.81 1.72 16.18
C VAL A 255 -19.77 1.58 17.35
N ASP A 256 -19.36 0.85 18.40
CA ASP A 256 -20.12 0.82 19.66
C ASP A 256 -20.41 2.23 20.16
N LEU A 257 -19.38 3.07 20.25
CA LEU A 257 -19.57 4.45 20.67
C LEU A 257 -20.50 5.20 19.74
N ALA A 258 -20.57 4.80 18.47
CA ALA A 258 -21.48 5.47 17.57
C ALA A 258 -22.93 5.07 17.84
N TYR A 259 -23.16 3.80 18.17
CA TYR A 259 -24.52 3.35 18.41
C TYR A 259 -25.03 3.84 19.76
N ASP A 260 -24.24 3.67 20.82
CA ASP A 260 -24.61 4.15 22.14
C ASP A 260 -24.52 5.66 22.27
N ASP A 261 -24.01 6.36 21.25
CA ASP A 261 -24.07 7.82 21.18
C ASP A 261 -23.23 8.47 22.29
N VAL A 262 -22.06 7.90 22.59
CA VAL A 262 -21.16 8.43 23.62
C VAL A 262 -20.26 9.49 22.96
N LYS A 263 -20.60 10.76 23.14
CA LYS A 263 -19.90 11.92 22.60
C LYS A 263 -18.76 12.37 23.52
N PRO A 264 -17.81 13.17 23.00
CA PRO A 264 -16.79 13.75 23.88
C PRO A 264 -17.34 14.53 25.05
N LEU A 265 -18.34 15.40 24.82
CA LEU A 265 -18.90 16.21 25.89
C LEU A 265 -19.49 15.37 27.03
N ASP A 266 -19.71 14.07 26.80
CA ASP A 266 -20.12 13.19 27.89
C ASP A 266 -18.92 12.71 28.69
N ILE A 267 -17.74 12.68 28.08
CA ILE A 267 -16.56 12.12 28.73
C ILE A 267 -15.74 13.22 29.42
N LEU A 268 -15.60 14.36 28.75
CA LEU A 268 -14.67 15.41 29.17
C LEU A 268 -15.37 16.36 30.13
N THR A 269 -15.61 15.82 31.32
CA THR A 269 -16.03 16.59 32.47
C THR A 269 -14.81 17.18 33.17
N LYS A 270 -15.07 18.12 34.07
CA LYS A 270 -13.97 18.67 34.86
C LYS A 270 -13.28 17.58 35.66
N GLN A 271 -14.01 16.57 36.11
CA GLN A 271 -13.38 15.51 36.89
C GLN A 271 -12.37 14.75 36.04
N ALA A 272 -12.72 14.49 34.78
CA ALA A 272 -11.82 13.79 33.87
C ALA A 272 -10.53 14.59 33.66
N PHE A 273 -10.65 15.90 33.47
CA PHE A 273 -9.46 16.71 33.34
C PHE A 273 -8.62 16.70 34.61
N GLU A 274 -9.25 16.60 35.78
CA GLU A 274 -8.48 16.54 37.02
C GLU A 274 -7.72 15.22 37.12
N ASN A 275 -8.27 14.14 36.57
CA ASN A 275 -7.55 12.87 36.50
C ASN A 275 -6.30 13.00 35.64
N ALA A 276 -6.44 13.63 34.47
CA ALA A 276 -5.31 13.84 33.59
C ALA A 276 -4.21 14.64 34.30
N ILE A 277 -4.60 15.78 34.90
CA ILE A 277 -3.68 16.62 35.66
C ILE A 277 -2.90 15.77 36.66
N ALA A 278 -3.61 14.90 37.39
CA ALA A 278 -2.92 14.09 38.38
C ALA A 278 -1.93 13.16 37.71
N LEU A 279 -2.34 12.53 36.61
CA LEU A 279 -1.44 11.63 35.91
C LEU A 279 -0.21 12.36 35.40
N VAL A 280 -0.38 13.54 34.82
CA VAL A 280 0.77 14.28 34.30
C VAL A 280 1.84 14.42 35.37
N ALA A 281 1.43 14.71 36.61
CA ALA A 281 2.41 15.00 37.65
C ALA A 281 3.14 13.74 38.10
N ALA A 282 2.39 12.65 38.32
CA ALA A 282 2.97 11.40 38.78
C ALA A 282 3.92 10.79 37.74
N ALA A 283 3.71 11.10 36.47
CA ALA A 283 4.49 10.53 35.37
C ALA A 283 5.68 11.39 34.97
N GLY A 284 5.98 12.46 35.69
CA GLY A 284 7.04 13.33 35.22
C GLY A 284 6.76 13.94 33.86
N GLY A 285 5.48 14.18 33.56
CA GLY A 285 5.08 14.67 32.26
C GLY A 285 5.59 16.06 31.92
N SER A 286 5.32 16.44 30.67
CA SER A 286 5.87 17.64 30.08
C SER A 286 5.04 18.88 30.41
N THR A 287 5.75 19.99 30.63
CA THR A 287 5.10 21.27 30.84
C THR A 287 4.23 21.69 29.66
N ASN A 288 4.46 21.11 28.49
CA ASN A 288 3.57 21.44 27.38
C ASN A 288 2.18 20.86 27.58
N ALA A 289 2.04 19.88 28.48
CA ALA A 289 0.72 19.36 28.77
C ALA A 289 -0.20 20.45 29.28
N GLN A 290 0.36 21.48 29.97
CA GLN A 290 -0.49 22.47 30.62
C GLN A 290 -1.25 23.31 29.59
N PRO A 291 -0.60 24.02 28.66
CA PRO A 291 -1.41 24.72 27.64
C PRO A 291 -2.37 23.79 26.93
N HIS A 292 -2.01 22.52 26.71
CA HIS A 292 -2.86 21.61 25.95
C HIS A 292 -4.05 21.15 26.76
N ILE A 293 -3.84 20.82 28.04
CA ILE A 293 -4.98 20.36 28.83
C ILE A 293 -5.99 21.49 29.00
N VAL A 294 -5.51 22.73 29.15
CA VAL A 294 -6.44 23.85 29.27
C VAL A 294 -7.19 24.06 27.97
N ALA A 295 -6.45 24.13 26.86
CA ALA A 295 -7.06 24.24 25.53
C ALA A 295 -8.18 23.23 25.32
N MET A 296 -7.94 21.97 25.66
CA MET A 296 -8.97 20.96 25.46
C MET A 296 -10.15 21.19 26.41
N ALA A 297 -9.85 21.55 27.67
CA ALA A 297 -10.90 21.87 28.65
C ALA A 297 -11.80 22.97 28.14
N ARG A 298 -11.21 24.11 27.79
CA ARG A 298 -11.97 25.23 27.27
C ARG A 298 -12.87 24.81 26.12
N HIS A 299 -12.32 24.09 25.13
CA HIS A 299 -13.12 23.70 23.97
C HIS A 299 -14.25 22.74 24.34
N ALA A 300 -14.17 22.09 25.49
CA ALA A 300 -15.29 21.33 26.02
C ALA A 300 -16.06 22.10 27.10
N GLY A 301 -15.89 23.42 27.15
CA GLY A 301 -16.65 24.24 28.09
C GLY A 301 -16.37 23.94 29.55
N VAL A 302 -15.10 23.66 29.88
CA VAL A 302 -14.66 23.43 31.24
C VAL A 302 -13.54 24.42 31.51
N GLU A 303 -13.51 24.93 32.74
CA GLU A 303 -12.57 25.97 33.13
C GLU A 303 -11.52 25.35 34.04
N ILE A 304 -10.26 25.41 33.64
CA ILE A 304 -9.17 24.89 34.45
C ILE A 304 -8.28 26.06 34.83
N THR A 305 -8.14 26.26 36.14
CA THR A 305 -7.56 27.45 36.74
C THR A 305 -6.23 27.09 37.39
N ALA A 306 -5.45 28.13 37.70
CA ALA A 306 -4.17 27.92 38.34
C ALA A 306 -4.30 27.10 39.61
N ASP A 307 -5.47 27.11 40.25
CA ASP A 307 -5.62 26.30 41.45
C ASP A 307 -5.76 24.83 41.12
N ASP A 308 -6.28 24.50 39.94
CA ASP A 308 -6.32 23.10 39.54
C ASP A 308 -4.93 22.51 39.38
N TRP A 309 -3.92 23.33 39.06
CA TRP A 309 -2.55 22.82 38.99
C TRP A 309 -1.91 22.72 40.38
N ARG A 310 -2.11 23.73 41.24
CA ARG A 310 -1.60 23.65 42.61
C ARG A 310 -2.12 22.42 43.34
N ALA A 311 -3.34 21.99 43.03
CA ALA A 311 -3.89 20.78 43.60
C ALA A 311 -2.94 19.58 43.47
N ALA A 312 -2.27 19.47 42.32
CA ALA A 312 -1.48 18.31 41.96
C ALA A 312 0.01 18.46 42.26
N TYR A 313 0.45 19.60 42.78
CA TYR A 313 1.89 19.79 43.03
C TYR A 313 2.48 18.70 43.93
N ASP A 314 1.76 18.29 44.97
CA ASP A 314 2.29 17.35 45.94
C ASP A 314 2.07 15.88 45.54
N ILE A 315 1.93 15.63 44.25
CA ILE A 315 1.97 14.26 43.73
C ILE A 315 3.43 13.83 43.58
N PRO A 316 3.83 12.68 44.13
CA PRO A 316 5.21 12.22 43.91
C PRO A 316 5.40 11.70 42.50
N LEU A 317 6.67 11.70 42.06
CA LEU A 317 7.06 11.18 40.77
C LEU A 317 7.25 9.67 40.88
N ILE A 318 6.52 8.89 40.09
CA ILE A 318 6.57 7.44 40.23
C ILE A 318 7.05 6.70 38.99
N VAL A 319 7.17 7.33 37.82
CA VAL A 319 7.64 6.61 36.63
C VAL A 319 9.11 6.95 36.40
N ASN A 320 9.93 5.92 36.24
CA ASN A 320 11.38 6.05 36.21
C ASN A 320 11.87 6.19 34.76
N MET A 321 11.49 7.32 34.16
CA MET A 321 11.64 7.55 32.74
C MET A 321 12.30 8.90 32.48
N GLN A 322 13.30 8.90 31.58
CA GLN A 322 13.88 10.15 31.06
C GLN A 322 12.78 11.10 30.59
N PRO A 323 12.93 12.42 30.79
CA PRO A 323 14.07 13.15 31.36
C PRO A 323 14.14 13.14 32.89
N ALA A 324 13.02 12.91 33.58
CA ALA A 324 13.05 12.91 35.03
C ALA A 324 13.88 11.75 35.60
N GLY A 325 13.88 10.60 34.92
CA GLY A 325 14.47 9.39 35.45
C GLY A 325 15.37 8.71 34.44
N LYS A 326 15.29 7.38 34.42
CA LYS A 326 16.30 6.51 33.82
C LYS A 326 15.89 5.82 32.52
N TYR A 327 14.73 5.17 32.47
CA TYR A 327 14.39 4.30 31.34
C TYR A 327 13.61 5.05 30.26
N LEU A 328 13.11 4.30 29.27
CA LEU A 328 12.42 4.87 28.13
C LEU A 328 11.10 4.16 27.92
N GLY A 329 10.41 4.47 26.81
CA GLY A 329 9.03 4.03 26.62
C GLY A 329 8.83 2.52 26.68
N GLU A 330 9.81 1.75 26.23
CA GLU A 330 9.66 0.30 26.26
C GLU A 330 9.52 -0.22 27.68
N ARG A 331 10.42 0.18 28.58
CA ARG A 331 10.33 -0.29 29.96
C ARG A 331 9.04 0.21 30.62
N PHE A 332 8.64 1.45 30.31
CA PHE A 332 7.43 1.99 30.89
C PHE A 332 6.22 1.12 30.54
N HIS A 333 6.08 0.78 29.26
CA HIS A 333 4.90 0.03 28.83
C HIS A 333 4.94 -1.40 29.35
N ARG A 334 6.12 -2.02 29.41
CA ARG A 334 6.22 -3.36 29.96
C ARG A 334 5.90 -3.36 31.45
N ALA A 335 6.18 -2.27 32.16
CA ALA A 335 5.80 -2.11 33.56
C ALA A 335 4.30 -1.90 33.76
N GLY A 336 3.55 -1.57 32.71
CA GLY A 336 2.12 -1.44 32.81
C GLY A 336 1.62 -0.10 32.30
N GLY A 337 2.56 0.74 31.89
CA GLY A 337 2.27 2.04 31.29
C GLY A 337 1.30 2.87 32.08
N ALA A 338 0.49 3.64 31.37
CA ALA A 338 -0.41 4.59 32.03
C ALA A 338 -1.38 3.92 32.99
N PRO A 339 -2.05 2.81 32.66
CA PRO A 339 -2.97 2.22 33.65
C PRO A 339 -2.29 1.90 34.96
N ALA A 340 -1.03 1.47 34.93
CA ALA A 340 -0.33 1.18 36.18
C ALA A 340 -0.12 2.45 37.00
N VAL A 341 0.16 3.57 36.34
CA VAL A 341 0.34 4.82 37.05
C VAL A 341 -0.99 5.28 37.64
N LEU A 342 -2.05 5.21 36.82
CA LEU A 342 -3.39 5.59 37.30
C LEU A 342 -3.82 4.72 38.47
N TRP A 343 -3.44 3.44 38.47
CA TRP A 343 -3.81 2.56 39.57
C TRP A 343 -3.21 3.05 40.87
N GLU A 344 -1.90 3.30 40.86
CA GLU A 344 -1.20 3.90 41.99
C GLU A 344 -1.98 5.09 42.54
N LEU A 345 -2.36 6.02 41.65
CA LEU A 345 -3.10 7.20 42.10
C LEU A 345 -4.46 6.83 42.68
N LEU A 346 -5.22 6.00 41.95
CA LEU A 346 -6.55 5.61 42.40
C LEU A 346 -6.51 5.05 43.82
N GLN A 347 -5.45 4.30 44.16
CA GLN A 347 -5.34 3.71 45.49
C GLN A 347 -5.18 4.77 46.58
N GLN A 348 -4.66 5.96 46.27
CA GLN A 348 -4.51 7.02 47.24
C GLN A 348 -5.61 8.08 47.13
N GLY A 349 -6.73 7.75 46.49
CA GLY A 349 -7.84 8.66 46.42
C GLY A 349 -7.60 9.94 45.65
N ARG A 350 -6.52 10.02 44.86
CA ARG A 350 -6.27 11.17 44.01
C ARG A 350 -6.94 11.07 42.63
N LEU A 351 -7.79 10.08 42.40
CA LEU A 351 -8.50 9.94 41.13
C LEU A 351 -10.01 9.89 41.36
N HIS A 352 -10.76 10.57 40.50
CA HIS A 352 -12.20 10.34 40.42
C HIS A 352 -12.42 9.04 39.65
N GLY A 353 -12.58 7.94 40.38
CA GLY A 353 -12.69 6.63 39.78
C GLY A 353 -14.01 6.35 39.10
N ASP A 354 -15.02 7.21 39.27
CA ASP A 354 -16.36 6.92 38.78
C ASP A 354 -16.70 7.65 37.48
N VAL A 355 -15.72 8.18 36.78
CA VAL A 355 -15.98 8.84 35.50
C VAL A 355 -16.21 7.80 34.42
N LEU A 356 -16.99 8.16 33.41
CA LEU A 356 -17.21 7.28 32.27
C LEU A 356 -16.06 7.41 31.26
N THR A 357 -15.67 6.28 30.66
CA THR A 357 -14.59 6.21 29.67
C THR A 357 -15.09 5.55 28.38
N VAL A 358 -14.35 5.74 27.28
CA VAL A 358 -14.77 5.13 26.02
C VAL A 358 -14.77 3.61 26.08
N THR A 359 -14.19 3.00 27.11
CA THR A 359 -14.35 1.56 27.26
C THR A 359 -15.78 1.17 27.63
N GLY A 360 -16.62 2.13 28.03
CA GLY A 360 -17.95 1.81 28.50
C GLY A 360 -18.02 1.39 29.96
N LYS A 361 -16.90 1.33 30.63
CA LYS A 361 -16.78 1.12 32.06
C LYS A 361 -16.32 2.43 32.68
N THR A 362 -16.10 2.42 33.98
CA THR A 362 -15.61 3.60 34.67
C THR A 362 -14.10 3.49 34.86
N MET A 363 -13.46 4.65 35.03
CA MET A 363 -12.01 4.64 35.24
C MET A 363 -11.61 3.59 36.25
N SER A 364 -12.22 3.63 37.44
CA SER A 364 -11.91 2.63 38.47
C SER A 364 -12.09 1.21 37.94
N GLU A 365 -13.21 0.96 37.25
CA GLU A 365 -13.44 -0.38 36.71
C GLU A 365 -12.34 -0.77 35.74
N ASN A 366 -11.88 0.18 34.92
CA ASN A 366 -10.80 -0.09 33.97
C ASN A 366 -9.51 -0.47 34.69
N LEU A 367 -9.28 0.14 35.86
CA LEU A 367 -7.99 0.06 36.53
C LEU A 367 -7.82 -1.17 37.40
N GLN A 368 -8.86 -1.96 37.60
CA GLN A 368 -8.73 -3.15 38.43
C GLN A 368 -7.74 -4.11 37.80
N GLY A 369 -6.74 -4.51 38.58
CA GLY A 369 -5.72 -5.42 38.12
C GLY A 369 -4.48 -4.76 37.58
N ARG A 370 -4.48 -3.43 37.43
CA ARG A 370 -3.42 -2.72 36.74
C ARG A 370 -2.24 -2.36 37.63
N GLU A 371 -2.05 -3.02 38.77
CA GLU A 371 -0.83 -2.73 39.52
C GLU A 371 0.39 -3.10 38.68
N THR A 372 1.41 -2.26 38.75
CA THR A 372 2.59 -2.45 37.91
C THR A 372 3.25 -3.79 38.20
N SER A 373 4.10 -4.19 37.25
CA SER A 373 4.85 -5.43 37.33
C SER A 373 6.35 -5.18 37.43
N ASP A 374 6.80 -3.93 37.34
CA ASP A 374 8.23 -3.60 37.41
C ASP A 374 8.40 -2.44 38.38
N ARG A 375 8.70 -2.75 39.64
CA ARG A 375 8.88 -1.66 40.59
C ARG A 375 10.20 -0.91 40.39
N GLU A 376 11.04 -1.34 39.44
CA GLU A 376 12.22 -0.57 39.03
C GLU A 376 11.82 0.64 38.19
N VAL A 377 10.61 0.62 37.65
CA VAL A 377 10.19 1.54 36.60
C VAL A 377 9.03 2.40 37.07
N ILE A 378 8.03 1.78 37.69
CA ILE A 378 6.90 2.49 38.26
C ILE A 378 6.95 2.29 39.77
N PHE A 379 7.39 3.33 40.48
CA PHE A 379 7.59 3.24 41.92
C PHE A 379 6.28 3.26 42.68
N PRO A 380 6.26 2.68 43.89
CA PRO A 380 5.06 2.77 44.73
C PRO A 380 4.88 4.20 45.23
N TYR A 381 3.62 4.60 45.32
CA TYR A 381 3.29 5.97 45.72
C TYR A 381 4.00 6.39 47.00
N HIS A 382 4.05 5.50 48.00
CA HIS A 382 4.57 5.92 49.30
C HIS A 382 6.08 5.87 49.39
N GLU A 383 6.75 5.03 48.60
CA GLU A 383 8.21 5.05 48.47
C GLU A 383 8.55 5.43 47.03
N PRO A 384 8.34 6.70 46.66
CA PRO A 384 8.48 7.09 45.26
C PRO A 384 9.89 7.54 44.92
N LEU A 385 10.04 8.21 43.78
CA LEU A 385 11.34 8.63 43.29
C LEU A 385 11.73 10.00 43.79
N ALA A 386 10.74 10.86 43.98
CA ALA A 386 10.88 12.24 44.38
C ALA A 386 9.50 12.72 44.80
N GLU A 387 9.46 13.54 45.84
CA GLU A 387 8.19 14.10 46.25
C GLU A 387 7.96 15.44 45.54
N LYS A 388 6.75 15.98 45.72
CA LYS A 388 6.33 17.26 45.14
C LYS A 388 6.78 17.39 43.69
N ALA A 389 6.22 16.51 42.85
CA ALA A 389 6.66 16.40 41.46
C ALA A 389 5.77 17.15 40.49
N GLY A 390 4.61 17.61 40.93
CA GLY A 390 3.70 18.35 40.07
C GLY A 390 4.29 19.65 39.60
N PHE A 391 3.57 20.30 38.70
CA PHE A 391 3.97 21.62 38.27
C PHE A 391 3.79 22.58 39.43
N LEU A 392 4.63 23.60 39.46
CA LEU A 392 4.58 24.60 40.52
C LEU A 392 4.25 25.94 39.86
N VAL A 393 2.99 26.37 39.93
CA VAL A 393 2.67 27.68 39.38
C VAL A 393 3.33 28.77 40.21
N LEU A 394 3.89 29.75 39.52
CA LEU A 394 4.63 30.84 40.12
C LEU A 394 4.01 32.17 39.69
N LYS A 395 3.95 33.10 40.63
CA LYS A 395 3.29 34.37 40.46
C LYS A 395 4.25 35.48 40.85
N GLY A 396 4.06 36.65 40.27
CA GLY A 396 4.83 37.80 40.70
C GLY A 396 4.47 39.04 39.92
N ASN A 397 5.42 39.97 39.93
CA ASN A 397 5.35 41.17 39.13
C ASN A 397 5.83 40.95 37.70
N LEU A 398 6.41 39.78 37.41
CA LEU A 398 6.93 39.51 36.08
C LEU A 398 5.93 38.79 35.18
N PHE A 399 4.97 38.09 35.77
CA PHE A 399 3.94 37.36 35.05
C PHE A 399 2.90 36.92 36.08
N ASP A 400 1.65 36.86 35.63
CA ASP A 400 0.59 36.42 36.54
C ASP A 400 0.54 34.91 36.67
N PHE A 401 1.10 34.17 35.72
CA PHE A 401 1.09 32.71 35.75
C PHE A 401 2.33 32.19 35.02
N ALA A 402 2.90 31.13 35.57
CA ALA A 402 3.95 30.35 34.94
C ALA A 402 4.05 29.07 35.74
N ILE A 403 4.71 28.06 35.16
CA ILE A 403 4.89 26.79 35.86
C ILE A 403 6.37 26.40 35.80
N MET A 404 6.79 25.64 36.81
CA MET A 404 8.16 25.19 36.92
C MET A 404 8.19 23.66 36.90
N LYS A 405 9.17 23.09 36.19
CA LYS A 405 9.24 21.63 36.08
C LYS A 405 9.88 21.10 37.36
N SER A 406 9.02 20.75 38.32
CA SER A 406 9.53 20.27 39.60
C SER A 406 10.16 18.89 39.47
N SER A 407 9.64 18.06 38.56
CA SER A 407 10.09 16.66 38.46
C SER A 407 11.52 16.54 38.04
N VAL A 408 12.12 17.63 37.60
CA VAL A 408 13.40 17.63 36.91
C VAL A 408 14.50 18.37 37.67
N ILE A 409 14.19 18.87 38.87
CA ILE A 409 15.22 19.51 39.69
C ILE A 409 16.29 18.49 40.03
N GLY A 410 17.52 18.75 39.59
CA GLY A 410 18.61 17.87 39.92
C GLY A 410 19.09 18.08 41.35
N GLU A 411 19.77 17.07 41.89
CA GLU A 411 20.23 17.19 43.27
C GLU A 411 21.35 18.22 43.40
N GLU A 412 22.19 18.38 42.38
CA GLU A 412 23.20 19.43 42.41
C GLU A 412 22.54 20.82 42.35
N PHE A 413 21.52 20.96 41.51
CA PHE A 413 20.73 22.19 41.47
C PHE A 413 20.10 22.48 42.82
N ARG A 414 19.53 21.44 43.46
CA ARG A 414 18.92 21.61 44.77
C ARG A 414 19.92 22.16 45.77
N LYS A 415 21.07 21.49 45.93
CA LYS A 415 22.09 21.94 46.87
C LYS A 415 22.54 23.36 46.61
N ARG A 416 22.58 23.79 45.35
CA ARG A 416 23.15 25.10 45.04
C ARG A 416 22.18 26.24 45.37
N TYR A 417 20.90 26.08 45.09
CA TYR A 417 19.97 27.20 45.20
C TYR A 417 18.89 27.02 46.25
N LEU A 418 18.29 25.84 46.34
CA LEU A 418 17.15 25.64 47.22
C LEU A 418 17.56 25.10 48.59
N SER A 419 18.83 25.25 48.98
CA SER A 419 19.32 24.57 50.18
C SER A 419 19.97 25.51 51.20
N GLN A 420 19.68 26.82 51.17
CA GLN A 420 20.52 27.51 52.16
C GLN A 420 19.83 27.50 53.54
N PRO A 421 20.64 27.41 54.60
CA PRO A 421 20.12 26.98 55.92
C PRO A 421 18.87 27.68 56.43
N GLY A 422 18.84 29.02 56.44
CA GLY A 422 17.65 29.68 56.96
C GLY A 422 16.54 29.84 55.94
N GLN A 423 16.88 29.83 54.66
CA GLN A 423 15.98 30.20 53.56
C GLN A 423 16.04 29.09 52.49
N GLU A 424 15.25 28.02 52.66
CA GLU A 424 15.23 26.91 51.71
C GLU A 424 13.99 26.98 50.84
N GLY A 425 14.16 26.65 49.56
CA GLY A 425 13.13 26.92 48.58
C GLY A 425 13.12 28.35 48.10
N VAL A 426 14.05 29.17 48.58
CA VAL A 426 14.12 30.59 48.27
C VAL A 426 15.57 30.89 47.92
N PHE A 427 15.74 31.72 46.90
CA PHE A 427 17.06 32.12 46.44
C PHE A 427 16.85 33.35 45.59
N GLU A 428 17.91 34.12 45.44
CA GLU A 428 17.91 35.29 44.59
C GLU A 428 19.00 35.13 43.55
N ALA A 429 18.71 35.56 42.32
CA ALA A 429 19.67 35.45 41.23
C ALA A 429 19.64 36.71 40.38
N ARG A 430 20.68 36.85 39.55
CA ARG A 430 20.87 38.02 38.71
C ARG A 430 20.42 37.70 37.29
N ALA A 431 19.49 38.49 36.77
CA ALA A 431 18.89 38.18 35.47
C ALA A 431 19.89 38.43 34.34
N ILE A 432 19.98 37.47 33.42
CA ILE A 432 20.66 37.63 32.13
C ILE A 432 19.60 37.46 31.07
N VAL A 433 19.16 38.57 30.46
CA VAL A 433 17.98 38.61 29.61
C VAL A 433 18.40 38.53 28.14
N PHE A 434 17.67 37.71 27.36
CA PHE A 434 17.91 37.55 25.94
C PHE A 434 16.60 37.75 25.19
N ASP A 435 16.68 38.37 24.01
CA ASP A 435 15.50 38.66 23.22
C ASP A 435 15.44 37.63 22.09
N GLY A 436 14.91 36.46 22.42
CA GLY A 436 14.78 35.38 21.48
C GLY A 436 15.94 34.39 21.55
N SER A 437 15.82 33.36 20.72
CA SER A 437 16.82 32.29 20.71
C SER A 437 18.11 32.76 20.08
N ASP A 438 18.02 33.42 18.92
CA ASP A 438 19.22 33.87 18.24
C ASP A 438 20.06 34.75 19.16
N ASP A 439 19.40 35.69 19.84
CA ASP A 439 20.06 36.57 20.80
C ASP A 439 20.87 35.76 21.82
N TYR A 440 20.23 34.75 22.44
CA TYR A 440 20.93 33.93 23.43
C TYR A 440 22.21 33.34 22.85
N HIS A 441 22.12 32.73 21.66
CA HIS A 441 23.27 32.02 21.09
C HIS A 441 24.41 32.97 20.77
N LYS A 442 24.11 34.21 20.44
CA LYS A 442 25.16 35.12 20.03
C LYS A 442 25.91 35.74 21.22
N ARG A 443 25.26 35.90 22.37
CA ARG A 443 25.86 36.61 23.50
C ARG A 443 26.17 35.73 24.71
N ILE A 444 25.70 34.47 24.75
CA ILE A 444 25.78 33.70 26.00
C ILE A 444 27.22 33.49 26.45
N ASN A 445 28.15 33.38 25.52
CA ASN A 445 29.55 33.19 25.85
C ASN A 445 30.35 34.49 25.84
N ASP A 446 29.66 35.62 25.71
CA ASP A 446 30.27 36.94 25.77
C ASP A 446 30.71 37.23 27.20
N PRO A 447 32.01 37.22 27.51
CA PRO A 447 32.44 37.42 28.91
C PRO A 447 32.10 38.80 29.46
N ALA A 448 31.72 39.74 28.60
CA ALA A 448 31.31 41.07 29.06
C ALA A 448 30.12 41.01 30.00
N LEU A 449 29.34 39.93 29.97
CA LEU A 449 28.21 39.80 30.88
C LEU A 449 28.59 39.19 32.22
N GLU A 450 29.81 38.68 32.36
CA GLU A 450 30.29 38.14 33.63
C GLU A 450 29.25 37.27 34.33
N ILE A 451 28.97 36.11 33.73
CA ILE A 451 27.96 35.18 34.25
C ILE A 451 28.62 34.25 35.25
N ASP A 452 27.91 33.93 36.32
CA ASP A 452 28.41 32.99 37.32
C ASP A 452 27.24 32.23 37.92
N GLU A 453 27.54 31.42 38.93
CA GLU A 453 26.58 30.46 39.46
C GLU A 453 25.31 31.10 40.03
N ARG A 454 25.29 32.41 40.28
CA ARG A 454 24.13 33.03 40.89
C ARG A 454 23.32 33.87 39.90
N CYS A 455 23.42 33.58 38.60
CA CYS A 455 22.59 34.22 37.59
C CYS A 455 21.38 33.35 37.26
N ILE A 456 20.42 33.96 36.57
CA ILE A 456 19.24 33.25 36.06
C ILE A 456 19.04 33.67 34.61
N LEU A 457 19.04 32.70 33.70
CA LEU A 457 18.94 33.01 32.28
C LEU A 457 17.49 33.21 31.89
N VAL A 458 17.21 34.33 31.23
CA VAL A 458 15.85 34.75 30.94
C VAL A 458 15.76 34.99 29.44
N ILE A 459 14.66 34.52 28.85
CA ILE A 459 14.42 34.69 27.42
C ILE A 459 13.00 35.22 27.26
N ARG A 460 12.83 36.17 26.34
CA ARG A 460 11.54 36.80 26.12
C ARG A 460 11.29 36.98 24.63
N GLY A 461 10.02 37.18 24.29
CA GLY A 461 9.59 37.24 22.92
C GLY A 461 9.28 35.90 22.29
N ALA A 462 9.20 34.84 23.09
CA ALA A 462 8.97 33.48 22.59
C ALA A 462 7.58 32.96 22.92
N GLY A 463 6.63 33.86 23.12
CA GLY A 463 5.29 33.44 23.43
C GLY A 463 4.44 33.35 22.18
N PRO A 464 3.16 33.03 22.36
CA PRO A 464 2.26 32.88 21.20
C PRO A 464 2.28 34.05 20.24
N ILE A 465 2.49 35.26 20.73
CA ILE A 465 2.47 36.43 19.87
C ILE A 465 3.88 36.80 19.41
N GLY A 466 4.85 36.71 20.32
CA GLY A 466 6.18 37.21 20.00
C GLY A 466 6.88 36.43 18.91
N TRP A 467 6.71 35.10 18.90
CA TRP A 467 7.57 34.24 18.08
C TRP A 467 7.24 34.28 16.59
N PRO A 468 5.97 34.06 16.16
CA PRO A 468 4.70 33.74 16.83
C PRO A 468 4.51 32.25 17.04
N GLY A 469 3.48 31.86 17.79
CA GLY A 469 3.36 30.51 18.31
C GLY A 469 4.47 30.29 19.31
N SER A 470 4.17 29.87 20.53
CA SER A 470 5.23 29.78 21.52
C SER A 470 6.29 28.79 21.07
N ALA A 471 7.53 28.98 21.53
CA ALA A 471 8.66 28.21 21.07
C ALA A 471 9.38 27.50 22.22
N GLU A 472 9.93 26.33 21.92
CA GLU A 472 10.66 25.51 22.88
C GLU A 472 12.09 26.01 22.95
N VAL A 473 12.30 27.12 23.64
CA VAL A 473 13.63 27.73 23.71
C VAL A 473 14.07 28.11 25.13
N VAL A 474 13.33 27.67 26.16
CA VAL A 474 13.64 28.10 27.50
C VAL A 474 14.74 27.26 28.15
N ASN A 475 14.91 26.01 27.74
CA ASN A 475 15.95 25.19 28.37
C ASN A 475 17.36 25.66 27.98
N MET A 476 17.66 26.92 28.31
CA MET A 476 18.97 27.51 28.04
C MET A 476 20.05 26.86 28.91
N GLN A 477 21.26 26.72 28.35
CA GLN A 477 22.34 26.08 29.10
C GLN A 477 23.37 27.12 29.58
N PRO A 478 24.12 26.81 30.65
CA PRO A 478 25.14 27.73 31.14
C PRO A 478 26.15 28.07 30.05
N PRO A 479 26.86 29.18 30.19
CA PRO A 479 27.98 29.47 29.27
C PRO A 479 29.08 28.43 29.40
N ASP A 480 29.97 28.40 28.41
CA ASP A 480 30.94 27.31 28.32
C ASP A 480 31.84 27.29 29.54
N HIS A 481 32.32 28.46 29.97
CA HIS A 481 33.28 28.50 31.07
C HIS A 481 32.70 27.87 32.33
N LEU A 482 31.39 28.04 32.56
CA LEU A 482 30.74 27.39 33.70
C LEU A 482 30.55 25.90 33.47
N LEU A 483 30.16 25.51 32.25
CA LEU A 483 30.05 24.07 31.93
C LEU A 483 31.36 23.37 32.21
N LYS A 484 32.49 23.97 31.79
CA LYS A 484 33.79 23.35 32.01
C LYS A 484 34.13 23.24 33.49
N LYS A 485 33.53 24.07 34.34
CA LYS A 485 33.70 23.95 35.78
C LYS A 485 32.76 22.93 36.42
N GLY A 486 31.94 22.25 35.62
CA GLY A 486 31.01 21.26 36.15
C GLY A 486 29.66 21.78 36.57
N ILE A 487 29.33 23.03 36.28
CA ILE A 487 28.05 23.60 36.65
C ILE A 487 27.09 23.35 35.49
N MET A 488 26.23 22.35 35.66
CA MET A 488 25.52 21.81 34.51
C MET A 488 24.26 22.60 34.15
N SER A 489 23.65 23.26 35.13
CA SER A 489 22.46 24.05 34.85
C SER A 489 22.43 25.27 35.75
N LEU A 490 21.93 26.37 35.19
CA LEU A 490 21.52 27.53 35.94
C LEU A 490 20.01 27.68 35.88
N PRO A 491 19.40 28.43 36.81
CA PRO A 491 17.97 28.63 36.76
C PRO A 491 17.57 29.31 35.46
N THR A 492 16.36 29.00 35.00
CA THR A 492 15.91 29.38 33.67
C THR A 492 14.48 29.87 33.76
N LEU A 493 14.17 30.88 32.96
CA LEU A 493 12.83 31.47 32.97
C LEU A 493 12.59 32.16 31.63
N GLY A 494 11.36 32.06 31.12
CA GLY A 494 11.01 32.72 29.88
C GLY A 494 9.52 32.64 29.61
N ASP A 495 9.09 33.42 28.61
CA ASP A 495 7.69 33.45 28.20
C ASP A 495 7.40 32.46 27.06
N GLY A 496 8.37 31.64 26.69
CA GLY A 496 8.17 30.54 25.78
C GLY A 496 8.07 29.21 26.50
N ARG A 497 8.35 28.14 25.76
CA ARG A 497 8.22 26.76 26.23
C ARG A 497 9.58 26.07 26.16
N GLN A 498 9.60 24.78 26.51
CA GLN A 498 10.76 23.94 26.29
C GLN A 498 10.27 22.56 25.92
N SER A 499 11.13 21.78 25.27
CA SER A 499 10.73 20.44 24.86
C SER A 499 10.32 19.60 26.07
N GLY A 500 9.26 18.83 25.90
CA GLY A 500 8.85 17.91 26.96
C GLY A 500 9.95 16.95 27.35
N THR A 501 10.99 16.92 26.54
CA THR A 501 12.17 16.11 26.78
C THR A 501 13.26 16.85 27.52
N ALA A 502 13.01 18.10 27.92
CA ALA A 502 14.04 18.84 28.63
C ALA A 502 14.20 18.33 30.05
N ASP A 503 15.44 18.33 30.52
CA ASP A 503 15.79 18.05 31.90
C ASP A 503 16.24 19.33 32.62
N SER A 504 15.61 20.46 32.27
CA SER A 504 15.87 21.75 32.87
C SER A 504 14.70 22.13 33.76
N PRO A 505 14.92 22.41 35.06
CA PRO A 505 13.80 22.85 35.94
C PRO A 505 13.39 24.29 35.67
N SER A 506 12.88 24.53 34.47
CA SER A 506 12.66 25.90 34.04
C SER A 506 11.34 26.43 34.56
N ILE A 507 11.23 27.75 34.57
CA ILE A 507 9.97 28.45 34.80
C ILE A 507 9.43 28.87 33.43
N LEU A 508 8.26 28.34 33.08
CA LEU A 508 7.85 28.27 31.69
C LEU A 508 6.45 28.84 31.51
N ASN A 509 6.14 29.14 30.25
CA ASN A 509 4.80 29.51 29.80
C ASN A 509 4.32 30.80 30.46
N ALA A 510 5.25 31.72 30.73
CA ALA A 510 4.94 32.90 31.50
C ALA A 510 3.92 33.76 30.77
N SER A 511 2.77 33.98 31.40
CA SER A 511 1.69 34.77 30.86
C SER A 511 1.37 35.94 31.79
N PRO A 512 1.11 37.14 31.25
CA PRO A 512 1.16 37.38 29.81
C PRO A 512 2.60 37.58 29.31
N GLU A 513 2.85 37.19 28.07
CA GLU A 513 4.21 37.23 27.54
C GLU A 513 4.70 38.66 27.41
N SER A 514 6.02 38.79 27.27
CA SER A 514 6.64 40.09 27.04
C SER A 514 5.93 40.87 25.94
N ALA A 515 5.75 40.26 24.77
CA ALA A 515 5.34 40.99 23.58
C ALA A 515 3.94 41.61 23.68
N ILE A 516 3.17 41.32 24.72
CA ILE A 516 1.91 42.05 24.89
C ILE A 516 1.96 42.83 26.21
N GLY A 517 3.17 43.18 26.63
CA GLY A 517 3.33 43.99 27.82
C GLY A 517 3.22 43.25 29.13
N GLY A 518 3.60 41.98 29.17
CA GLY A 518 3.76 41.30 30.44
C GLY A 518 5.00 41.79 31.15
N GLY A 519 5.12 41.40 32.42
CA GLY A 519 6.21 41.91 33.24
C GLY A 519 7.59 41.71 32.64
N LEU A 520 7.78 40.67 31.84
CA LEU A 520 9.08 40.45 31.24
C LEU A 520 9.46 41.52 30.22
N SER A 521 8.51 42.40 29.84
CA SER A 521 8.86 43.43 28.85
C SER A 521 9.79 44.48 29.44
N TRP A 522 9.76 44.71 30.74
CA TRP A 522 10.57 45.75 31.34
C TRP A 522 11.78 45.23 32.11
N LEU A 523 11.91 43.93 32.29
CA LEU A 523 13.07 43.39 32.99
C LEU A 523 14.35 43.65 32.20
N ARG A 524 15.45 43.86 32.91
CA ARG A 524 16.72 44.17 32.27
C ARG A 524 17.81 43.39 32.96
N THR A 525 18.84 43.03 32.17
CA THR A 525 19.98 42.29 32.69
C THR A 525 20.55 43.01 33.91
N GLY A 526 21.04 42.24 34.88
CA GLY A 526 21.57 42.80 36.10
C GLY A 526 20.56 42.97 37.21
N ASP A 527 19.27 43.01 36.90
CA ASP A 527 18.23 43.01 37.93
C ASP A 527 18.34 41.74 38.77
N THR A 528 17.67 41.76 39.91
CA THR A 528 17.69 40.65 40.85
C THR A 528 16.29 40.05 40.92
N ILE A 529 16.21 38.74 40.72
CA ILE A 529 14.96 37.99 40.76
C ILE A 529 14.98 37.11 42.01
N ARG A 530 13.85 37.07 42.71
CA ARG A 530 13.72 36.35 43.97
C ARG A 530 12.66 35.28 43.80
N ILE A 531 13.08 34.02 43.91
CA ILE A 531 12.20 32.87 43.72
C ILE A 531 11.89 32.29 45.08
N ASP A 532 10.60 32.11 45.37
CA ASP A 532 10.15 31.47 46.60
C ASP A 532 9.26 30.31 46.19
N LEU A 533 9.79 29.09 46.28
CA LEU A 533 9.01 27.90 45.91
C LEU A 533 8.07 27.47 47.03
N ASN A 534 8.33 27.89 48.27
CA ASN A 534 7.41 27.59 49.35
C ASN A 534 6.10 28.33 49.19
N THR A 535 6.15 29.52 48.60
CA THR A 535 4.98 30.41 48.54
C THR A 535 4.47 30.60 47.12
N GLY A 536 5.21 30.15 46.12
CA GLY A 536 4.74 30.24 44.75
C GLY A 536 4.96 31.58 44.11
N ARG A 537 6.00 32.31 44.52
CA ARG A 537 6.20 33.69 44.12
C ARG A 537 7.57 33.84 43.48
N CYS A 538 7.61 34.65 42.42
CA CYS A 538 8.82 35.00 41.70
C CYS A 538 8.73 36.46 41.32
N ASP A 539 9.65 37.27 41.84
CA ASP A 539 9.53 38.72 41.73
C ASP A 539 10.85 39.34 41.31
N ALA A 540 10.72 40.39 40.51
CA ALA A 540 11.83 41.27 40.19
C ALA A 540 11.90 42.34 41.28
N LEU A 541 13.02 42.38 42.01
CA LEU A 541 13.27 43.40 43.04
C LEU A 541 13.65 44.70 42.33
N VAL A 542 12.63 45.39 41.84
CA VAL A 542 12.78 46.63 41.07
C VAL A 542 11.59 47.54 41.39
N ASP A 543 11.86 48.72 41.93
CA ASP A 543 10.85 49.53 42.59
C ASP A 543 9.79 50.02 41.59
N GLU A 544 8.63 50.39 42.15
CA GLU A 544 7.48 50.81 41.34
C GLU A 544 7.82 51.97 40.40
N ALA A 545 8.76 52.83 40.83
CA ALA A 545 9.10 54.02 40.05
C ALA A 545 9.96 53.66 38.84
N THR A 546 11.03 52.89 39.06
CA THR A 546 11.86 52.44 37.95
C THR A 546 11.05 51.61 36.95
N ILE A 547 10.05 50.88 37.44
CA ILE A 547 9.26 50.02 36.55
C ILE A 547 8.61 50.84 35.44
N ALA A 548 7.88 51.89 35.80
CA ALA A 548 7.16 52.66 34.79
C ALA A 548 8.09 53.50 33.92
N ALA A 549 9.31 53.79 34.39
CA ALA A 549 10.30 54.45 33.55
C ALA A 549 10.71 53.54 32.39
N ARG A 550 10.93 52.26 32.68
CA ARG A 550 11.22 51.30 31.62
C ARG A 550 10.00 51.12 30.70
N LYS A 551 8.80 51.02 31.29
CA LYS A 551 7.60 50.75 30.50
C LYS A 551 7.38 51.80 29.44
N GLN A 552 7.83 53.02 29.67
CA GLN A 552 7.68 54.09 28.69
C GLN A 552 8.70 54.02 27.58
N ASP A 553 9.72 53.17 27.72
CA ASP A 553 10.60 52.86 26.59
C ASP A 553 9.93 51.92 25.59
N GLY A 554 8.85 51.22 25.99
CA GLY A 554 8.08 50.38 25.12
C GLY A 554 8.43 48.90 25.24
N ILE A 555 7.61 48.09 24.60
CA ILE A 555 7.80 46.63 24.57
C ILE A 555 9.01 46.30 23.70
N PRO A 556 9.86 45.36 24.09
CA PRO A 556 10.94 44.92 23.19
C PRO A 556 10.38 44.44 21.86
N ALA A 557 11.22 44.51 20.82
CA ALA A 557 10.77 44.29 19.46
C ALA A 557 10.59 42.80 19.18
N VAL A 558 9.66 42.50 18.27
CA VAL A 558 9.40 41.12 17.86
C VAL A 558 9.25 41.07 16.35
N PRO A 559 9.66 39.95 15.73
CA PRO A 559 9.71 39.88 14.26
C PRO A 559 8.35 40.10 13.61
N ALA A 560 8.37 40.73 12.45
CA ALA A 560 7.16 40.98 11.70
C ALA A 560 6.48 39.68 11.30
N THR A 561 5.17 39.76 11.07
CA THR A 561 4.41 38.63 10.57
C THR A 561 4.89 38.24 9.18
N MET A 562 4.94 36.92 8.92
CA MET A 562 5.57 36.38 7.72
C MET A 562 4.63 35.64 6.78
N THR A 563 3.61 34.97 7.30
CA THR A 563 2.74 34.14 6.48
C THR A 563 1.29 34.49 6.75
N PRO A 564 0.40 34.26 5.78
CA PRO A 564 -1.04 34.43 6.06
C PRO A 564 -1.50 33.80 7.36
N TRP A 565 -1.03 32.60 7.70
CA TRP A 565 -1.57 31.99 8.91
C TRP A 565 -1.05 32.69 10.16
N GLN A 566 0.16 33.25 10.08
CA GLN A 566 0.70 33.94 11.25
C GLN A 566 -0.10 35.20 11.57
N GLU A 567 -0.56 35.92 10.53
CA GLU A 567 -1.44 37.06 10.75
C GLU A 567 -2.70 36.65 11.49
N ILE A 568 -3.35 35.57 11.04
CA ILE A 568 -4.53 35.08 11.73
C ILE A 568 -4.17 34.66 13.14
N TYR A 569 -3.10 33.87 13.29
CA TYR A 569 -2.73 33.36 14.61
C TYR A 569 -2.46 34.50 15.58
N ARG A 570 -1.62 35.44 15.17
CA ARG A 570 -1.32 36.57 16.04
C ARG A 570 -2.58 37.36 16.38
N ALA A 571 -3.59 37.33 15.51
CA ALA A 571 -4.81 38.08 15.77
C ALA A 571 -5.69 37.41 16.83
N HIS A 572 -5.90 36.10 16.75
CA HIS A 572 -6.89 35.43 17.59
C HIS A 572 -6.33 34.52 18.67
N ALA A 573 -5.01 34.30 18.73
CA ALA A 573 -4.44 33.39 19.72
C ALA A 573 -4.40 34.02 21.11
N SER A 574 -4.87 33.25 22.09
CA SER A 574 -4.78 33.60 23.51
C SER A 574 -3.37 33.37 24.02
N GLN A 575 -3.17 33.58 25.31
CA GLN A 575 -1.90 33.22 25.92
C GLN A 575 -1.98 31.80 26.48
N LEU A 576 -0.81 31.21 26.74
CA LEU A 576 -0.76 29.84 27.24
C LEU A 576 -1.40 29.69 28.62
N ASP A 577 -1.60 30.80 29.34
CA ASP A 577 -2.45 30.78 30.52
C ASP A 577 -3.76 30.04 30.23
N THR A 578 -4.42 30.39 29.12
CA THR A 578 -5.67 29.77 28.71
C THR A 578 -5.48 28.92 27.44
N GLY A 579 -4.28 28.38 27.26
CA GLY A 579 -4.07 27.32 26.29
C GLY A 579 -3.77 27.74 24.87
N GLY A 580 -3.27 28.98 24.66
CA GLY A 580 -2.99 29.50 23.34
C GLY A 580 -4.01 29.08 22.29
N VAL A 581 -5.30 29.27 22.62
CA VAL A 581 -6.39 28.85 21.77
C VAL A 581 -6.80 30.01 20.88
N LEU A 582 -7.47 29.68 19.77
CA LEU A 582 -8.21 30.68 19.00
C LEU A 582 -9.39 31.12 19.85
N GLU A 583 -9.26 32.32 20.44
CA GLU A 583 -10.19 32.75 21.48
C GLU A 583 -11.62 32.84 20.98
N PHE A 584 -11.82 33.30 19.73
CA PHE A 584 -13.15 33.32 19.16
C PHE A 584 -13.75 31.92 19.07
N ALA A 585 -12.91 30.89 18.95
CA ALA A 585 -13.38 29.57 18.56
C ALA A 585 -14.00 28.79 19.71
N VAL A 586 -13.59 29.08 20.95
CA VAL A 586 -14.11 28.36 22.12
C VAL A 586 -15.62 28.49 22.20
N LYS A 587 -16.14 29.65 21.82
CA LYS A 587 -17.58 29.90 21.75
C LYS A 587 -18.36 28.76 21.09
N TYR A 588 -17.85 28.20 19.98
CA TYR A 588 -18.60 27.19 19.19
C TYR A 588 -18.61 25.83 19.88
N GLN A 589 -19.81 25.31 20.16
CA GLN A 589 -19.94 24.06 20.91
C GLN A 589 -21.01 23.18 20.30
N ASP A 590 -20.80 21.87 20.41
CA ASP A 590 -21.75 20.84 19.97
C ASP A 590 -22.31 21.13 18.57
N LEU A 591 -21.41 21.45 17.63
CA LEU A 591 -21.85 21.83 16.29
C LEU A 591 -22.60 20.73 15.56
N ALA A 592 -22.44 19.46 15.96
CA ALA A 592 -23.16 18.38 15.28
C ALA A 592 -24.64 18.35 15.62
N ALA A 593 -25.08 19.23 16.52
CA ALA A 593 -26.51 19.30 16.84
C ALA A 593 -27.32 19.89 15.69
N LYS A 594 -26.76 20.85 14.96
CA LYS A 594 -27.42 21.46 13.82
C LYS A 594 -26.80 20.94 12.53
N LEU A 595 -27.63 20.67 11.54
CA LEU A 595 -27.15 20.22 10.25
C LEU A 595 -26.61 21.41 9.47
N PRO A 596 -25.85 21.16 8.39
CA PRO A 596 -25.51 22.27 7.48
C PRO A 596 -26.38 22.26 6.23
N ARG A 597 -26.47 23.41 5.55
CA ARG A 597 -27.29 23.51 4.36
C ARG A 597 -26.76 22.58 3.28
N HIS A 598 -27.65 22.14 2.40
CA HIS A 598 -27.22 21.41 1.21
C HIS A 598 -26.36 22.32 0.33
N ASN A 599 -25.56 21.70 -0.54
CA ASN A 599 -24.57 22.42 -1.34
C ASN A 599 -25.00 22.65 -2.79
N HIS A 600 -26.09 22.06 -3.23
CA HIS A 600 -26.66 22.34 -4.56
C HIS A 600 -28.17 22.51 -4.43
N ASN B 12 20.75 20.71 -18.04
CA ASN B 12 21.72 21.41 -17.20
C ASN B 12 21.46 21.18 -15.72
N ARG B 13 22.52 20.86 -14.98
CA ARG B 13 22.43 20.58 -13.55
C ARG B 13 23.64 21.19 -12.81
N THR B 14 23.75 22.52 -12.91
CA THR B 14 24.71 23.25 -12.10
C THR B 14 24.37 23.07 -10.62
N PRO B 15 25.35 22.80 -9.76
CA PRO B 15 25.07 22.67 -8.32
C PRO B 15 24.39 23.91 -7.74
N ARG B 16 23.47 23.67 -6.79
CA ARG B 16 22.68 24.73 -6.18
C ARG B 16 22.49 24.46 -4.69
N ARG B 17 22.49 25.53 -3.89
CA ARG B 17 22.23 25.44 -2.46
C ARG B 17 20.72 25.55 -2.29
N PHE B 18 20.09 24.46 -1.86
CA PHE B 18 18.64 24.42 -1.70
C PHE B 18 18.27 24.83 -0.28
N ARG B 19 17.07 25.40 -0.14
CA ARG B 19 16.64 25.87 1.18
C ARG B 19 16.66 24.76 2.21
N SER B 20 16.53 23.51 1.77
CA SER B 20 16.53 22.39 2.71
C SER B 20 17.87 22.21 3.41
N ARG B 21 18.95 22.82 2.91
CA ARG B 21 20.24 22.74 3.60
C ARG B 21 20.19 23.44 4.96
N ASP B 22 19.32 24.43 5.13
CA ASP B 22 19.22 25.10 6.42
C ASP B 22 18.78 24.15 7.52
N TRP B 23 18.12 23.03 7.17
CA TRP B 23 17.77 22.00 8.14
C TRP B 23 18.85 20.93 8.21
N PHE B 24 19.16 20.31 7.06
CA PHE B 24 19.91 19.06 7.02
C PHE B 24 21.42 19.24 6.93
N ASP B 25 21.90 20.48 6.82
CA ASP B 25 23.31 20.76 6.63
C ASP B 25 23.66 22.16 7.11
N ASN B 26 23.02 22.61 8.18
CA ASN B 26 23.26 23.94 8.73
C ASN B 26 24.64 23.99 9.39
N PRO B 27 25.53 24.89 8.95
CA PRO B 27 26.88 24.94 9.54
C PRO B 27 26.94 25.71 10.87
N ASP B 28 26.02 26.65 11.08
CA ASP B 28 26.04 27.49 12.27
C ASP B 28 25.46 26.80 13.50
N HIS B 29 24.54 25.85 13.32
CA HIS B 29 23.87 25.19 14.44
C HIS B 29 23.97 23.69 14.22
N ILE B 30 25.08 23.09 14.65
CA ILE B 30 25.25 21.66 14.47
C ILE B 30 24.24 20.90 15.31
N ASP B 31 23.81 21.46 16.43
CA ASP B 31 22.77 20.84 17.24
C ASP B 31 21.42 20.85 16.53
N MET B 32 21.16 21.84 15.67
CA MET B 32 19.91 21.89 14.93
C MET B 32 19.90 20.87 13.79
N THR B 33 20.97 20.82 12.99
CA THR B 33 21.08 19.79 11.98
C THR B 33 20.79 18.42 12.57
N ALA B 34 21.41 18.11 13.72
CA ALA B 34 21.27 16.78 14.30
C ALA B 34 19.82 16.48 14.64
N LEU B 35 19.10 17.50 15.12
CA LEU B 35 17.71 17.32 15.53
C LEU B 35 16.77 17.31 14.33
N TYR B 36 17.03 18.13 13.32
CA TYR B 36 16.23 18.06 12.09
C TYR B 36 16.45 16.72 11.37
N LEU B 37 17.69 16.21 11.37
CA LEU B 37 18.01 15.00 10.62
C LEU B 37 17.44 13.75 11.27
N GLU B 38 17.30 13.78 12.59
CA GLU B 38 17.15 12.57 13.37
C GLU B 38 15.88 11.80 13.00
N ARG B 39 14.71 12.44 13.14
CA ARG B 39 13.45 11.71 13.01
C ARG B 39 13.14 11.33 11.57
N PHE B 40 13.66 12.07 10.59
CA PHE B 40 13.35 11.77 9.20
C PHE B 40 13.93 10.45 8.74
N MET B 41 14.77 9.81 9.56
CA MET B 41 15.34 8.53 9.20
C MET B 41 14.63 7.35 9.82
N ASN B 42 13.63 7.58 10.68
CA ASN B 42 13.12 6.49 11.50
C ASN B 42 12.20 5.54 10.74
N TYR B 43 11.90 5.79 9.45
CA TYR B 43 11.29 4.79 8.59
C TYR B 43 12.23 4.39 7.46
N GLY B 44 13.53 4.53 7.68
CA GLY B 44 14.54 3.91 6.85
C GLY B 44 15.23 4.79 5.83
N ILE B 45 15.03 6.10 5.86
CA ILE B 45 15.84 6.98 5.04
C ILE B 45 17.28 6.88 5.50
N THR B 46 18.24 6.88 4.51
CA THR B 46 19.66 6.89 4.85
C THR B 46 20.15 8.30 5.07
N PRO B 47 21.22 8.48 5.84
CA PRO B 47 21.80 9.83 5.96
C PRO B 47 22.30 10.34 4.62
N GLU B 48 22.87 9.44 3.81
CA GLU B 48 23.31 9.81 2.48
C GLU B 48 22.18 10.49 1.68
N GLU B 49 20.95 10.01 1.82
CA GLU B 49 19.84 10.61 1.09
C GLU B 49 19.59 12.04 1.55
N LEU B 50 19.55 12.25 2.86
CA LEU B 50 19.24 13.57 3.39
C LEU B 50 20.44 14.50 3.36
N ARG B 51 21.67 13.98 3.35
CA ARG B 51 22.84 14.83 3.38
C ARG B 51 23.57 14.94 2.05
N SER B 52 23.08 14.29 1.00
CA SER B 52 23.76 14.38 -0.30
C SER B 52 23.61 15.74 -0.94
N GLY B 53 22.67 16.57 -0.48
CA GLY B 53 22.39 17.81 -1.17
C GLY B 53 21.54 17.69 -2.42
N LYS B 54 21.01 16.51 -2.73
CA LYS B 54 19.93 16.44 -3.69
C LYS B 54 18.74 17.25 -3.17
N PRO B 55 17.88 17.75 -4.05
CA PRO B 55 16.75 18.55 -3.59
C PRO B 55 15.65 17.69 -2.96
N ILE B 56 14.95 18.27 -1.99
CA ILE B 56 13.80 17.61 -1.34
C ILE B 56 12.54 18.03 -2.08
N ILE B 57 11.88 17.07 -2.71
CA ILE B 57 10.72 17.32 -3.57
C ILE B 57 9.46 16.96 -2.79
N GLY B 58 8.68 17.96 -2.40
CA GLY B 58 7.41 17.70 -1.79
C GLY B 58 6.39 17.21 -2.79
N ILE B 59 5.42 16.45 -2.31
CA ILE B 59 4.30 16.00 -3.12
C ILE B 59 3.04 16.31 -2.31
N ALA B 60 2.34 17.37 -2.71
CA ALA B 60 1.07 17.75 -2.10
C ALA B 60 0.00 16.73 -2.50
N GLN B 61 -0.27 15.78 -1.63
CA GLN B 61 -1.19 14.70 -1.90
C GLN B 61 -2.63 15.13 -1.59
N THR B 62 -3.53 15.02 -2.58
CA THR B 62 -4.92 15.43 -2.40
C THR B 62 -5.89 14.25 -2.30
N GLY B 63 -5.42 13.02 -2.52
CA GLY B 63 -6.31 11.87 -2.55
C GLY B 63 -6.53 11.20 -1.19
N SER B 64 -7.74 10.71 -1.00
CA SER B 64 -8.14 10.00 0.21
C SER B 64 -9.45 9.30 -0.08
N ASP B 65 -9.90 8.50 0.89
CA ASP B 65 -11.25 7.92 0.81
C ASP B 65 -12.30 9.01 0.75
N ILE B 66 -12.01 10.19 1.26
CA ILE B 66 -12.99 11.27 1.28
C ILE B 66 -12.92 12.17 0.06
N SER B 67 -11.92 11.99 -0.83
CA SER B 67 -11.86 12.66 -2.13
C SER B 67 -11.80 11.61 -3.22
N PRO B 68 -12.93 10.97 -3.55
CA PRO B 68 -12.89 9.96 -4.63
C PRO B 68 -12.42 10.52 -5.96
N CYS B 69 -12.61 11.82 -6.19
CA CYS B 69 -12.15 12.41 -7.44
C CYS B 69 -10.63 12.40 -7.53
N ASN B 70 -9.94 12.59 -6.40
CA ASN B 70 -8.49 12.67 -6.37
C ASN B 70 -7.82 11.39 -5.91
N ARG B 71 -8.59 10.38 -5.51
CA ARG B 71 -8.01 9.17 -4.93
C ARG B 71 -7.11 8.40 -5.90
N ILE B 72 -7.16 8.71 -7.19
CA ILE B 72 -6.20 8.13 -8.13
C ILE B 72 -4.78 8.51 -7.74
N HIS B 73 -4.61 9.64 -7.05
CA HIS B 73 -3.28 10.09 -6.69
C HIS B 73 -2.63 9.19 -5.65
N LEU B 74 -3.41 8.36 -4.96
CA LEU B 74 -2.79 7.43 -4.01
C LEU B 74 -2.00 6.36 -4.74
N ASP B 75 -2.38 6.04 -5.97
CA ASP B 75 -1.58 5.12 -6.75
C ASP B 75 -0.57 5.84 -7.64
N LEU B 76 -0.96 6.97 -8.22
CA LEU B 76 -0.03 7.71 -9.05
C LEU B 76 1.19 8.16 -8.27
N VAL B 77 1.06 8.39 -6.95
CA VAL B 77 2.15 9.04 -6.25
C VAL B 77 3.42 8.21 -6.38
N GLN B 78 3.29 6.89 -6.49
CA GLN B 78 4.47 6.05 -6.62
C GLN B 78 5.22 6.32 -7.93
N ARG B 79 4.50 6.52 -9.05
CA ARG B 79 5.15 6.88 -10.31
C ARG B 79 5.89 8.21 -10.17
N VAL B 80 5.27 9.17 -9.49
CA VAL B 80 5.93 10.44 -9.27
C VAL B 80 7.19 10.24 -8.44
N ARG B 81 7.10 9.40 -7.40
CA ARG B 81 8.26 9.12 -6.58
C ARG B 81 9.38 8.49 -7.41
N ASP B 82 9.03 7.62 -8.35
CA ASP B 82 10.06 7.00 -9.17
C ASP B 82 10.74 8.02 -10.08
N GLY B 83 9.98 8.96 -10.65
CA GLY B 83 10.59 9.97 -11.50
C GLY B 83 11.49 10.92 -10.74
N ILE B 84 11.07 11.35 -9.55
CA ILE B 84 11.93 12.20 -8.71
C ILE B 84 13.26 11.48 -8.44
N ARG B 85 13.19 10.21 -8.03
CA ARG B 85 14.41 9.45 -7.77
C ARG B 85 15.23 9.24 -9.05
N ASP B 86 14.56 8.98 -10.17
CA ASP B 86 15.29 8.82 -11.42
C ASP B 86 16.11 10.08 -11.73
N ALA B 87 15.53 11.26 -11.55
CA ALA B 87 16.15 12.52 -11.93
C ALA B 87 17.05 13.12 -10.85
N GLY B 88 17.20 12.45 -9.70
CA GLY B 88 18.12 12.90 -8.69
C GLY B 88 17.54 13.69 -7.53
N GLY B 89 16.24 13.55 -7.25
CA GLY B 89 15.62 14.20 -6.12
C GLY B 89 15.34 13.20 -5.01
N ILE B 90 14.84 13.74 -3.89
CA ILE B 90 14.42 12.95 -2.74
C ILE B 90 12.94 13.26 -2.53
N PRO B 91 12.04 12.30 -2.72
CA PRO B 91 10.61 12.61 -2.62
C PRO B 91 10.13 12.69 -1.18
N MET B 92 9.15 13.56 -0.96
CA MET B 92 8.52 13.63 0.37
C MET B 92 7.04 13.95 0.22
N GLU B 93 6.19 12.95 0.44
CA GLU B 93 4.76 13.07 0.24
C GLU B 93 4.08 13.50 1.54
N PHE B 94 3.05 14.33 1.41
CA PHE B 94 2.37 14.85 2.59
C PHE B 94 0.99 15.30 2.16
N PRO B 95 0.07 15.48 3.12
CA PRO B 95 -1.32 15.76 2.73
C PRO B 95 -1.68 17.25 2.78
N VAL B 96 -2.82 17.59 2.17
CA VAL B 96 -3.44 18.91 2.32
C VAL B 96 -4.82 18.72 2.95
N HIS B 97 -5.46 19.82 3.29
CA HIS B 97 -6.81 19.75 3.81
C HIS B 97 -7.73 19.16 2.74
N PRO B 98 -8.49 18.09 3.03
CA PRO B 98 -9.25 17.41 1.99
C PRO B 98 -10.42 18.22 1.45
N ILE B 99 -10.76 17.97 0.19
CA ILE B 99 -11.81 18.71 -0.50
C ILE B 99 -12.57 17.74 -1.41
N PHE B 100 -13.84 17.51 -1.09
CA PHE B 100 -14.73 16.72 -1.93
C PHE B 100 -15.95 17.58 -2.26
N GLU B 101 -15.97 18.12 -3.47
CA GLU B 101 -16.95 19.15 -3.84
C GLU B 101 -18.38 18.64 -3.69
N ASN B 102 -18.65 17.42 -4.19
CA ASN B 102 -20.01 16.91 -4.24
C ASN B 102 -20.62 16.74 -2.86
N CYS B 103 -19.84 16.36 -1.85
CA CYS B 103 -20.43 16.04 -0.56
C CYS B 103 -20.23 17.08 0.52
N ARG B 104 -19.36 18.07 0.32
CA ARG B 104 -18.99 18.99 1.39
C ARG B 104 -20.08 20.05 1.60
N ARG B 105 -20.53 20.20 2.84
CA ARG B 105 -21.61 21.12 3.18
C ARG B 105 -21.16 22.07 4.30
N PRO B 106 -21.57 23.35 4.26
CA PRO B 106 -22.46 24.01 3.30
C PRO B 106 -21.95 24.06 1.86
N THR B 107 -20.65 24.30 1.64
CA THR B 107 -20.10 24.19 0.30
C THR B 107 -18.60 23.98 0.36
N ALA B 108 -18.06 23.42 -0.73
CA ALA B 108 -16.63 23.20 -0.84
C ALA B 108 -15.86 24.50 -1.06
N ALA B 109 -16.52 25.56 -1.53
CA ALA B 109 -15.84 26.84 -1.68
C ALA B 109 -15.23 27.31 -0.38
N LEU B 110 -15.83 26.93 0.75
CA LEU B 110 -15.25 27.29 2.04
C LEU B 110 -13.82 26.78 2.16
N ASP B 111 -13.50 25.67 1.48
CA ASP B 111 -12.27 24.93 1.74
C ASP B 111 -11.07 25.46 0.98
N ARG B 112 -11.27 25.99 -0.23
CA ARG B 112 -10.14 26.36 -1.07
C ARG B 112 -9.14 27.27 -0.34
N ASN B 113 -9.63 28.28 0.38
CA ASN B 113 -8.71 29.13 1.12
C ASN B 113 -8.18 28.46 2.39
N LEU B 114 -8.98 27.59 3.02
CA LEU B 114 -8.49 26.85 4.17
C LEU B 114 -7.36 25.93 3.77
N SER B 115 -7.61 25.04 2.80
CA SER B 115 -6.56 24.21 2.23
C SER B 115 -5.34 25.05 1.84
N TYR B 116 -5.59 26.21 1.21
CA TYR B 116 -4.51 27.13 0.85
C TYR B 116 -3.67 27.51 2.06
N LEU B 117 -4.33 27.96 3.13
CA LEU B 117 -3.64 28.38 4.34
C LEU B 117 -2.66 27.33 4.81
N GLY B 118 -3.10 26.07 4.83
CA GLY B 118 -2.28 25.01 5.37
C GLY B 118 -1.11 24.67 4.47
N LEU B 119 -1.36 24.66 3.15
CA LEU B 119 -0.29 24.32 2.22
C LEU B 119 0.82 25.37 2.26
N VAL B 120 0.47 26.63 2.54
CA VAL B 120 1.48 27.67 2.67
C VAL B 120 2.40 27.35 3.85
N GLU B 121 1.80 27.08 5.01
CA GLU B 121 2.58 26.74 6.20
C GLU B 121 3.52 25.57 5.95
N THR B 122 2.99 24.50 5.33
CA THR B 122 3.76 23.28 5.14
C THR B 122 4.95 23.52 4.22
N LEU B 123 4.76 24.28 3.14
CA LEU B 123 5.85 24.50 2.21
C LEU B 123 6.91 25.42 2.79
N HIS B 124 6.49 26.52 3.41
CA HIS B 124 7.49 27.43 3.93
C HIS B 124 8.15 26.88 5.19
N GLY B 125 7.40 26.17 6.02
CA GLY B 125 7.90 25.75 7.31
C GLY B 125 8.69 24.45 7.37
N TYR B 126 8.82 23.72 6.26
CA TYR B 126 9.53 22.45 6.22
C TYR B 126 10.63 22.51 5.18
N PRO B 127 11.63 21.60 5.27
CA PRO B 127 12.74 21.65 4.30
C PRO B 127 12.37 21.15 2.92
N ILE B 128 11.56 21.88 2.19
CA ILE B 128 11.05 21.46 0.90
C ILE B 128 11.54 22.42 -0.18
N ASP B 129 12.16 21.88 -1.22
CA ASP B 129 12.83 22.69 -2.25
C ASP B 129 12.00 22.88 -3.50
N ALA B 130 11.06 21.99 -3.76
CA ALA B 130 10.10 22.15 -4.85
C ALA B 130 8.87 21.31 -4.48
N VAL B 131 7.82 21.41 -5.29
CA VAL B 131 6.60 20.66 -4.98
C VAL B 131 5.90 20.21 -6.25
N VAL B 132 5.38 18.98 -6.21
CA VAL B 132 4.42 18.48 -7.18
C VAL B 132 3.04 18.62 -6.55
N LEU B 133 2.19 19.42 -7.17
CA LEU B 133 0.81 19.59 -6.75
C LEU B 133 -0.07 18.58 -7.46
N THR B 134 -0.56 17.58 -6.73
CA THR B 134 -1.62 16.76 -7.29
C THR B 134 -2.92 17.55 -7.29
N THR B 135 -3.68 17.42 -8.37
CA THR B 135 -4.94 18.15 -8.49
C THR B 135 -5.98 17.21 -9.07
N GLY B 136 -7.23 17.66 -9.00
CA GLY B 136 -8.37 16.90 -9.49
C GLY B 136 -9.68 17.63 -9.23
N CYS B 137 -10.31 17.37 -8.08
CA CYS B 137 -11.57 18.01 -7.73
C CYS B 137 -11.46 19.52 -7.86
N ASP B 138 -12.57 20.15 -8.29
CA ASP B 138 -12.69 21.60 -8.52
C ASP B 138 -11.66 22.48 -7.79
N THR B 140 -9.19 21.99 -5.66
CA THR B 140 -7.82 21.58 -5.35
C THR B 140 -6.79 22.16 -6.31
N THR B 141 -7.17 22.40 -7.57
CA THR B 141 -6.23 23.01 -8.51
C THR B 141 -5.86 24.44 -8.10
N PRO B 142 -6.81 25.38 -7.98
CA PRO B 142 -6.40 26.74 -7.58
C PRO B 142 -5.78 26.79 -6.18
N ALA B 143 -6.30 26.02 -5.22
CA ALA B 143 -5.77 26.03 -3.86
C ALA B 143 -4.27 25.74 -3.84
N GLY B 144 -3.84 24.69 -4.53
CA GLY B 144 -2.43 24.35 -4.55
C GLY B 144 -1.62 25.36 -5.34
N ILE B 145 -2.17 25.83 -6.47
CA ILE B 145 -1.46 26.82 -7.26
C ILE B 145 -1.34 28.14 -6.49
N MET B 146 -2.42 28.57 -5.84
CA MET B 146 -2.36 29.79 -5.01
C MET B 146 -1.24 29.69 -3.99
N ALA B 147 -1.18 28.56 -3.27
CA ALA B 147 -0.21 28.38 -2.20
C ALA B 147 1.21 28.29 -2.75
N ALA B 148 1.43 27.50 -3.80
CA ALA B 148 2.77 27.40 -4.37
C ALA B 148 3.27 28.75 -4.85
N THR B 149 2.35 29.68 -5.17
CA THR B 149 2.71 31.01 -5.62
C THR B 149 3.10 31.90 -4.45
N THR B 150 2.27 31.94 -3.40
CA THR B 150 2.63 32.68 -2.20
C THR B 150 4.01 32.30 -1.70
N VAL B 151 4.31 31.00 -1.67
CA VAL B 151 5.61 30.56 -1.18
C VAL B 151 6.68 30.75 -2.25
N ASN B 152 6.34 30.41 -3.49
CA ASN B 152 7.21 30.63 -4.65
C ASN B 152 8.49 29.80 -4.54
N ILE B 153 8.29 28.48 -4.49
CA ILE B 153 9.35 27.50 -4.71
C ILE B 153 8.98 26.82 -6.02
N PRO B 154 9.94 26.29 -6.78
CA PRO B 154 9.59 25.60 -8.03
C PRO B 154 8.43 24.62 -7.83
N ALA B 155 7.51 24.59 -8.80
CA ALA B 155 6.28 23.84 -8.63
C ALA B 155 5.82 23.31 -9.99
N ILE B 156 4.95 22.30 -9.93
CA ILE B 156 4.37 21.71 -11.13
C ILE B 156 3.10 20.99 -10.70
N VAL B 157 2.11 20.99 -11.59
CA VAL B 157 0.78 20.45 -11.32
C VAL B 157 0.68 19.07 -11.96
N LEU B 158 0.11 18.12 -11.24
CA LEU B 158 -0.20 16.82 -11.82
C LEU B 158 -1.71 16.60 -11.68
N SER B 159 -2.41 16.66 -12.80
CA SER B 159 -3.85 16.43 -12.77
C SER B 159 -4.10 14.94 -12.66
N GLY B 160 -5.26 14.58 -12.12
CA GLY B 160 -5.59 13.17 -11.98
C GLY B 160 -6.36 12.68 -13.18
N GLY B 161 -7.14 13.57 -13.81
CA GLY B 161 -7.89 13.22 -14.99
C GLY B 161 -9.33 12.86 -14.70
N PRO B 162 -10.20 13.02 -15.70
CA PRO B 162 -11.62 12.66 -15.52
C PRO B 162 -11.81 11.16 -15.42
N MET B 163 -12.97 10.78 -14.89
CA MET B 163 -13.42 9.40 -14.95
C MET B 163 -13.63 8.96 -16.39
N LEU B 164 -13.92 7.68 -16.56
CA LEU B 164 -14.24 7.14 -17.86
C LEU B 164 -15.62 7.64 -18.32
N ASP B 165 -15.93 7.40 -19.59
CA ASP B 165 -17.27 7.66 -20.12
C ASP B 165 -18.31 6.87 -19.34
N GLY B 166 -19.36 7.54 -18.88
CA GLY B 166 -20.53 6.87 -18.34
C GLY B 166 -21.55 6.52 -19.41
N TRP B 167 -22.20 5.37 -19.26
CA TRP B 167 -23.31 4.96 -20.13
C TRP B 167 -24.44 4.41 -19.27
N HIS B 168 -25.66 4.87 -19.54
CA HIS B 168 -26.87 4.34 -18.91
C HIS B 168 -27.88 4.01 -19.99
N GLU B 169 -28.01 2.71 -20.30
CA GLU B 169 -28.96 2.11 -21.26
C GLU B 169 -28.52 2.27 -22.72
N ASN B 170 -27.25 2.64 -22.96
CA ASN B 170 -26.63 2.95 -24.25
C ASN B 170 -26.60 4.46 -24.49
N GLU B 171 -26.84 5.25 -23.43
CA GLU B 171 -26.80 6.71 -23.49
C GLU B 171 -25.52 7.22 -22.83
N LEU B 172 -24.87 8.19 -23.49
CA LEU B 172 -23.74 8.91 -22.91
C LEU B 172 -24.24 9.78 -21.76
N VAL B 173 -23.97 9.38 -20.52
CA VAL B 173 -24.45 10.08 -19.33
C VAL B 173 -23.24 10.64 -18.59
N GLY B 174 -23.14 11.97 -18.55
CA GLY B 174 -21.96 12.64 -18.03
C GLY B 174 -22.16 13.16 -16.61
N SER B 175 -21.12 13.02 -15.78
CA SER B 175 -21.27 13.33 -14.36
C SER B 175 -21.57 14.81 -14.17
N GLY B 176 -22.53 15.10 -13.31
CA GLY B 176 -22.93 16.47 -13.05
C GLY B 176 -24.17 16.85 -13.83
N THR B 177 -24.03 16.93 -15.15
CA THR B 177 -25.17 17.25 -16.01
C THR B 177 -26.27 16.20 -15.90
N VAL B 178 -25.95 14.97 -15.51
CA VAL B 178 -26.98 13.95 -15.36
C VAL B 178 -27.92 14.29 -14.23
N ILE B 179 -27.41 15.00 -13.22
CA ILE B 179 -28.27 15.43 -12.11
C ILE B 179 -29.28 16.47 -12.62
N TRP B 180 -28.80 17.52 -13.27
CA TRP B 180 -29.68 18.59 -13.72
C TRP B 180 -30.72 18.06 -14.70
N ARG B 181 -30.32 17.19 -15.62
CA ARG B 181 -31.28 16.61 -16.56
C ARG B 181 -32.29 15.74 -15.83
N SER B 182 -31.84 14.87 -14.91
CA SER B 182 -32.78 14.03 -14.19
C SER B 182 -33.64 14.80 -13.21
N ARG B 183 -33.21 16.00 -12.78
CA ARG B 183 -34.09 16.82 -11.96
C ARG B 183 -35.31 17.26 -12.75
N ARG B 184 -35.10 17.61 -14.02
CA ARG B 184 -36.20 17.95 -14.90
C ARG B 184 -37.05 16.72 -15.21
N LYS B 185 -36.42 15.65 -15.69
CA LYS B 185 -37.13 14.42 -16.04
C LYS B 185 -37.94 13.84 -14.89
N LEU B 186 -37.78 14.36 -13.68
CA LEU B 186 -38.54 13.87 -12.53
C LEU B 186 -39.66 14.82 -12.13
N ALA B 187 -39.46 16.14 -12.29
CA ALA B 187 -40.55 17.09 -12.12
C ALA B 187 -41.69 16.80 -13.10
N ALA B 188 -41.36 16.44 -14.33
CA ALA B 188 -42.34 15.95 -15.31
C ALA B 188 -42.64 14.46 -15.14
N GLY B 189 -42.20 13.86 -14.05
CA GLY B 189 -42.63 12.51 -13.67
C GLY B 189 -42.37 11.44 -14.70
N GLU B 190 -41.26 11.53 -15.44
CA GLU B 190 -40.94 10.56 -16.48
C GLU B 190 -39.93 9.49 -16.08
N ILE B 191 -39.30 9.62 -14.91
CA ILE B 191 -38.41 8.58 -14.38
C ILE B 191 -38.64 8.46 -12.90
N THR B 192 -38.42 7.26 -12.37
CA THR B 192 -38.80 6.97 -10.99
C THR B 192 -37.88 7.68 -10.01
N GLU B 193 -38.01 7.31 -8.73
CA GLU B 193 -37.09 7.77 -7.70
C GLU B 193 -35.76 7.04 -7.78
N GLU B 194 -35.77 5.81 -8.32
CA GLU B 194 -34.62 4.90 -8.26
C GLU B 194 -33.74 4.96 -9.50
N GLU B 195 -34.33 5.15 -10.70
CA GLU B 195 -33.51 5.40 -11.88
C GLU B 195 -32.75 6.72 -11.80
N PHE B 196 -33.23 7.67 -11.00
CA PHE B 196 -32.43 8.86 -10.72
C PHE B 196 -31.11 8.48 -10.05
N ILE B 197 -31.18 7.63 -9.03
CA ILE B 197 -29.98 7.13 -8.38
C ILE B 197 -29.16 6.31 -9.36
N ASP B 198 -29.81 5.44 -10.14
CA ASP B 198 -29.10 4.55 -11.05
C ASP B 198 -28.46 5.30 -12.22
N ARG B 199 -29.10 6.37 -12.69
CA ARG B 199 -28.49 7.19 -13.74
C ARG B 199 -27.29 7.95 -13.20
N ALA B 200 -27.40 8.53 -12.00
CA ALA B 200 -26.26 9.19 -11.38
C ALA B 200 -25.13 8.20 -11.14
N ALA B 201 -25.46 6.98 -10.71
CA ALA B 201 -24.45 5.94 -10.53
C ALA B 201 -23.77 5.60 -11.84
N SER B 202 -24.53 5.44 -12.91
CA SER B 202 -23.93 5.09 -14.20
C SER B 202 -23.02 6.20 -14.72
N SER B 203 -23.16 7.41 -14.21
CA SER B 203 -22.32 8.54 -14.59
C SER B 203 -20.95 8.50 -13.93
N ALA B 204 -20.71 7.50 -13.07
CA ALA B 204 -19.50 7.41 -12.26
C ALA B 204 -18.87 6.03 -12.47
N PRO B 205 -18.21 5.82 -13.60
CA PRO B 205 -17.78 4.45 -13.95
C PRO B 205 -16.40 4.03 -13.47
N SER B 206 -15.55 4.98 -13.08
CA SER B 206 -14.16 4.70 -12.79
C SER B 206 -13.66 5.70 -11.76
N ALA B 207 -12.37 5.60 -11.43
CA ALA B 207 -11.74 6.67 -10.68
C ALA B 207 -11.57 7.90 -11.59
N GLY B 208 -11.37 9.04 -10.96
CA GLY B 208 -11.25 10.31 -11.66
C GLY B 208 -12.29 11.32 -11.19
N HIS B 209 -12.14 12.54 -11.70
CA HIS B 209 -13.06 13.62 -11.40
C HIS B 209 -14.19 13.66 -12.44
N CYS B 210 -14.99 14.73 -12.44
CA CYS B 210 -16.15 14.81 -13.30
C CYS B 210 -15.75 14.75 -14.77
N ASN B 211 -16.38 13.85 -15.53
CA ASN B 211 -15.97 13.54 -16.89
C ASN B 211 -16.63 14.44 -17.91
N THR B 212 -17.30 15.49 -17.48
CA THR B 212 -17.79 16.55 -18.34
C THR B 212 -16.88 17.76 -18.21
N MET B 213 -17.07 18.72 -19.10
CA MET B 213 -16.31 19.97 -19.03
C MET B 213 -16.79 20.80 -17.85
N GLY B 214 -16.77 20.20 -16.65
CA GLY B 214 -17.09 20.91 -15.43
C GLY B 214 -15.92 21.75 -14.97
N THR B 215 -15.93 22.04 -13.67
CA THR B 215 -14.91 22.93 -13.09
C THR B 215 -13.55 22.24 -13.03
N ALA B 216 -13.54 20.95 -12.72
CA ALA B 216 -12.29 20.20 -12.63
C ALA B 216 -11.56 20.18 -13.98
N SER B 217 -12.24 19.68 -15.03
CA SER B 217 -11.59 19.66 -16.35
C SER B 217 -11.19 21.06 -16.77
N THR B 218 -12.01 22.07 -16.42
CA THR B 218 -11.69 23.44 -16.79
C THR B 218 -10.43 23.91 -16.10
N MET B 219 -10.37 23.70 -14.78
CA MET B 219 -9.23 24.21 -14.04
C MET B 219 -7.96 23.43 -14.37
N ASN B 220 -8.08 22.14 -14.67
CA ASN B 220 -6.91 21.35 -15.03
C ASN B 220 -6.37 21.74 -16.40
N ALA B 221 -7.26 21.98 -17.35
CA ALA B 221 -6.84 22.61 -18.60
C ALA B 221 -6.30 24.03 -18.35
N VAL B 222 -6.85 24.75 -17.36
CA VAL B 222 -6.30 26.07 -17.05
C VAL B 222 -4.86 25.94 -16.56
N ALA B 223 -4.58 24.92 -15.75
CA ALA B 223 -3.22 24.71 -15.28
C ALA B 223 -2.28 24.44 -16.44
N GLU B 224 -2.73 23.65 -17.42
CA GLU B 224 -1.91 23.43 -18.61
C GLU B 224 -1.71 24.74 -19.37
N ALA B 225 -2.78 25.53 -19.52
CA ALA B 225 -2.70 26.77 -20.29
C ALA B 225 -1.80 27.80 -19.63
N LEU B 226 -1.74 27.81 -18.30
CA LEU B 226 -0.83 28.72 -17.61
C LEU B 226 0.62 28.30 -17.77
N GLY B 227 0.89 27.15 -18.39
CA GLY B 227 2.23 26.61 -18.44
C GLY B 227 2.69 25.97 -17.16
N LEU B 228 1.76 25.53 -16.31
CA LEU B 228 2.07 24.99 -15.00
C LEU B 228 2.14 23.46 -14.96
N SER B 229 1.66 22.78 -16.00
CA SER B 229 1.78 21.33 -16.10
C SER B 229 2.43 20.98 -17.43
N LEU B 230 2.81 19.72 -17.60
CA LEU B 230 3.38 19.29 -18.87
C LEU B 230 2.29 19.22 -19.95
N THR B 231 2.74 19.18 -21.20
CA THR B 231 1.84 19.24 -22.35
C THR B 231 1.05 17.95 -22.47
N GLY B 232 -0.27 18.04 -22.37
CA GLY B 232 -1.13 16.88 -22.42
C GLY B 232 -1.56 16.38 -21.06
N CYS B 233 -1.11 17.03 -19.98
CA CYS B 233 -1.38 16.52 -18.64
C CYS B 233 -2.84 16.63 -18.24
N ALA B 234 -3.57 17.61 -18.76
CA ALA B 234 -4.84 17.94 -18.12
C ALA B 234 -5.89 16.86 -18.35
N ALA B 235 -6.00 16.33 -19.56
CA ALA B 235 -7.20 15.62 -19.94
C ALA B 235 -7.04 14.11 -20.03
N ILE B 236 -5.90 13.56 -19.62
CA ILE B 236 -5.72 12.10 -19.65
C ILE B 236 -6.70 11.49 -18.67
N PRO B 237 -7.62 10.63 -19.12
CA PRO B 237 -8.52 9.95 -18.17
C PRO B 237 -7.74 9.25 -17.07
N ALA B 238 -8.22 9.39 -15.84
CA ALA B 238 -7.47 8.90 -14.69
C ALA B 238 -7.01 7.45 -14.83
N PRO B 239 -7.85 6.48 -15.24
CA PRO B 239 -7.40 5.09 -15.28
C PRO B 239 -6.52 4.74 -16.48
N TYR B 240 -6.22 5.65 -17.39
CA TYR B 240 -5.31 5.35 -18.49
C TYR B 240 -3.87 5.23 -17.98
N ARG B 241 -3.16 4.21 -18.48
CA ARG B 241 -1.75 4.11 -18.15
C ARG B 241 -0.94 5.30 -18.64
N GLU B 242 -1.44 6.01 -19.67
CA GLU B 242 -0.91 7.31 -20.04
C GLU B 242 -0.81 8.26 -18.85
N ARG B 243 -1.75 8.15 -17.90
CA ARG B 243 -1.73 9.02 -16.73
C ARG B 243 -0.64 8.60 -15.76
N GLY B 244 -0.39 7.29 -15.66
CA GLY B 244 0.75 6.84 -14.88
C GLY B 244 2.05 7.35 -15.47
N GLN B 245 2.20 7.22 -16.78
CA GLN B 245 3.42 7.68 -17.44
C GLN B 245 3.63 9.18 -17.24
N MET B 246 2.57 9.97 -17.37
CA MET B 246 2.69 11.41 -17.15
C MET B 246 3.13 11.72 -15.71
N ALA B 247 2.64 10.92 -14.75
CA ALA B 247 3.07 11.09 -13.36
C ALA B 247 4.58 10.90 -13.21
N TYR B 248 5.13 9.89 -13.89
CA TYR B 248 6.57 9.70 -13.92
C TYR B 248 7.28 10.91 -14.50
N LYS B 249 6.80 11.39 -15.66
CA LYS B 249 7.47 12.51 -16.31
C LYS B 249 7.38 13.77 -15.45
N THR B 250 6.20 14.07 -14.91
CA THR B 250 6.10 15.17 -13.95
C THR B 250 7.08 14.96 -12.79
N GLY B 251 7.24 13.71 -12.35
CA GLY B 251 8.20 13.45 -11.29
C GLY B 251 9.62 13.81 -11.69
N GLN B 252 10.03 13.40 -12.90
CA GLN B 252 11.36 13.77 -13.39
C GLN B 252 11.49 15.28 -13.54
N ARG B 253 10.49 15.92 -14.14
CA ARG B 253 10.63 17.32 -14.52
C ARG B 253 10.81 18.23 -13.30
N ILE B 254 10.23 17.88 -12.14
CA ILE B 254 10.25 18.81 -11.02
C ILE B 254 11.66 18.94 -10.46
N VAL B 255 12.46 17.87 -10.54
CA VAL B 255 13.86 17.97 -10.16
C VAL B 255 14.58 18.99 -11.04
N ASP B 256 14.30 18.97 -12.35
CA ASP B 256 14.86 19.95 -13.27
C ASP B 256 14.46 21.36 -12.89
N LEU B 257 13.18 21.57 -12.54
CA LEU B 257 12.72 22.89 -12.13
C LEU B 257 13.42 23.36 -10.86
N ALA B 258 13.82 22.43 -9.99
CA ALA B 258 14.49 22.83 -8.76
C ALA B 258 15.89 23.37 -9.06
N TYR B 259 16.62 22.66 -9.92
CA TYR B 259 17.98 23.06 -10.26
C TYR B 259 18.00 24.28 -11.15
N ASP B 260 17.07 24.39 -12.09
CA ASP B 260 17.00 25.58 -12.91
C ASP B 260 16.24 26.72 -12.22
N ASP B 261 15.73 26.51 -11.01
CA ASP B 261 15.06 27.55 -10.20
C ASP B 261 13.92 28.23 -10.95
N VAL B 262 12.99 27.44 -11.46
CA VAL B 262 11.88 27.92 -12.29
C VAL B 262 10.67 28.00 -11.38
N LYS B 263 10.43 29.18 -10.82
CA LYS B 263 9.45 29.40 -9.78
C LYS B 263 8.09 29.79 -10.37
N PRO B 264 7.01 29.72 -9.57
CA PRO B 264 5.71 30.19 -10.07
C PRO B 264 5.69 31.62 -10.57
N LEU B 265 6.25 32.57 -9.82
CA LEU B 265 6.23 33.96 -10.30
C LEU B 265 6.98 34.15 -11.61
N ASP B 266 7.93 33.26 -11.94
CA ASP B 266 8.57 33.31 -13.24
C ASP B 266 7.61 32.92 -14.36
N ILE B 267 6.58 32.13 -14.05
CA ILE B 267 5.68 31.62 -15.08
C ILE B 267 4.32 32.30 -15.06
N LEU B 268 3.83 32.75 -13.90
CA LEU B 268 2.47 33.28 -13.78
C LEU B 268 2.47 34.78 -14.06
N THR B 269 2.54 35.11 -15.35
CA THR B 269 2.48 36.47 -15.85
C THR B 269 1.10 36.78 -16.41
N LYS B 270 0.81 38.09 -16.52
CA LYS B 270 -0.43 38.53 -17.15
C LYS B 270 -0.65 37.83 -18.48
N GLN B 271 0.42 37.70 -19.28
CA GLN B 271 0.32 36.99 -20.55
C GLN B 271 -0.22 35.58 -20.34
N ALA B 272 0.42 34.81 -19.45
CA ALA B 272 0.00 33.43 -19.20
C ALA B 272 -1.47 33.38 -18.76
N PHE B 273 -1.86 34.28 -17.86
CA PHE B 273 -3.24 34.26 -17.41
C PHE B 273 -4.21 34.56 -18.54
N GLU B 274 -3.82 35.43 -19.49
CA GLU B 274 -4.69 35.76 -20.61
C GLU B 274 -5.03 34.53 -21.44
N ASN B 275 -4.04 33.66 -21.66
CA ASN B 275 -4.25 32.45 -22.44
C ASN B 275 -5.17 31.47 -21.73
N ALA B 276 -5.02 31.35 -20.41
CA ALA B 276 -6.00 30.62 -19.62
C ALA B 276 -7.40 31.13 -19.92
N ILE B 277 -7.59 32.44 -19.80
CA ILE B 277 -8.88 33.03 -20.12
C ILE B 277 -9.30 32.68 -21.54
N ALA B 278 -8.37 32.76 -22.50
CA ALA B 278 -8.69 32.40 -23.89
C ALA B 278 -9.13 30.95 -24.00
N LEU B 279 -8.47 30.04 -23.27
CA LEU B 279 -8.81 28.64 -23.36
C LEU B 279 -10.15 28.34 -22.69
N VAL B 280 -10.41 28.95 -21.52
CA VAL B 280 -11.67 28.70 -20.82
C VAL B 280 -12.85 28.95 -21.75
N ALA B 281 -12.84 30.11 -22.40
CA ALA B 281 -13.91 30.45 -23.33
C ALA B 281 -13.96 29.46 -24.48
N ALA B 282 -12.81 29.18 -25.11
CA ALA B 282 -12.75 28.35 -26.30
C ALA B 282 -13.18 26.91 -26.04
N ALA B 283 -13.14 26.48 -24.78
CA ALA B 283 -13.39 25.10 -24.42
C ALA B 283 -14.79 24.87 -23.87
N GLY B 284 -15.52 25.93 -23.56
CA GLY B 284 -16.81 25.74 -22.90
C GLY B 284 -16.64 25.63 -21.41
N GLY B 285 -15.77 26.46 -20.84
CA GLY B 285 -15.34 26.32 -19.47
C GLY B 285 -16.41 26.69 -18.47
N SER B 286 -16.12 26.34 -17.22
CA SER B 286 -17.03 26.55 -16.12
C SER B 286 -16.95 27.98 -15.64
N THR B 287 -18.11 28.51 -15.20
CA THR B 287 -18.18 29.86 -14.66
C THR B 287 -17.27 30.02 -13.45
N ASN B 288 -17.10 28.96 -12.66
CA ASN B 288 -16.25 29.04 -11.47
C ASN B 288 -14.78 29.25 -11.81
N ALA B 289 -14.40 29.13 -13.07
CA ALA B 289 -13.04 29.44 -13.47
C ALA B 289 -12.71 30.90 -13.20
N GLN B 290 -13.66 31.80 -13.46
CA GLN B 290 -13.39 33.23 -13.27
C GLN B 290 -12.96 33.54 -11.84
N PRO B 291 -13.70 33.16 -10.79
CA PRO B 291 -13.21 33.43 -9.42
C PRO B 291 -11.82 32.86 -9.18
N HIS B 292 -11.60 31.60 -9.55
CA HIS B 292 -10.29 30.97 -9.31
C HIS B 292 -9.19 31.68 -10.09
N ILE B 293 -9.44 31.98 -11.37
CA ILE B 293 -8.41 32.64 -12.17
C ILE B 293 -8.05 34.00 -11.57
N VAL B 294 -9.05 34.71 -11.03
CA VAL B 294 -8.75 36.01 -10.41
C VAL B 294 -7.95 35.79 -9.14
N ALA B 295 -8.35 34.81 -8.33
CA ALA B 295 -7.64 34.52 -7.08
C ALA B 295 -6.19 34.14 -7.36
N MET B 296 -5.97 33.27 -8.35
CA MET B 296 -4.61 32.88 -8.70
C MET B 296 -3.81 34.07 -9.20
N ALA B 297 -4.47 34.97 -9.94
CA ALA B 297 -3.76 36.12 -10.47
C ALA B 297 -3.36 37.08 -9.34
N ARG B 298 -4.27 37.30 -8.38
CA ARG B 298 -3.96 38.21 -7.30
C ARG B 298 -2.85 37.68 -6.40
N HIS B 299 -2.76 36.37 -6.21
CA HIS B 299 -1.66 35.83 -5.42
C HIS B 299 -0.34 35.82 -6.19
N ALA B 300 -0.38 35.95 -7.52
CA ALA B 300 0.82 36.18 -8.31
C ALA B 300 1.09 37.66 -8.52
N GLY B 301 0.41 38.53 -7.76
CA GLY B 301 0.54 39.97 -7.91
C GLY B 301 0.10 40.50 -9.26
N VAL B 302 -0.91 39.89 -9.87
CA VAL B 302 -1.35 40.22 -11.21
C VAL B 302 -2.80 40.66 -11.15
N GLU B 303 -3.09 41.83 -11.72
CA GLU B 303 -4.45 42.35 -11.78
C GLU B 303 -5.11 41.84 -13.05
N ILE B 304 -6.36 41.38 -12.91
CA ILE B 304 -7.14 40.92 -14.06
C ILE B 304 -8.56 41.42 -13.89
N THR B 305 -9.01 42.26 -14.84
CA THR B 305 -10.21 43.07 -14.73
C THR B 305 -11.38 42.48 -15.51
N ALA B 306 -12.55 43.12 -15.37
CA ALA B 306 -13.71 42.72 -16.16
C ALA B 306 -13.45 42.89 -17.65
N ASP B 307 -12.57 43.84 -18.02
CA ASP B 307 -12.24 44.02 -19.42
C ASP B 307 -11.36 42.88 -19.93
N ASP B 308 -10.47 42.35 -19.07
CA ASP B 308 -9.71 41.18 -19.43
C ASP B 308 -10.64 40.00 -19.74
N TRP B 309 -11.79 39.95 -19.08
CA TRP B 309 -12.78 38.93 -19.39
C TRP B 309 -13.54 39.27 -20.66
N ARG B 310 -13.89 40.54 -20.84
CA ARG B 310 -14.60 40.96 -22.05
C ARG B 310 -13.80 40.60 -23.30
N ALA B 311 -12.48 40.85 -23.28
CA ALA B 311 -11.62 40.54 -24.42
C ALA B 311 -11.63 39.07 -24.82
N ALA B 312 -12.36 38.21 -24.11
CA ALA B 312 -12.48 36.80 -24.45
C ALA B 312 -13.90 36.40 -24.79
N TYR B 313 -14.79 37.36 -25.06
CA TYR B 313 -16.20 37.04 -25.28
C TYR B 313 -16.44 36.50 -26.69
N ASP B 314 -15.66 36.94 -27.67
CA ASP B 314 -15.88 36.58 -29.05
C ASP B 314 -15.09 35.34 -29.49
N ILE B 315 -14.57 34.57 -28.55
CA ILE B 315 -13.86 33.32 -28.88
C ILE B 315 -14.87 32.19 -29.04
N PRO B 316 -14.79 31.43 -30.12
CA PRO B 316 -15.86 30.47 -30.43
C PRO B 316 -15.74 29.18 -29.63
N LEU B 317 -16.89 28.54 -29.48
CA LEU B 317 -16.94 27.23 -28.84
C LEU B 317 -16.32 26.19 -29.76
N ILE B 318 -15.24 25.58 -29.29
CA ILE B 318 -14.46 24.66 -30.11
C ILE B 318 -14.58 23.22 -29.63
N VAL B 319 -14.92 22.99 -28.37
CA VAL B 319 -14.90 21.68 -27.72
C VAL B 319 -16.32 21.12 -27.64
N ASN B 320 -16.60 20.10 -28.46
CA ASN B 320 -17.92 19.47 -28.51
C ASN B 320 -18.07 18.53 -27.31
N MET B 321 -18.14 19.13 -26.13
CA MET B 321 -18.14 18.39 -24.88
C MET B 321 -19.29 18.85 -23.99
N GLN B 322 -19.99 17.91 -23.37
CA GLN B 322 -20.96 18.29 -22.36
C GLN B 322 -20.30 19.19 -21.31
N PRO B 323 -21.02 20.15 -20.72
CA PRO B 323 -22.46 20.40 -20.82
C PRO B 323 -22.89 21.13 -22.11
N ALA B 324 -21.96 21.84 -22.76
CA ALA B 324 -22.28 22.58 -23.98
C ALA B 324 -22.45 21.68 -25.19
N GLY B 325 -21.74 20.55 -25.24
CA GLY B 325 -21.69 19.74 -26.44
C GLY B 325 -22.16 18.30 -26.29
N LYS B 326 -21.57 17.38 -27.04
CA LYS B 326 -22.04 16.01 -27.09
C LYS B 326 -21.22 15.03 -26.26
N TYR B 327 -19.90 15.21 -26.20
CA TYR B 327 -19.02 14.13 -25.76
C TYR B 327 -18.50 14.38 -24.34
N LEU B 328 -17.79 13.38 -23.83
CA LEU B 328 -17.21 13.34 -22.49
C LEU B 328 -15.68 13.22 -22.56
N GLY B 329 -15.05 13.24 -21.38
CA GLY B 329 -13.61 13.41 -21.27
C GLY B 329 -12.78 12.44 -22.10
N GLU B 330 -13.24 11.19 -22.23
CA GLU B 330 -12.45 10.20 -22.98
C GLU B 330 -12.25 10.62 -24.42
N ARG B 331 -13.33 11.02 -25.12
CA ARG B 331 -13.21 11.48 -26.51
C ARG B 331 -12.44 12.79 -26.61
N PHE B 332 -12.59 13.68 -25.61
CA PHE B 332 -11.83 14.92 -25.63
C PHE B 332 -10.34 14.66 -25.63
N HIS B 333 -9.87 13.73 -24.78
CA HIS B 333 -8.44 13.46 -24.69
C HIS B 333 -7.93 12.83 -25.98
N ARG B 334 -8.61 11.78 -26.47
CA ARG B 334 -8.17 11.13 -27.71
C ARG B 334 -8.11 12.13 -28.87
N ALA B 335 -8.97 13.14 -28.84
CA ALA B 335 -8.98 14.17 -29.87
C ALA B 335 -7.74 15.04 -29.85
N GLY B 336 -6.94 14.99 -28.79
CA GLY B 336 -5.82 15.91 -28.60
C GLY B 336 -5.89 16.72 -27.32
N GLY B 337 -7.01 16.71 -26.60
CA GLY B 337 -7.11 17.38 -25.32
C GLY B 337 -6.78 18.86 -25.36
N ALA B 338 -6.47 19.43 -24.20
CA ALA B 338 -6.21 20.87 -24.11
C ALA B 338 -5.10 21.37 -25.04
N PRO B 339 -4.06 20.59 -25.38
CA PRO B 339 -3.14 21.06 -26.42
C PRO B 339 -3.82 21.39 -27.75
N ALA B 340 -4.76 20.56 -28.20
CA ALA B 340 -5.44 20.82 -29.46
C ALA B 340 -6.27 22.11 -29.42
N VAL B 341 -6.87 22.40 -28.26
CA VAL B 341 -7.63 23.64 -28.11
C VAL B 341 -6.68 24.83 -28.10
N LEU B 342 -5.60 24.74 -27.32
CA LEU B 342 -4.59 25.80 -27.34
C LEU B 342 -4.04 25.99 -28.75
N TRP B 343 -4.02 24.94 -29.55
CA TRP B 343 -3.43 25.02 -30.89
C TRP B 343 -4.31 25.85 -31.83
N GLU B 344 -5.64 25.69 -31.72
CA GLU B 344 -6.55 26.53 -32.50
C GLU B 344 -6.26 28.01 -32.25
N LEU B 345 -6.14 28.40 -30.98
CA LEU B 345 -5.96 29.81 -30.65
C LEU B 345 -4.60 30.32 -31.08
N LEU B 346 -3.57 29.47 -31.08
CA LEU B 346 -2.25 29.91 -31.51
C LEU B 346 -2.22 30.18 -33.01
N GLN B 347 -3.02 29.46 -33.78
CA GLN B 347 -3.12 29.73 -35.21
C GLN B 347 -3.87 31.03 -35.51
N GLN B 348 -4.71 31.49 -34.59
CA GLN B 348 -5.47 32.72 -34.75
C GLN B 348 -4.89 33.88 -33.96
N GLY B 349 -3.61 33.83 -33.61
CA GLY B 349 -2.97 34.91 -32.89
C GLY B 349 -3.58 35.26 -31.53
N ARG B 350 -4.55 34.45 -31.08
CA ARG B 350 -5.23 34.71 -29.81
C ARG B 350 -4.43 34.25 -28.60
N LEU B 351 -3.22 33.71 -28.78
CA LEU B 351 -2.35 33.30 -27.70
C LEU B 351 -1.02 34.05 -27.77
N HIS B 352 -0.44 34.34 -26.60
CA HIS B 352 0.95 34.75 -26.50
C HIS B 352 1.79 33.49 -26.44
N GLY B 353 2.33 33.09 -27.58
CA GLY B 353 3.03 31.84 -27.65
C GLY B 353 4.49 31.87 -27.26
N ASP B 354 4.98 32.99 -26.73
CA ASP B 354 6.38 33.09 -26.36
C ASP B 354 6.58 33.15 -24.86
N VAL B 355 5.53 32.79 -24.09
CA VAL B 355 5.61 32.74 -22.63
C VAL B 355 6.32 31.46 -22.20
N LEU B 356 6.94 31.50 -21.03
CA LEU B 356 7.65 30.36 -20.47
C LEU B 356 6.65 29.36 -19.87
N THR B 357 7.00 28.07 -19.99
CA THR B 357 6.23 27.01 -19.34
C THR B 357 7.19 26.08 -18.58
N VAL B 358 6.61 25.17 -17.80
CA VAL B 358 7.40 24.24 -17.01
C VAL B 358 8.10 23.18 -17.85
N THR B 359 7.79 23.09 -19.15
CA THR B 359 8.49 22.12 -20.00
C THR B 359 9.90 22.56 -20.37
N GLY B 360 10.27 23.81 -20.10
CA GLY B 360 11.52 24.36 -20.57
C GLY B 360 11.46 25.03 -21.93
N LYS B 361 10.36 24.88 -22.66
CA LYS B 361 10.11 25.55 -23.93
C LYS B 361 8.98 26.56 -23.75
N THR B 362 8.63 27.24 -24.84
CA THR B 362 7.52 28.19 -24.80
C THR B 362 6.24 27.52 -25.28
N MET B 363 5.11 28.11 -24.85
CA MET B 363 3.79 27.57 -25.18
C MET B 363 3.66 27.22 -26.66
N SER B 364 4.22 28.06 -27.54
CA SER B 364 4.15 27.78 -28.97
C SER B 364 5.01 26.58 -29.35
N GLU B 365 6.20 26.48 -28.75
CA GLU B 365 7.03 25.33 -29.02
C GLU B 365 6.40 24.05 -28.49
N ASN B 366 5.66 24.15 -27.39
CA ASN B 366 4.95 22.99 -26.86
C ASN B 366 3.86 22.51 -27.81
N LEU B 367 3.26 23.43 -28.56
CA LEU B 367 2.09 23.15 -29.39
C LEU B 367 2.44 22.72 -30.80
N GLN B 368 3.72 22.71 -31.17
CA GLN B 368 4.06 22.23 -32.49
C GLN B 368 3.58 20.79 -32.63
N GLY B 369 2.85 20.52 -33.70
CA GLY B 369 2.33 19.20 -33.99
C GLY B 369 1.00 18.88 -33.36
N ARG B 370 0.44 19.80 -32.58
CA ARG B 370 -0.67 19.50 -31.68
C ARG B 370 -2.05 19.76 -32.29
N GLU B 371 -2.19 19.73 -33.61
CA GLU B 371 -3.52 19.86 -34.19
C GLU B 371 -4.36 18.62 -33.86
N THR B 372 -5.64 18.85 -33.60
CA THR B 372 -6.62 17.79 -33.36
C THR B 372 -6.48 16.59 -34.30
N SER B 373 -6.92 15.42 -33.84
CA SER B 373 -7.05 14.24 -34.68
C SER B 373 -8.50 13.82 -34.87
N ASP B 374 -9.44 14.48 -34.18
CA ASP B 374 -10.86 14.15 -34.29
C ASP B 374 -11.68 15.44 -34.35
N ARG B 375 -12.15 15.79 -35.55
CA ARG B 375 -12.84 17.05 -35.74
C ARG B 375 -14.33 17.00 -35.40
N GLU B 376 -14.89 15.83 -35.10
CA GLU B 376 -16.23 15.82 -34.52
C GLU B 376 -16.22 16.08 -33.02
N VAL B 377 -15.05 16.25 -32.43
CA VAL B 377 -14.90 16.56 -31.01
C VAL B 377 -14.34 17.96 -30.81
N ILE B 378 -13.19 18.24 -31.41
CA ILE B 378 -12.58 19.56 -31.35
C ILE B 378 -12.66 20.13 -32.76
N PHE B 379 -13.50 21.24 -32.92
CA PHE B 379 -13.94 21.88 -34.14
C PHE B 379 -12.94 22.94 -34.60
N PRO B 380 -12.84 23.16 -35.92
CA PRO B 380 -11.96 24.22 -36.41
C PRO B 380 -12.49 25.60 -36.03
N TYR B 381 -11.56 26.53 -35.82
CA TYR B 381 -11.90 27.87 -35.30
C TYR B 381 -12.95 28.56 -36.16
N HIS B 382 -12.88 28.37 -37.48
CA HIS B 382 -13.73 29.11 -38.41
C HIS B 382 -14.97 28.35 -38.85
N GLU B 383 -15.14 27.12 -38.41
CA GLU B 383 -16.42 26.41 -38.48
C GLU B 383 -16.70 25.84 -37.09
N PRO B 384 -16.95 26.72 -36.10
CA PRO B 384 -17.05 26.26 -34.71
C PRO B 384 -18.40 25.67 -34.32
N LEU B 385 -18.56 25.40 -33.03
CA LEU B 385 -19.85 24.97 -32.49
C LEU B 385 -20.83 26.12 -32.41
N ALA B 386 -20.44 27.19 -31.74
CA ALA B 386 -21.25 28.39 -31.58
C ALA B 386 -20.31 29.58 -31.62
N GLU B 387 -20.87 30.77 -31.81
CA GLU B 387 -20.06 31.89 -32.28
C GLU B 387 -19.36 32.67 -31.17
N LYS B 388 -20.03 32.93 -30.05
CA LYS B 388 -19.38 33.67 -28.96
C LYS B 388 -19.70 32.93 -27.67
N ALA B 389 -18.71 32.18 -27.17
CA ALA B 389 -18.90 31.37 -25.98
C ALA B 389 -18.25 31.94 -24.73
N GLY B 390 -17.33 32.92 -24.88
CA GLY B 390 -16.73 33.61 -23.74
C GLY B 390 -17.74 34.12 -22.73
N PHE B 391 -17.29 34.46 -21.54
CA PHE B 391 -18.20 34.98 -20.54
C PHE B 391 -18.57 36.43 -20.87
N LEU B 392 -19.86 36.73 -20.79
CA LEU B 392 -20.34 38.09 -20.98
C LEU B 392 -20.52 38.74 -19.61
N VAL B 393 -19.79 39.81 -19.35
CA VAL B 393 -19.89 40.51 -18.08
C VAL B 393 -21.00 41.56 -18.15
N LEU B 394 -21.73 41.72 -17.04
CA LEU B 394 -22.94 42.53 -16.99
C LEU B 394 -22.89 43.44 -15.77
N LYS B 395 -23.01 44.75 -15.99
CA LYS B 395 -23.10 45.75 -14.95
C LYS B 395 -24.57 46.16 -14.74
N GLY B 396 -24.80 47.04 -13.79
CA GLY B 396 -26.12 47.61 -13.64
C GLY B 396 -26.35 48.12 -12.22
N ASN B 397 -27.60 48.46 -11.96
CA ASN B 397 -28.06 48.86 -10.64
C ASN B 397 -28.05 47.71 -9.64
N LEU B 398 -27.86 46.47 -10.12
CA LEU B 398 -28.00 45.29 -9.28
C LEU B 398 -26.68 44.62 -8.92
N PHE B 399 -25.60 44.90 -9.65
CA PHE B 399 -24.29 44.33 -9.32
C PHE B 399 -23.23 45.02 -10.17
N ASP B 400 -22.08 45.30 -9.55
CA ASP B 400 -20.96 45.88 -10.29
C ASP B 400 -20.32 44.87 -11.24
N PHE B 401 -20.51 43.58 -10.99
CA PHE B 401 -19.90 42.54 -11.82
C PHE B 401 -20.76 41.29 -11.77
N ALA B 402 -20.91 40.66 -12.93
CA ALA B 402 -21.51 39.33 -13.06
C ALA B 402 -21.11 38.79 -14.42
N ILE B 403 -21.38 37.50 -14.63
CA ILE B 403 -21.07 36.85 -15.89
C ILE B 403 -22.19 35.87 -16.19
N MET B 404 -22.42 35.60 -17.48
CA MET B 404 -23.45 34.67 -17.90
C MET B 404 -22.85 33.62 -18.82
N LYS B 405 -23.35 32.40 -18.71
CA LYS B 405 -22.74 31.26 -19.36
C LYS B 405 -23.21 31.22 -20.81
N SER B 406 -22.49 31.96 -21.64
CA SER B 406 -22.83 32.03 -23.06
C SER B 406 -22.81 30.65 -23.71
N SER B 407 -21.86 29.79 -23.35
CA SER B 407 -21.69 28.56 -24.12
C SER B 407 -22.93 27.64 -24.05
N VAL B 408 -23.76 27.77 -23.02
CA VAL B 408 -24.85 26.81 -22.82
C VAL B 408 -26.22 27.38 -23.21
N ILE B 409 -26.28 28.50 -23.93
CA ILE B 409 -27.56 29.02 -24.41
C ILE B 409 -28.12 28.02 -25.44
N GLY B 410 -29.25 27.40 -25.10
CA GLY B 410 -29.94 26.52 -26.02
C GLY B 410 -30.41 27.29 -27.25
N GLU B 411 -30.79 26.54 -28.29
CA GLU B 411 -31.36 27.18 -29.48
C GLU B 411 -32.76 27.70 -29.21
N GLU B 412 -33.55 26.97 -28.40
CA GLU B 412 -34.89 27.43 -28.06
C GLU B 412 -34.88 28.52 -27.00
N PHE B 413 -33.86 28.55 -26.14
CA PHE B 413 -33.70 29.71 -25.26
C PHE B 413 -33.45 30.98 -26.07
N ARG B 414 -32.74 30.85 -27.20
CA ARG B 414 -32.53 32.02 -28.05
C ARG B 414 -33.81 32.45 -28.73
N LYS B 415 -34.50 31.50 -29.40
CA LYS B 415 -35.69 31.79 -30.18
C LYS B 415 -36.80 32.44 -29.35
N ARG B 416 -36.70 32.40 -28.03
CA ARG B 416 -37.80 32.83 -27.17
C ARG B 416 -37.51 34.08 -26.35
N TYR B 417 -36.26 34.33 -25.93
CA TYR B 417 -35.98 35.55 -25.20
C TYR B 417 -35.16 36.56 -25.97
N LEU B 418 -34.49 36.15 -27.05
CA LEU B 418 -33.92 37.10 -27.99
C LEU B 418 -34.24 36.66 -29.42
N SER B 419 -35.35 37.18 -29.93
CA SER B 419 -35.70 37.02 -31.34
C SER B 419 -36.58 38.18 -31.78
N GLN B 420 -36.93 39.04 -30.85
CA GLN B 420 -37.73 40.23 -31.14
C GLN B 420 -37.01 41.08 -32.18
N PRO B 421 -37.57 41.22 -33.39
CA PRO B 421 -36.77 41.67 -34.54
C PRO B 421 -36.13 43.05 -34.34
N GLY B 422 -36.83 43.98 -33.69
CA GLY B 422 -36.24 45.29 -33.49
C GLY B 422 -35.11 45.28 -32.47
N GLN B 423 -35.40 44.76 -31.27
CA GLN B 423 -34.43 44.72 -30.17
C GLN B 423 -33.80 43.33 -30.15
N GLU B 424 -32.65 43.20 -30.81
CA GLU B 424 -31.86 41.96 -30.82
C GLU B 424 -30.71 42.14 -29.84
N GLY B 425 -30.88 41.58 -28.64
CA GLY B 425 -29.96 41.73 -27.54
C GLY B 425 -30.70 41.99 -26.25
N VAL B 426 -31.89 42.60 -26.34
CA VAL B 426 -32.62 43.03 -25.15
C VAL B 426 -33.81 42.09 -24.92
N PHE B 427 -34.17 41.95 -23.66
CA PHE B 427 -35.44 41.35 -23.28
C PHE B 427 -35.78 41.86 -21.89
N GLU B 428 -36.98 41.52 -21.43
CA GLU B 428 -37.39 41.90 -20.08
C GLU B 428 -38.18 40.75 -19.48
N ALA B 429 -38.08 40.63 -18.16
CA ALA B 429 -38.69 39.51 -17.45
C ALA B 429 -39.11 39.93 -16.06
N ARG B 430 -40.10 39.21 -15.54
CA ARG B 430 -40.63 39.47 -14.21
C ARG B 430 -39.81 38.72 -13.17
N ALA B 431 -39.28 39.44 -12.19
CA ALA B 431 -38.43 38.85 -11.17
C ALA B 431 -39.22 37.99 -10.19
N ILE B 432 -38.58 36.91 -9.76
CA ILE B 432 -39.04 36.09 -8.63
C ILE B 432 -37.80 35.82 -7.79
N VAL B 433 -37.87 36.14 -6.51
CA VAL B 433 -36.72 35.94 -5.64
C VAL B 433 -36.96 34.75 -4.74
N PHE B 434 -35.87 34.09 -4.40
CA PHE B 434 -35.84 33.10 -3.34
C PHE B 434 -34.63 33.42 -2.48
N ASP B 435 -34.75 33.18 -1.19
CA ASP B 435 -33.65 33.37 -0.25
C ASP B 435 -33.14 31.97 0.13
N GLY B 436 -32.10 31.51 -0.56
CA GLY B 436 -31.57 30.18 -0.35
C GLY B 436 -32.21 29.15 -1.26
N SER B 437 -31.55 28.00 -1.35
CA SER B 437 -32.12 26.89 -2.11
C SER B 437 -33.30 26.27 -1.37
N ASP B 438 -33.36 26.41 -0.04
CA ASP B 438 -34.52 25.89 0.66
C ASP B 438 -35.78 26.67 0.31
N ASP B 439 -35.66 27.99 0.23
CA ASP B 439 -36.80 28.79 -0.21
C ASP B 439 -37.20 28.45 -1.64
N TYR B 440 -36.22 28.31 -2.54
CA TYR B 440 -36.56 27.96 -3.91
C TYR B 440 -37.30 26.64 -3.97
N HIS B 441 -36.89 25.66 -3.16
CA HIS B 441 -37.58 24.38 -3.25
C HIS B 441 -38.93 24.43 -2.57
N LYS B 442 -39.19 25.45 -1.76
CA LYS B 442 -40.48 25.61 -1.08
C LYS B 442 -41.51 26.33 -1.96
N ARG B 443 -41.09 27.34 -2.71
CA ARG B 443 -42.03 28.26 -3.36
C ARG B 443 -42.00 28.17 -4.89
N ILE B 444 -41.36 27.16 -5.47
CA ILE B 444 -41.35 27.10 -6.93
C ILE B 444 -42.61 26.44 -7.46
N ASN B 445 -43.19 25.50 -6.71
CA ASN B 445 -44.41 24.81 -7.12
C ASN B 445 -45.64 25.36 -6.41
N ASP B 446 -45.53 26.55 -5.82
CA ASP B 446 -46.69 27.30 -5.34
C ASP B 446 -47.32 28.04 -6.52
N PRO B 447 -48.62 27.87 -6.78
CA PRO B 447 -49.23 28.53 -7.94
C PRO B 447 -49.46 30.01 -7.72
N ALA B 448 -49.54 30.41 -6.44
CA ALA B 448 -49.90 31.76 -6.05
C ALA B 448 -48.89 32.81 -6.48
N LEU B 449 -47.84 32.39 -7.20
CA LEU B 449 -46.84 33.31 -7.75
C LEU B 449 -47.06 33.64 -9.21
N GLU B 450 -48.01 32.99 -9.88
CA GLU B 450 -48.37 33.31 -11.26
C GLU B 450 -47.13 33.31 -12.17
N ILE B 451 -46.52 32.14 -12.27
CA ILE B 451 -45.23 32.00 -12.95
C ILE B 451 -45.49 31.72 -14.42
N ASP B 452 -44.80 32.48 -15.28
CA ASP B 452 -45.17 32.62 -16.70
C ASP B 452 -44.28 31.82 -17.63
N GLU B 453 -43.96 32.43 -18.78
CA GLU B 453 -42.85 32.05 -19.63
C GLU B 453 -41.82 33.17 -19.79
N ARG B 454 -42.17 34.41 -19.47
CA ARG B 454 -41.29 35.58 -19.59
C ARG B 454 -40.81 36.08 -18.22
N CYS B 455 -40.38 35.16 -17.36
CA CYS B 455 -39.85 35.48 -16.03
C CYS B 455 -38.33 35.29 -15.98
N ILE B 456 -37.77 35.65 -14.83
CA ILE B 456 -36.39 35.37 -14.48
C ILE B 456 -36.36 34.88 -13.04
N LEU B 457 -35.78 33.70 -12.83
CA LEU B 457 -35.65 33.19 -11.47
C LEU B 457 -34.40 33.78 -10.85
N VAL B 458 -34.53 34.26 -9.61
CA VAL B 458 -33.47 34.96 -8.91
C VAL B 458 -33.31 34.32 -7.53
N ILE B 459 -32.05 34.08 -7.15
CA ILE B 459 -31.68 33.50 -5.86
C ILE B 459 -30.62 34.42 -5.26
N ARG B 460 -30.72 34.71 -3.97
CA ARG B 460 -29.78 35.64 -3.37
C ARG B 460 -29.46 35.21 -1.94
N GLY B 461 -28.40 35.80 -1.39
CA GLY B 461 -27.81 35.34 -0.15
C GLY B 461 -27.01 34.05 -0.34
N ALA B 462 -26.35 33.93 -1.50
CA ALA B 462 -25.65 32.70 -1.89
C ALA B 462 -24.19 32.97 -2.26
N GLY B 463 -23.64 34.11 -1.85
CA GLY B 463 -22.28 34.44 -2.16
C GLY B 463 -21.33 34.13 -1.01
N PRO B 464 -20.10 34.62 -1.12
CA PRO B 464 -19.09 34.33 -0.07
C PRO B 464 -19.58 34.54 1.36
N ILE B 465 -20.18 35.71 1.66
CA ILE B 465 -20.67 35.97 3.00
C ILE B 465 -22.13 35.53 3.17
N GLY B 466 -22.87 35.35 2.07
CA GLY B 466 -24.27 34.97 2.19
C GLY B 466 -24.47 33.60 2.79
N TRP B 467 -23.77 32.59 2.23
CA TRP B 467 -24.12 31.19 2.44
C TRP B 467 -23.65 30.61 3.77
N PRO B 468 -22.37 30.80 4.19
CA PRO B 468 -21.19 31.48 3.62
C PRO B 468 -20.36 30.58 2.70
N GLY B 469 -19.44 31.18 1.95
CA GLY B 469 -18.80 30.50 0.84
C GLY B 469 -19.80 30.24 -0.26
N SER B 470 -19.60 30.84 -1.44
CA SER B 470 -20.63 30.86 -2.47
C SER B 470 -21.14 29.46 -2.77
N ALA B 471 -22.39 29.37 -3.22
CA ALA B 471 -23.04 28.08 -3.38
C ALA B 471 -23.50 27.87 -4.82
N GLU B 472 -23.55 26.61 -5.23
CA GLU B 472 -23.92 26.23 -6.60
C GLU B 472 -25.42 25.96 -6.62
N VAL B 473 -26.20 27.05 -6.68
CA VAL B 473 -27.64 27.00 -6.47
C VAL B 473 -28.42 27.77 -7.52
N VAL B 474 -27.74 28.45 -8.45
CA VAL B 474 -28.39 29.36 -9.39
C VAL B 474 -29.01 28.65 -10.60
N ASN B 475 -28.59 27.43 -10.92
CA ASN B 475 -29.22 26.70 -12.03
C ASN B 475 -30.58 26.14 -11.57
N MET B 476 -31.50 27.08 -11.37
CA MET B 476 -32.87 26.76 -10.98
C MET B 476 -33.70 26.35 -12.18
N GLN B 477 -34.56 25.37 -11.99
CA GLN B 477 -35.38 24.93 -13.11
C GLN B 477 -36.78 25.55 -13.03
N PRO B 478 -37.52 25.60 -14.14
CA PRO B 478 -38.88 26.13 -14.10
C PRO B 478 -39.80 25.20 -13.32
N PRO B 479 -40.95 25.68 -12.85
CA PRO B 479 -41.84 24.84 -12.05
C PRO B 479 -42.41 23.68 -12.84
N ASP B 480 -43.01 22.72 -12.12
CA ASP B 480 -43.48 21.49 -12.74
C ASP B 480 -44.57 21.76 -13.76
N HIS B 481 -45.64 22.44 -13.34
CA HIS B 481 -46.74 22.81 -14.25
C HIS B 481 -46.24 23.46 -15.53
N LEU B 482 -44.99 23.92 -15.53
CA LEU B 482 -44.38 24.50 -16.71
C LEU B 482 -43.68 23.45 -17.57
N LEU B 483 -42.77 22.68 -16.96
CA LEU B 483 -42.12 21.58 -17.67
C LEU B 483 -43.14 20.58 -18.21
N LYS B 484 -44.36 20.56 -17.66
CA LYS B 484 -45.55 20.03 -18.34
C LYS B 484 -45.48 20.26 -19.84
N LYS B 485 -45.24 21.51 -20.26
CA LYS B 485 -45.28 21.82 -21.68
C LYS B 485 -43.96 21.44 -22.36
N GLY B 486 -42.89 22.14 -22.04
CA GLY B 486 -41.67 21.90 -22.77
C GLY B 486 -40.73 23.08 -22.67
N ILE B 487 -41.05 24.04 -21.80
CA ILE B 487 -40.03 24.97 -21.39
C ILE B 487 -39.14 24.20 -20.44
N MET B 488 -37.82 24.35 -20.58
CA MET B 488 -36.90 23.67 -19.68
C MET B 488 -35.95 24.60 -18.97
N SER B 489 -35.93 25.89 -19.33
CA SER B 489 -34.96 26.82 -18.74
C SER B 489 -35.52 28.23 -18.81
N LEU B 490 -35.94 28.75 -17.66
CA LEU B 490 -36.20 30.18 -17.57
C LEU B 490 -34.89 30.92 -17.35
N PRO B 491 -34.86 32.21 -17.65
CA PRO B 491 -33.68 33.01 -17.27
C PRO B 491 -33.43 32.93 -15.79
N THR B 492 -32.15 33.04 -15.40
CA THR B 492 -31.74 32.80 -14.03
C THR B 492 -30.68 33.80 -13.61
N LEU B 493 -30.77 34.27 -12.37
CA LEU B 493 -29.83 35.24 -11.82
C LEU B 493 -29.53 34.89 -10.37
N GLY B 494 -28.36 35.31 -9.90
CA GLY B 494 -28.00 35.08 -8.50
C GLY B 494 -26.65 35.65 -8.16
N ASP B 495 -26.45 35.86 -6.86
CA ASP B 495 -25.14 36.22 -6.33
C ASP B 495 -24.28 35.00 -6.02
N GLY B 496 -24.84 33.79 -6.12
CA GLY B 496 -24.09 32.57 -6.00
C GLY B 496 -23.48 32.11 -7.31
N ARG B 497 -23.18 30.82 -7.37
CA ARG B 497 -22.59 30.19 -8.56
C ARG B 497 -23.39 28.98 -8.96
N GLN B 498 -22.91 28.23 -9.92
CA GLN B 498 -23.53 26.96 -10.27
C GLN B 498 -22.43 25.95 -10.58
N SER B 499 -22.81 24.68 -10.56
CA SER B 499 -21.87 23.64 -10.96
C SER B 499 -21.31 23.93 -12.34
N GLY B 500 -20.04 23.62 -12.55
CA GLY B 500 -19.45 23.75 -13.87
C GLY B 500 -20.05 22.80 -14.89
N THR B 501 -20.80 21.79 -14.42
CA THR B 501 -21.50 20.87 -15.29
C THR B 501 -22.88 21.34 -15.67
N ALA B 502 -23.26 22.56 -15.30
CA ALA B 502 -24.59 23.07 -15.59
C ALA B 502 -24.68 23.49 -17.06
N ASP B 503 -25.80 23.11 -17.69
CA ASP B 503 -26.14 23.54 -19.04
C ASP B 503 -27.11 24.72 -19.03
N SER B 504 -27.38 25.29 -17.86
CA SER B 504 -28.29 26.42 -17.78
C SER B 504 -27.51 27.71 -18.01
N PRO B 505 -27.99 28.61 -18.90
CA PRO B 505 -27.27 29.86 -19.22
C PRO B 505 -27.53 30.97 -18.21
N SER B 506 -27.11 30.75 -16.98
CA SER B 506 -27.46 31.66 -15.89
C SER B 506 -26.49 32.84 -15.84
N ILE B 507 -26.81 33.78 -14.96
CA ILE B 507 -26.02 34.99 -14.75
C ILE B 507 -25.55 34.96 -13.31
N LEU B 508 -24.23 34.86 -13.11
CA LEU B 508 -23.71 34.30 -11.87
C LEU B 508 -22.69 35.22 -11.26
N ASN B 509 -22.19 34.78 -10.10
CA ASN B 509 -21.09 35.43 -9.41
C ASN B 509 -21.36 36.92 -9.17
N ALA B 510 -22.63 37.27 -9.04
CA ALA B 510 -23.02 38.68 -8.95
C ALA B 510 -22.47 39.34 -7.68
N SER B 511 -21.51 40.24 -7.84
CA SER B 511 -20.94 40.95 -6.70
C SER B 511 -20.98 42.45 -6.93
N PRO B 512 -21.16 43.25 -5.86
CA PRO B 512 -21.43 42.84 -4.47
C PRO B 512 -22.70 42.02 -4.33
N GLU B 513 -22.72 41.11 -3.37
CA GLU B 513 -23.80 40.17 -3.21
C GLU B 513 -24.86 40.75 -2.29
N SER B 514 -25.96 40.03 -2.13
CA SER B 514 -27.08 40.52 -1.33
C SER B 514 -26.63 40.84 0.09
N ALA B 515 -25.83 39.96 0.70
CA ALA B 515 -25.63 40.00 2.14
C ALA B 515 -24.74 41.15 2.59
N ILE B 516 -23.98 41.77 1.69
CA ILE B 516 -23.10 42.88 2.09
C ILE B 516 -23.62 44.22 1.56
N GLY B 517 -24.89 44.28 1.16
CA GLY B 517 -25.48 45.49 0.66
C GLY B 517 -25.55 45.60 -0.85
N GLY B 518 -25.43 44.50 -1.57
CA GLY B 518 -25.42 44.56 -3.02
C GLY B 518 -26.79 44.87 -3.59
N GLY B 519 -26.79 45.13 -4.90
CA GLY B 519 -27.99 45.58 -5.56
C GLY B 519 -29.18 44.65 -5.40
N LEU B 520 -28.94 43.37 -5.24
CA LEU B 520 -30.04 42.43 -5.15
C LEU B 520 -30.64 42.37 -3.76
N SER B 521 -30.06 43.07 -2.78
CA SER B 521 -30.67 43.12 -1.46
C SER B 521 -32.01 43.83 -1.50
N TRP B 522 -32.20 44.78 -2.42
CA TRP B 522 -33.41 45.57 -2.51
C TRP B 522 -34.30 45.19 -3.68
N LEU B 523 -33.94 44.15 -4.43
CA LEU B 523 -34.80 43.61 -5.46
C LEU B 523 -35.78 42.63 -4.82
N ARG B 524 -37.02 42.60 -5.31
CA ARG B 524 -37.95 41.56 -4.89
C ARG B 524 -39.05 41.36 -5.92
N THR B 525 -39.87 40.33 -5.68
CA THR B 525 -40.67 39.69 -6.72
C THR B 525 -41.67 40.66 -7.36
N GLY B 526 -41.90 40.47 -8.66
CA GLY B 526 -42.82 41.30 -9.40
C GLY B 526 -42.11 42.34 -10.23
N ASP B 527 -41.01 42.87 -9.68
CA ASP B 527 -40.17 43.85 -10.36
C ASP B 527 -39.79 43.37 -11.75
N THR B 528 -39.29 44.26 -12.58
CA THR B 528 -38.89 43.90 -13.92
C THR B 528 -37.41 44.16 -14.09
N ILE B 529 -36.74 43.29 -14.84
CA ILE B 529 -35.32 43.42 -15.15
C ILE B 529 -35.16 43.50 -16.65
N ARG B 530 -34.35 44.44 -17.11
CA ARG B 530 -34.08 44.61 -18.53
C ARG B 530 -32.63 44.21 -18.77
N ILE B 531 -32.42 43.22 -19.63
CA ILE B 531 -31.08 42.69 -19.85
C ILE B 531 -30.76 42.85 -21.33
N ASP B 532 -29.65 43.54 -21.62
CA ASP B 532 -29.17 43.69 -22.98
C ASP B 532 -27.79 43.07 -23.10
N LEU B 533 -27.67 42.05 -23.95
CA LEU B 533 -26.44 41.32 -24.18
C LEU B 533 -25.48 42.02 -25.14
N ASN B 534 -25.82 43.22 -25.63
CA ASN B 534 -24.91 43.98 -26.48
C ASN B 534 -24.25 45.14 -25.76
N THR B 535 -24.98 45.87 -24.91
CA THR B 535 -24.34 46.81 -23.99
C THR B 535 -23.55 46.09 -22.91
N GLY B 536 -23.99 44.91 -22.50
CA GLY B 536 -23.47 44.31 -21.29
C GLY B 536 -24.06 44.94 -20.05
N ARG B 537 -25.39 44.98 -19.98
CA ARG B 537 -26.09 45.72 -18.94
C ARG B 537 -27.28 44.91 -18.48
N CYS B 538 -27.59 45.01 -17.19
CA CYS B 538 -28.78 44.39 -16.63
C CYS B 538 -29.24 45.29 -15.49
N ASP B 539 -30.50 45.71 -15.53
CA ASP B 539 -31.03 46.68 -14.60
C ASP B 539 -32.40 46.24 -14.09
N ALA B 540 -32.64 46.48 -12.80
CA ALA B 540 -33.96 46.34 -12.21
C ALA B 540 -34.70 47.67 -12.41
N LEU B 541 -35.82 47.61 -13.13
CA LEU B 541 -36.57 48.84 -13.42
C LEU B 541 -37.27 49.35 -12.16
N VAL B 542 -36.61 50.26 -11.46
CA VAL B 542 -37.08 50.80 -10.18
C VAL B 542 -36.55 52.21 -10.03
N ASP B 543 -37.42 53.16 -9.73
CA ASP B 543 -37.01 54.55 -9.62
C ASP B 543 -36.12 54.76 -8.41
N GLU B 544 -35.23 55.76 -8.51
CA GLU B 544 -34.23 55.99 -7.49
C GLU B 544 -34.84 56.18 -6.11
N ALA B 545 -36.13 56.49 -6.04
CA ALA B 545 -36.79 56.73 -4.76
C ALA B 545 -37.20 55.42 -4.08
N THR B 546 -37.78 54.48 -4.83
CA THR B 546 -38.20 53.22 -4.22
C THR B 546 -37.00 52.47 -3.64
N ILE B 547 -35.81 52.67 -4.22
CA ILE B 547 -34.60 52.01 -3.69
C ILE B 547 -34.42 52.35 -2.22
N ALA B 548 -34.24 53.65 -1.92
CA ALA B 548 -33.84 54.06 -0.57
C ALA B 548 -34.87 53.65 0.47
N ALA B 549 -36.13 53.46 0.07
CA ALA B 549 -37.14 52.95 0.98
C ALA B 549 -36.85 51.51 1.37
N ARG B 550 -36.67 50.63 0.39
CA ARG B 550 -36.34 49.23 0.67
C ARG B 550 -34.98 49.11 1.36
N LYS B 551 -34.00 49.87 0.88
CA LYS B 551 -32.66 49.83 1.46
C LYS B 551 -32.64 50.22 2.94
N GLN B 552 -33.72 50.80 3.47
CA GLN B 552 -33.83 51.05 4.89
C GLN B 552 -34.73 50.03 5.59
N ASP B 553 -35.35 49.11 4.85
CA ASP B 553 -35.96 47.94 5.48
C ASP B 553 -34.92 46.95 6.00
N GLY B 554 -33.64 47.22 5.75
CA GLY B 554 -32.57 46.31 6.12
C GLY B 554 -32.10 45.46 4.95
N ILE B 555 -31.18 44.56 5.26
CA ILE B 555 -30.70 43.57 4.30
C ILE B 555 -31.44 42.27 4.59
N PRO B 556 -31.85 41.52 3.56
CA PRO B 556 -32.53 40.24 3.82
C PRO B 556 -31.64 39.31 4.64
N ALA B 557 -32.29 38.35 5.30
CA ALA B 557 -31.63 37.55 6.31
C ALA B 557 -30.68 36.52 5.69
N VAL B 558 -29.61 36.22 6.43
CA VAL B 558 -28.67 35.16 6.11
C VAL B 558 -28.43 34.35 7.38
N PRO B 559 -28.05 33.08 7.25
CA PRO B 559 -27.88 32.24 8.45
C PRO B 559 -26.72 32.69 9.32
N ALA B 560 -26.79 32.31 10.59
CA ALA B 560 -25.75 32.69 11.54
C ALA B 560 -24.47 31.88 11.32
N THR B 561 -23.33 32.54 11.53
CA THR B 561 -22.03 31.88 11.45
C THR B 561 -21.99 30.64 12.36
N MET B 562 -21.70 29.47 11.76
CA MET B 562 -21.99 28.20 12.39
C MET B 562 -20.77 27.39 12.86
N THR B 563 -19.59 27.60 12.30
CA THR B 563 -18.36 26.93 12.68
C THR B 563 -17.25 27.95 12.82
N PRO B 564 -16.17 27.61 13.53
CA PRO B 564 -15.08 28.59 13.69
C PRO B 564 -14.49 29.06 12.37
N TRP B 565 -14.27 28.15 11.41
CA TRP B 565 -13.69 28.56 10.14
C TRP B 565 -14.63 29.50 9.39
N GLN B 566 -15.95 29.24 9.47
CA GLN B 566 -16.92 30.16 8.86
C GLN B 566 -16.74 31.59 9.38
N GLU B 567 -16.50 31.74 10.69
CA GLU B 567 -16.28 33.08 11.22
C GLU B 567 -15.06 33.73 10.60
N ILE B 568 -13.98 32.96 10.41
CA ILE B 568 -12.76 33.53 9.83
C ILE B 568 -12.97 33.86 8.36
N TYR B 569 -13.63 32.95 7.62
CA TYR B 569 -13.92 33.18 6.22
C TYR B 569 -14.76 34.43 6.04
N ARG B 570 -15.80 34.60 6.87
CA ARG B 570 -16.71 35.73 6.71
C ARG B 570 -16.01 37.05 6.99
N ALA B 571 -15.13 37.08 7.99
CA ALA B 571 -14.44 38.32 8.26
C ALA B 571 -13.38 38.67 7.23
N HIS B 572 -13.08 37.77 6.27
CA HIS B 572 -11.94 38.02 5.39
C HIS B 572 -12.16 37.71 3.92
N ALA B 573 -13.23 37.03 3.53
CA ALA B 573 -13.38 36.62 2.14
C ALA B 573 -13.84 37.80 1.27
N SER B 574 -13.20 37.94 0.11
CA SER B 574 -13.57 38.91 -0.90
C SER B 574 -14.66 38.35 -1.81
N GLN B 575 -15.18 39.21 -2.68
CA GLN B 575 -16.27 38.85 -3.57
C GLN B 575 -15.71 38.23 -4.84
N LEU B 576 -16.53 37.37 -5.47
CA LEU B 576 -16.08 36.60 -6.63
C LEU B 576 -15.54 37.48 -7.76
N ASP B 577 -15.96 38.74 -7.82
CA ASP B 577 -15.29 39.76 -8.62
C ASP B 577 -13.78 39.72 -8.38
N THR B 578 -13.38 39.89 -7.12
CA THR B 578 -11.98 39.94 -6.73
C THR B 578 -11.40 38.57 -6.38
N GLY B 579 -12.15 37.48 -6.63
CA GLY B 579 -11.62 36.14 -6.56
C GLY B 579 -11.99 35.32 -5.35
N GLY B 580 -12.71 35.88 -4.38
CA GLY B 580 -13.04 35.12 -3.19
C GLY B 580 -11.86 34.81 -2.30
N VAL B 581 -10.82 35.63 -2.39
CA VAL B 581 -9.58 35.42 -1.64
C VAL B 581 -9.76 35.91 -0.22
N LEU B 582 -8.82 35.57 0.66
CA LEU B 582 -8.64 36.27 1.92
C LEU B 582 -7.88 37.55 1.61
N GLU B 583 -8.55 38.69 1.75
CA GLU B 583 -8.02 39.94 1.22
C GLU B 583 -6.64 40.24 1.81
N PHE B 584 -6.43 39.96 3.10
CA PHE B 584 -5.14 40.22 3.70
C PHE B 584 -4.06 39.30 3.14
N ALA B 585 -4.43 38.08 2.74
CA ALA B 585 -3.45 37.09 2.31
C ALA B 585 -2.66 37.58 1.10
N VAL B 586 -3.36 38.23 0.16
CA VAL B 586 -2.78 38.60 -1.13
C VAL B 586 -1.49 39.37 -0.97
N LYS B 587 -1.37 40.17 0.10
CA LYS B 587 -0.17 40.98 0.30
C LYS B 587 1.09 40.13 0.45
N TYR B 588 0.95 38.87 0.88
CA TYR B 588 2.12 38.03 1.14
C TYR B 588 2.64 37.44 -0.16
N GLN B 589 3.89 37.77 -0.50
CA GLN B 589 4.48 37.39 -1.78
C GLN B 589 5.85 36.79 -1.52
N ASP B 590 6.19 35.78 -2.34
CA ASP B 590 7.44 35.01 -2.28
C ASP B 590 7.94 34.86 -0.85
N LEU B 591 7.32 33.97 -0.07
CA LEU B 591 7.75 33.84 1.31
C LEU B 591 9.06 33.07 1.43
N ALA B 592 9.47 32.38 0.38
CA ALA B 592 10.68 31.57 0.43
C ALA B 592 11.96 32.39 0.29
N ALA B 593 11.87 33.72 0.20
CA ALA B 593 13.05 34.56 0.12
C ALA B 593 13.66 34.82 1.49
N LYS B 594 12.86 34.68 2.55
CA LYS B 594 13.31 34.68 3.93
C LYS B 594 13.02 33.33 4.58
N LEU B 595 13.99 32.80 5.30
CA LEU B 595 13.76 31.54 6.00
C LEU B 595 13.00 31.78 7.30
N PRO B 596 12.29 30.78 7.80
CA PRO B 596 11.72 30.88 9.15
C PRO B 596 12.81 30.75 10.21
N ARG B 597 12.44 30.98 11.46
CA ARG B 597 13.40 30.87 12.54
C ARG B 597 13.64 29.40 12.90
N HIS B 598 14.71 29.14 13.64
CA HIS B 598 14.92 27.85 14.27
C HIS B 598 13.93 27.65 15.42
N ASN B 599 13.49 26.41 15.62
CA ASN B 599 12.41 26.11 16.55
C ASN B 599 12.88 25.59 17.90
N HIS B 600 14.19 25.40 18.10
CA HIS B 600 14.74 25.03 19.40
C HIS B 600 16.03 25.81 19.67
N ARG C 13 -24.63 -18.21 10.16
CA ARG C 13 -25.64 -19.25 10.16
C ARG C 13 -25.37 -20.31 11.23
N THR C 14 -25.82 -21.53 10.96
CA THR C 14 -25.50 -22.67 11.82
C THR C 14 -23.99 -22.82 11.93
N PRO C 15 -23.44 -23.03 13.14
CA PRO C 15 -21.99 -23.05 13.30
C PRO C 15 -21.38 -24.28 12.63
N ARG C 16 -20.05 -24.27 12.54
CA ARG C 16 -19.34 -25.34 11.85
C ARG C 16 -17.95 -25.49 12.43
N ARG C 17 -17.44 -26.72 12.41
CA ARG C 17 -16.04 -26.95 12.70
C ARG C 17 -15.30 -26.86 11.37
N PHE C 18 -14.72 -25.70 11.12
CA PHE C 18 -13.84 -25.52 9.97
C PHE C 18 -12.51 -26.21 10.22
N ARG C 19 -11.86 -26.62 9.13
CA ARG C 19 -10.59 -27.34 9.25
C ARG C 19 -9.49 -26.49 9.85
N SER C 20 -9.62 -25.16 9.77
CA SER C 20 -8.65 -24.29 10.41
C SER C 20 -8.56 -24.59 11.90
N ARG C 21 -9.69 -24.93 12.52
CA ARG C 21 -9.73 -25.22 13.95
C ARG C 21 -8.75 -26.32 14.35
N ASP C 22 -8.36 -27.18 13.41
CA ASP C 22 -7.36 -28.19 13.70
C ASP C 22 -5.98 -27.59 13.99
N TRP C 23 -5.74 -26.35 13.56
CA TRP C 23 -4.54 -25.60 13.89
C TRP C 23 -4.76 -24.75 15.13
N PHE C 24 -5.86 -23.99 15.16
CA PHE C 24 -6.05 -22.87 16.07
C PHE C 24 -6.81 -23.25 17.34
N ASP C 25 -7.21 -24.51 17.46
CA ASP C 25 -8.13 -24.92 18.50
C ASP C 25 -8.11 -26.44 18.61
N ASN C 26 -6.90 -27.01 18.62
CA ASN C 26 -6.76 -28.44 18.58
C ASN C 26 -7.17 -29.04 19.92
N PRO C 27 -7.87 -30.19 19.92
CA PRO C 27 -8.32 -30.78 21.19
C PRO C 27 -7.19 -31.47 21.95
N ASP C 28 -6.42 -32.31 21.24
CA ASP C 28 -5.40 -33.15 21.84
C ASP C 28 -3.99 -32.57 21.72
N HIS C 29 -3.83 -31.31 21.29
CA HIS C 29 -2.48 -30.76 21.11
C HIS C 29 -2.55 -29.26 21.39
N ILE C 30 -2.36 -28.89 22.66
CA ILE C 30 -2.40 -27.48 22.99
C ILE C 30 -1.05 -26.84 22.71
N ASP C 31 0.05 -27.57 22.87
CA ASP C 31 1.35 -27.07 22.42
C ASP C 31 1.31 -26.69 20.94
N MET C 32 0.80 -27.58 20.08
CA MET C 32 0.75 -27.25 18.66
C MET C 32 -0.18 -26.09 18.39
N THR C 33 -1.29 -26.01 19.12
CA THR C 33 -2.19 -24.86 18.99
C THR C 33 -1.47 -23.56 19.35
N ALA C 34 -0.67 -23.57 20.41
CA ALA C 34 0.08 -22.37 20.76
C ALA C 34 1.13 -22.07 19.69
N LEU C 35 1.84 -23.09 19.21
CA LEU C 35 2.83 -22.89 18.16
C LEU C 35 2.20 -22.39 16.86
N TYR C 36 1.03 -22.93 16.50
CA TYR C 36 0.34 -22.44 15.29
C TYR C 36 -0.18 -21.04 15.48
N LEU C 37 -0.57 -20.68 16.70
CA LEU C 37 -1.26 -19.41 16.89
C LEU C 37 -0.29 -18.24 16.93
N GLU C 38 0.87 -18.43 17.58
CA GLU C 38 1.65 -17.28 18.03
C GLU C 38 2.06 -16.38 16.87
N ARG C 39 2.73 -16.95 15.85
CA ARG C 39 3.31 -16.11 14.82
C ARG C 39 2.27 -15.49 13.90
N PHE C 40 1.07 -16.06 13.83
CA PHE C 40 0.04 -15.45 12.99
C PHE C 40 -0.46 -14.14 13.56
N MET C 41 0.04 -13.75 14.72
CA MET C 41 -0.37 -12.52 15.36
C MET C 41 0.72 -11.47 15.32
N ASN C 42 1.87 -11.77 14.72
CA ASN C 42 3.01 -10.87 14.79
C ASN C 42 2.84 -9.63 13.93
N TYR C 43 1.73 -9.49 13.19
CA TYR C 43 1.47 -8.22 12.50
C TYR C 43 0.10 -7.68 12.88
N GLY C 44 -0.37 -8.00 14.09
CA GLY C 44 -1.47 -7.31 14.73
C GLY C 44 -2.81 -8.02 14.74
N ILE C 45 -2.93 -9.24 14.22
CA ILE C 45 -4.18 -9.97 14.34
C ILE C 45 -4.42 -10.29 15.81
N THR C 46 -5.71 -10.13 16.30
CA THR C 46 -6.01 -10.40 17.70
C THR C 46 -6.37 -11.85 17.92
N PRO C 47 -6.18 -12.37 19.13
CA PRO C 47 -6.58 -13.77 19.39
C PRO C 47 -8.06 -14.00 19.16
N GLU C 48 -8.88 -13.00 19.46
CA GLU C 48 -10.31 -13.10 19.23
C GLU C 48 -10.61 -13.45 17.78
N GLU C 49 -9.75 -13.05 16.84
CA GLU C 49 -10.00 -13.33 15.43
C GLU C 49 -9.69 -14.77 15.06
N LEU C 50 -8.55 -15.29 15.49
CA LEU C 50 -8.13 -16.63 15.08
C LEU C 50 -8.76 -17.72 15.92
N ARG C 51 -9.44 -17.37 17.01
CA ARG C 51 -10.04 -18.37 17.88
C ARG C 51 -11.55 -18.31 17.93
N SER C 52 -12.17 -17.28 17.34
CA SER C 52 -13.62 -17.15 17.33
C SER C 52 -14.31 -18.24 16.53
N GLY C 53 -13.58 -18.99 15.70
CA GLY C 53 -14.18 -20.00 14.87
C GLY C 53 -14.68 -19.54 13.50
N LYS C 54 -14.59 -18.22 13.20
CA LYS C 54 -14.85 -17.70 11.86
C LYS C 54 -14.02 -18.43 10.82
N PRO C 55 -14.50 -18.59 9.58
CA PRO C 55 -13.71 -19.31 8.58
C PRO C 55 -12.52 -18.46 8.12
N ILE C 56 -11.42 -19.15 7.82
CA ILE C 56 -10.22 -18.53 7.29
C ILE C 56 -10.27 -18.62 5.76
N ILE C 57 -10.33 -17.47 5.11
CA ILE C 57 -10.56 -17.33 3.67
C ILE C 57 -9.22 -17.05 2.99
N GLY C 58 -8.68 -18.04 2.27
CA GLY C 58 -7.52 -17.78 1.45
C GLY C 58 -7.87 -16.85 0.31
N ILE C 59 -6.93 -15.97 -0.06
CA ILE C 59 -7.01 -15.14 -1.25
C ILE C 59 -5.78 -15.45 -2.07
N ALA C 60 -5.92 -16.30 -3.08
CA ALA C 60 -4.79 -16.65 -3.95
C ALA C 60 -4.50 -15.46 -4.86
N GLN C 61 -3.49 -14.68 -4.49
CA GLN C 61 -3.11 -13.47 -5.20
C GLN C 61 -2.23 -13.81 -6.40
N THR C 62 -2.56 -13.26 -7.58
CA THR C 62 -1.75 -13.51 -8.76
C THR C 62 -1.10 -12.26 -9.34
N GLY C 63 -1.52 -11.06 -8.94
CA GLY C 63 -0.92 -9.86 -9.46
C GLY C 63 0.45 -9.58 -8.86
N SER C 64 1.23 -8.79 -9.59
CA SER C 64 2.56 -8.32 -9.21
C SER C 64 3.14 -7.54 -10.40
N ASP C 65 4.30 -6.90 -10.17
CA ASP C 65 4.96 -6.11 -11.21
C ASP C 65 5.29 -6.95 -12.44
N ILE C 66 5.60 -8.23 -12.24
CA ILE C 66 5.99 -9.11 -13.32
C ILE C 66 4.78 -9.74 -14.00
N SER C 67 3.59 -9.56 -13.45
CA SER C 67 2.34 -10.12 -13.97
C SER C 67 1.37 -8.96 -14.21
N PRO C 68 1.63 -8.12 -15.21
CA PRO C 68 0.82 -6.89 -15.37
C PRO C 68 -0.65 -7.13 -15.67
N CYS C 69 -1.02 -8.28 -16.25
CA CYS C 69 -2.44 -8.56 -16.52
C CYS C 69 -3.23 -8.85 -15.26
N ASN C 70 -2.59 -9.28 -14.18
CA ASN C 70 -3.28 -9.60 -12.95
C ASN C 70 -3.02 -8.56 -11.89
N ARG C 71 -2.17 -7.58 -12.18
CA ARG C 71 -1.73 -6.62 -11.19
C ARG C 71 -2.91 -5.85 -10.60
N ILE C 72 -4.01 -5.73 -11.35
CA ILE C 72 -5.21 -5.06 -10.85
C ILE C 72 -5.65 -5.65 -9.50
N HIS C 73 -5.33 -6.92 -9.27
CA HIS C 73 -5.75 -7.60 -8.05
C HIS C 73 -5.06 -7.08 -6.80
N LEU C 74 -3.93 -6.38 -6.93
CA LEU C 74 -3.30 -5.80 -5.76
C LEU C 74 -4.08 -4.62 -5.22
N ASP C 75 -4.89 -3.97 -6.05
CA ASP C 75 -5.81 -2.96 -5.53
C ASP C 75 -7.22 -3.51 -5.26
N LEU C 76 -7.63 -4.59 -5.95
CA LEU C 76 -8.93 -5.17 -5.64
C LEU C 76 -8.90 -6.04 -4.40
N VAL C 77 -7.74 -6.57 -4.00
CA VAL C 77 -7.75 -7.47 -2.87
C VAL C 77 -8.28 -6.77 -1.61
N GLN C 78 -8.15 -5.45 -1.53
CA GLN C 78 -8.72 -4.78 -0.39
C GLN C 78 -10.25 -4.85 -0.42
N ARG C 79 -10.85 -4.68 -1.60
CA ARG C 79 -12.29 -4.91 -1.76
C ARG C 79 -12.68 -6.31 -1.31
N VAL C 80 -11.90 -7.31 -1.74
CA VAL C 80 -12.19 -8.69 -1.36
C VAL C 80 -12.10 -8.86 0.15
N ARG C 81 -11.07 -8.26 0.78
CA ARG C 81 -10.90 -8.37 2.22
C ARG C 81 -12.11 -7.78 2.94
N ASP C 82 -12.53 -6.58 2.52
CA ASP C 82 -13.64 -5.89 3.17
C ASP C 82 -14.92 -6.73 3.12
N GLY C 83 -15.16 -7.39 1.98
CA GLY C 83 -16.36 -8.21 1.87
C GLY C 83 -16.31 -9.46 2.75
N ILE C 84 -15.15 -10.12 2.78
CA ILE C 84 -14.95 -11.25 3.71
C ILE C 84 -15.19 -10.81 5.16
N ARG C 85 -14.79 -9.59 5.51
CA ARG C 85 -14.98 -9.15 6.87
C ARG C 85 -16.43 -8.74 7.15
N ASP C 86 -17.08 -8.07 6.20
CA ASP C 86 -18.50 -7.74 6.41
C ASP C 86 -19.34 -8.99 6.56
N ALA C 87 -18.89 -10.12 6.05
CA ALA C 87 -19.64 -11.36 6.04
C ALA C 87 -19.22 -12.32 7.14
N GLY C 88 -18.25 -11.92 7.98
CA GLY C 88 -17.84 -12.75 9.09
C GLY C 88 -16.76 -13.77 8.82
N GLY C 89 -15.85 -13.51 7.88
CA GLY C 89 -14.68 -14.36 7.66
C GLY C 89 -13.40 -13.61 7.94
N ILE C 90 -12.29 -14.34 8.10
CA ILE C 90 -10.97 -13.75 8.36
C ILE C 90 -10.12 -13.93 7.10
N PRO C 91 -9.67 -12.85 6.47
CA PRO C 91 -8.97 -12.98 5.18
C PRO C 91 -7.47 -13.19 5.31
N MET C 92 -6.95 -14.08 4.44
CA MET C 92 -5.54 -14.47 4.44
C MET C 92 -5.01 -14.49 3.00
N GLU C 93 -4.29 -13.43 2.63
CA GLU C 93 -3.78 -13.26 1.28
C GLU C 93 -2.44 -13.93 1.12
N PHE C 94 -2.19 -14.51 -0.06
CA PHE C 94 -0.96 -15.24 -0.30
C PHE C 94 -0.72 -15.36 -1.82
N PRO C 95 0.52 -15.48 -2.26
CA PRO C 95 0.80 -15.53 -3.70
C PRO C 95 0.85 -16.93 -4.24
N VAL C 96 0.76 -17.03 -5.57
CA VAL C 96 1.09 -18.28 -6.25
C VAL C 96 2.25 -18.04 -7.21
N HIS C 97 2.60 -19.04 -7.99
CA HIS C 97 3.71 -18.90 -8.92
C HIS C 97 3.33 -17.87 -9.98
N PRO C 98 4.18 -16.90 -10.30
CA PRO C 98 3.76 -15.85 -11.24
C PRO C 98 3.70 -16.35 -12.67
N ILE C 99 2.71 -15.87 -13.41
CA ILE C 99 2.54 -16.22 -14.82
C ILE C 99 2.26 -14.94 -15.62
N PHE C 100 3.08 -14.70 -16.64
CA PHE C 100 2.92 -13.58 -17.56
C PHE C 100 3.10 -14.14 -18.98
N GLU C 101 2.02 -14.23 -19.75
CA GLU C 101 2.05 -14.96 -21.03
C GLU C 101 3.01 -14.32 -22.04
N ASN C 102 3.04 -12.99 -22.10
CA ASN C 102 3.76 -12.31 -23.17
C ASN C 102 5.28 -12.49 -23.06
N CYS C 103 5.84 -12.41 -21.85
CA CYS C 103 7.30 -12.44 -21.77
C CYS C 103 7.89 -13.79 -21.32
N ARG C 104 7.09 -14.73 -20.84
CA ARG C 104 7.66 -15.93 -20.24
C ARG C 104 8.18 -16.89 -21.32
N ARG C 105 9.43 -17.31 -21.19
CA ARG C 105 10.09 -18.11 -22.21
C ARG C 105 10.67 -19.38 -21.61
N PRO C 106 10.68 -20.48 -22.36
CA PRO C 106 10.21 -20.65 -23.74
C PRO C 106 8.69 -20.55 -23.92
N THR C 107 7.92 -20.68 -22.84
CA THR C 107 6.47 -20.56 -22.91
C THR C 107 5.88 -20.53 -21.50
N ALA C 108 4.83 -19.71 -21.32
CA ALA C 108 4.03 -19.72 -20.10
C ALA C 108 3.25 -21.00 -19.90
N ALA C 109 3.24 -21.90 -20.88
CA ALA C 109 2.46 -23.12 -20.70
C ALA C 109 3.11 -24.04 -19.70
N LEU C 110 4.45 -23.97 -19.57
CA LEU C 110 5.18 -24.74 -18.57
C LEU C 110 4.75 -24.38 -17.16
N ASP C 111 4.20 -23.18 -16.96
CA ASP C 111 3.91 -22.66 -15.65
C ASP C 111 2.57 -23.12 -15.10
N ARG C 112 1.60 -23.45 -15.95
CA ARG C 112 0.27 -23.75 -15.43
C ARG C 112 0.34 -24.90 -14.42
N ASN C 113 0.98 -26.01 -14.80
CA ASN C 113 1.08 -27.14 -13.88
C ASN C 113 2.01 -26.86 -12.72
N LEU C 114 3.03 -26.01 -12.91
CA LEU C 114 3.91 -25.64 -11.81
C LEU C 114 3.14 -24.82 -10.76
N SER C 115 2.50 -23.73 -11.20
CA SER C 115 1.62 -22.97 -10.33
C SER C 115 0.62 -23.87 -9.62
N TYR C 116 0.04 -24.82 -10.36
CA TYR C 116 -0.92 -25.77 -9.81
C TYR C 116 -0.38 -26.47 -8.57
N LEU C 117 0.87 -26.94 -8.64
CA LEU C 117 1.44 -27.74 -7.57
C LEU C 117 1.55 -26.93 -6.28
N GLY C 118 2.06 -25.70 -6.39
CA GLY C 118 2.26 -24.89 -5.21
C GLY C 118 0.96 -24.51 -4.54
N LEU C 119 -0.05 -24.20 -5.33
CA LEU C 119 -1.32 -23.79 -4.74
C LEU C 119 -1.99 -24.96 -4.02
N VAL C 120 -1.79 -26.19 -4.50
CA VAL C 120 -2.33 -27.35 -3.79
C VAL C 120 -1.69 -27.48 -2.42
N GLU C 121 -0.36 -27.44 -2.37
CA GLU C 121 0.37 -27.45 -1.11
C GLU C 121 -0.12 -26.37 -0.15
N THR C 122 -0.29 -25.14 -0.66
CA THR C 122 -0.71 -24.03 0.19
C THR C 122 -2.11 -24.24 0.72
N LEU C 123 -3.04 -24.59 -0.17
CA LEU C 123 -4.42 -24.75 0.27
C LEU C 123 -4.56 -25.92 1.23
N HIS C 124 -3.79 -26.98 1.03
CA HIS C 124 -3.89 -28.15 1.88
C HIS C 124 -3.02 -28.07 3.12
N GLY C 125 -1.85 -27.45 3.04
CA GLY C 125 -0.93 -27.50 4.14
C GLY C 125 -1.06 -26.42 5.19
N TYR C 126 -2.05 -25.53 5.07
CA TYR C 126 -2.27 -24.40 5.96
C TYR C 126 -3.73 -24.37 6.39
N PRO C 127 -4.05 -23.65 7.49
CA PRO C 127 -5.45 -23.60 7.95
C PRO C 127 -6.36 -22.73 7.09
N ILE C 128 -6.59 -23.10 5.85
CA ILE C 128 -7.45 -22.31 4.96
C ILE C 128 -8.76 -23.06 4.78
N ASP C 129 -9.87 -22.35 4.97
CA ASP C 129 -11.19 -22.99 4.99
C ASP C 129 -11.95 -22.84 3.67
N ALA C 130 -11.50 -21.94 2.81
CA ALA C 130 -12.15 -21.50 1.60
C ALA C 130 -11.21 -20.52 0.94
N VAL C 131 -11.24 -20.45 -0.40
CA VAL C 131 -10.29 -19.63 -1.14
C VAL C 131 -11.01 -18.81 -2.19
N VAL C 132 -10.61 -17.55 -2.31
CA VAL C 132 -10.89 -16.74 -3.50
C VAL C 132 -9.70 -16.84 -4.44
N LEU C 133 -9.97 -17.19 -5.70
CA LEU C 133 -8.94 -17.35 -6.70
C LEU C 133 -8.98 -16.14 -7.61
N THR C 134 -7.99 -15.26 -7.47
CA THR C 134 -7.87 -14.17 -8.42
C THR C 134 -7.31 -14.72 -9.70
N THR C 135 -7.86 -14.26 -10.82
CA THR C 135 -7.48 -14.76 -12.12
C THR C 135 -7.51 -13.60 -13.09
N GLY C 136 -7.04 -13.88 -14.30
CA GLY C 136 -6.81 -12.88 -15.33
C GLY C 136 -6.00 -13.50 -16.45
N CYS C 137 -4.68 -13.32 -16.43
CA CYS C 137 -3.83 -13.78 -17.52
C CYS C 137 -4.09 -15.25 -17.82
N ASP C 138 -3.95 -15.59 -19.10
CA ASP C 138 -4.33 -16.89 -19.70
C ASP C 138 -4.40 -18.03 -18.71
N THR C 140 -3.80 -18.48 -15.49
CA THR C 140 -4.07 -18.36 -14.05
C THR C 140 -5.45 -18.90 -13.70
N THR C 141 -6.40 -18.80 -14.62
CA THR C 141 -7.73 -19.33 -14.35
C THR C 141 -7.74 -20.86 -14.30
N PRO C 142 -7.26 -21.58 -15.30
CA PRO C 142 -7.22 -23.05 -15.15
C PRO C 142 -6.35 -23.51 -13.97
N ALA C 143 -5.21 -22.87 -13.75
CA ALA C 143 -4.31 -23.27 -12.67
C ALA C 143 -4.98 -23.13 -11.30
N GLY C 144 -5.66 -22.02 -11.07
CA GLY C 144 -6.39 -21.85 -9.83
C GLY C 144 -7.45 -22.92 -9.62
N ILE C 145 -8.39 -22.98 -10.56
CA ILE C 145 -9.49 -23.94 -10.49
C ILE C 145 -8.98 -25.38 -10.38
N MET C 146 -7.96 -25.74 -11.16
CA MET C 146 -7.38 -27.06 -11.02
C MET C 146 -6.97 -27.35 -9.58
N ALA C 147 -6.28 -26.39 -8.94
CA ALA C 147 -5.81 -26.60 -7.57
C ALA C 147 -6.97 -26.60 -6.58
N ALA C 148 -7.89 -25.65 -6.69
CA ALA C 148 -9.05 -25.63 -5.80
C ALA C 148 -9.85 -26.92 -5.90
N THR C 149 -9.82 -27.57 -7.05
CA THR C 149 -10.57 -28.80 -7.25
C THR C 149 -9.84 -29.98 -6.61
N THR C 150 -8.53 -30.11 -6.88
CA THR C 150 -7.76 -31.19 -6.29
C THR C 150 -7.90 -31.20 -4.78
N VAL C 151 -7.94 -30.03 -4.14
CA VAL C 151 -8.05 -29.95 -2.68
C VAL C 151 -9.51 -30.01 -2.25
N ASN C 152 -10.37 -29.33 -3.00
CA ASN C 152 -11.83 -29.41 -2.85
C ASN C 152 -12.30 -28.80 -1.53
N ILE C 153 -11.89 -27.55 -1.30
CA ILE C 153 -12.49 -26.70 -0.26
C ILE C 153 -13.31 -25.68 -1.01
N PRO C 154 -14.34 -25.07 -0.39
CA PRO C 154 -15.15 -24.07 -1.11
C PRO C 154 -14.31 -23.03 -1.82
N ALA C 155 -14.52 -22.87 -3.12
CA ALA C 155 -13.72 -21.96 -3.93
C ALA C 155 -14.63 -21.06 -4.78
N ILE C 156 -14.09 -19.91 -5.16
CA ILE C 156 -14.78 -18.96 -6.03
C ILE C 156 -13.71 -18.21 -6.80
N VAL C 157 -14.04 -17.80 -8.02
CA VAL C 157 -13.11 -17.16 -8.93
C VAL C 157 -13.45 -15.68 -8.98
N LEU C 158 -12.42 -14.84 -8.86
CA LEU C 158 -12.58 -13.41 -9.09
C LEU C 158 -11.70 -13.04 -10.27
N SER C 159 -12.31 -12.50 -11.32
CA SER C 159 -11.62 -12.18 -12.55
C SER C 159 -11.18 -10.74 -12.49
N GLY C 160 -10.00 -10.45 -13.05
CA GLY C 160 -9.51 -9.09 -13.06
C GLY C 160 -10.13 -8.24 -14.14
N GLY C 161 -10.48 -8.86 -15.27
CA GLY C 161 -11.15 -8.20 -16.36
C GLY C 161 -10.17 -7.69 -17.40
N PRO C 162 -10.67 -7.39 -18.59
CA PRO C 162 -9.80 -6.97 -19.68
C PRO C 162 -9.43 -5.49 -19.60
N MET C 163 -8.39 -5.13 -20.35
CA MET C 163 -7.99 -3.74 -20.47
C MET C 163 -9.07 -2.93 -21.19
N LEU C 164 -9.00 -1.61 -21.02
CA LEU C 164 -9.85 -0.73 -21.81
C LEU C 164 -9.55 -0.85 -23.31
N ASP C 165 -10.43 -0.25 -24.11
CA ASP C 165 -10.28 -0.28 -25.56
C ASP C 165 -9.02 0.45 -26.00
N GLY C 166 -8.28 -0.16 -26.93
CA GLY C 166 -7.10 0.48 -27.49
C GLY C 166 -7.43 1.16 -28.82
N TRP C 167 -7.05 2.43 -28.93
CA TRP C 167 -7.20 3.19 -30.16
C TRP C 167 -5.84 3.63 -30.69
N HIS C 168 -5.65 3.50 -32.01
CA HIS C 168 -4.42 3.92 -32.67
C HIS C 168 -4.80 4.50 -34.03
N GLU C 169 -4.62 5.80 -34.20
CA GLU C 169 -5.03 6.50 -35.42
C GLU C 169 -6.52 6.36 -35.64
N ASN C 170 -7.30 6.56 -34.57
CA ASN C 170 -8.76 6.43 -34.61
C ASN C 170 -9.16 5.05 -35.18
N GLU C 171 -8.50 4.01 -34.67
CA GLU C 171 -8.90 2.65 -34.99
C GLU C 171 -8.69 1.77 -33.76
N LEU C 172 -9.62 0.82 -33.58
CA LEU C 172 -9.50 -0.16 -32.51
C LEU C 172 -8.31 -1.08 -32.74
N VAL C 173 -7.38 -1.09 -31.80
CA VAL C 173 -6.29 -2.06 -31.76
C VAL C 173 -6.57 -2.99 -30.59
N GLY C 174 -6.67 -4.28 -30.86
CA GLY C 174 -6.84 -5.28 -29.82
C GLY C 174 -5.51 -5.88 -29.42
N SER C 175 -5.34 -6.09 -28.11
CA SER C 175 -4.20 -6.84 -27.59
C SER C 175 -4.01 -8.13 -28.37
N GLY C 176 -2.79 -8.37 -28.82
CA GLY C 176 -2.46 -9.60 -29.51
C GLY C 176 -2.78 -9.56 -30.99
N THR C 177 -4.07 -9.41 -31.32
CA THR C 177 -4.46 -9.33 -32.72
C THR C 177 -3.67 -8.25 -33.45
N VAL C 178 -3.26 -7.20 -32.75
CA VAL C 178 -2.50 -6.14 -33.43
C VAL C 178 -1.10 -6.62 -33.81
N ILE C 179 -0.55 -7.57 -33.06
CA ILE C 179 0.76 -8.13 -33.39
C ILE C 179 0.70 -8.92 -34.70
N TRP C 180 -0.24 -9.87 -34.81
CA TRP C 180 -0.31 -10.69 -36.02
C TRP C 180 -0.71 -9.86 -37.24
N ARG C 181 -1.60 -8.88 -37.05
CA ARG C 181 -1.90 -7.96 -38.14
C ARG C 181 -0.67 -7.14 -38.53
N SER C 182 0.13 -6.72 -37.55
CA SER C 182 1.32 -5.93 -37.84
C SER C 182 2.43 -6.74 -38.48
N ARG C 183 2.52 -8.06 -38.23
CA ARG C 183 3.57 -8.84 -38.87
C ARG C 183 3.37 -8.94 -40.38
N ARG C 184 2.12 -8.84 -40.83
CA ARG C 184 1.78 -8.81 -42.25
C ARG C 184 2.01 -7.43 -42.84
N LYS C 185 1.52 -6.40 -42.17
CA LYS C 185 1.83 -5.03 -42.58
C LYS C 185 3.33 -4.73 -42.62
N LEU C 186 4.17 -5.59 -42.05
CA LEU C 186 5.61 -5.31 -42.04
C LEU C 186 6.34 -6.00 -43.19
N ALA C 187 5.93 -7.23 -43.53
CA ALA C 187 6.50 -7.89 -44.69
C ALA C 187 6.06 -7.22 -45.98
N ALA C 188 4.80 -6.77 -46.05
CA ALA C 188 4.34 -5.97 -47.17
C ALA C 188 4.75 -4.50 -47.04
N GLY C 189 5.70 -4.18 -46.15
CA GLY C 189 6.28 -2.86 -46.03
C GLY C 189 5.39 -1.65 -45.75
N GLU C 190 4.12 -1.87 -45.34
CA GLU C 190 3.21 -0.74 -45.10
C GLU C 190 3.49 0.01 -43.80
N ILE C 191 4.23 -0.58 -42.85
CA ILE C 191 4.57 0.08 -41.60
C ILE C 191 6.06 -0.09 -41.33
N THR C 192 6.64 0.87 -40.64
CA THR C 192 8.03 0.81 -40.21
C THR C 192 8.16 -0.07 -38.97
N GLU C 193 9.39 -0.22 -38.49
CA GLU C 193 9.64 -1.03 -37.30
C GLU C 193 9.16 -0.35 -36.02
N GLU C 194 9.23 0.99 -35.98
CA GLU C 194 8.94 1.74 -34.77
C GLU C 194 7.47 2.14 -34.64
N GLU C 195 6.69 2.10 -35.72
CA GLU C 195 5.25 2.23 -35.54
C GLU C 195 4.62 0.90 -35.17
N PHE C 196 5.25 -0.21 -35.55
CA PHE C 196 4.92 -1.51 -34.98
C PHE C 196 4.89 -1.44 -33.46
N ILE C 197 5.92 -0.85 -32.87
CA ILE C 197 6.02 -0.81 -31.42
C ILE C 197 4.99 0.14 -30.83
N ASP C 198 4.74 1.27 -31.49
CA ASP C 198 3.71 2.19 -31.01
C ASP C 198 2.33 1.57 -31.15
N ARG C 199 2.10 0.83 -32.24
CA ARG C 199 0.81 0.19 -32.45
C ARG C 199 0.51 -0.82 -31.34
N ALA C 200 1.50 -1.68 -31.03
CA ALA C 200 1.33 -2.60 -29.92
C ALA C 200 1.10 -1.85 -28.61
N ALA C 201 1.82 -0.73 -28.43
CA ALA C 201 1.62 0.07 -27.21
C ALA C 201 0.20 0.59 -27.13
N SER C 202 -0.33 1.13 -28.22
CA SER C 202 -1.71 1.62 -28.20
C SER C 202 -2.71 0.53 -27.84
N SER C 203 -2.31 -0.75 -27.95
CA SER C 203 -3.22 -1.85 -27.71
C SER C 203 -3.44 -2.11 -26.24
N ALA C 204 -2.58 -1.56 -25.38
CA ALA C 204 -2.61 -1.81 -23.94
C ALA C 204 -2.73 -0.48 -23.23
N PRO C 205 -3.95 0.07 -23.11
CA PRO C 205 -4.12 1.42 -22.55
C PRO C 205 -4.40 1.51 -21.06
N SER C 206 -4.53 0.40 -20.33
CA SER C 206 -4.85 0.42 -18.91
C SER C 206 -4.40 -0.90 -18.29
N ALA C 207 -4.72 -1.06 -17.01
CA ALA C 207 -4.57 -2.35 -16.37
C ALA C 207 -5.59 -3.33 -16.94
N GLY C 208 -5.34 -4.61 -16.73
CA GLY C 208 -6.20 -5.67 -17.21
C GLY C 208 -5.48 -6.61 -18.16
N HIS C 209 -6.20 -7.64 -18.60
CA HIS C 209 -5.63 -8.61 -19.52
C HIS C 209 -6.00 -8.25 -20.97
N CYS C 210 -5.66 -9.11 -21.93
CA CYS C 210 -5.90 -8.82 -23.34
C CYS C 210 -7.37 -8.51 -23.59
N ASN C 211 -7.63 -7.42 -24.33
CA ASN C 211 -8.98 -6.88 -24.48
C ASN C 211 -9.71 -7.47 -25.68
N THR C 212 -9.19 -8.54 -26.26
CA THR C 212 -9.84 -9.29 -27.31
C THR C 212 -10.31 -10.62 -26.74
N MET C 213 -11.08 -11.36 -27.54
CA MET C 213 -11.56 -12.67 -27.11
C MET C 213 -10.44 -13.71 -27.26
N GLY C 214 -9.32 -13.42 -26.58
CA GLY C 214 -8.22 -14.36 -26.45
C GLY C 214 -8.44 -15.33 -25.30
N THR C 215 -7.36 -16.00 -24.90
CA THR C 215 -7.48 -17.03 -23.88
C THR C 215 -7.92 -16.45 -22.52
N ALA C 216 -7.45 -15.26 -22.18
CA ALA C 216 -7.84 -14.70 -20.90
C ALA C 216 -9.34 -14.46 -20.88
N SER C 217 -9.83 -13.67 -21.84
CA SER C 217 -11.26 -13.41 -21.96
C SER C 217 -12.07 -14.69 -22.11
N THR C 218 -11.51 -15.70 -22.77
CA THR C 218 -12.23 -16.95 -22.88
C THR C 218 -12.32 -17.65 -21.53
N MET C 219 -11.19 -17.83 -20.85
CA MET C 219 -11.20 -18.64 -19.64
C MET C 219 -11.97 -17.96 -18.51
N ASN C 220 -11.92 -16.65 -18.40
CA ASN C 220 -12.75 -16.00 -17.39
C ASN C 220 -14.23 -16.16 -17.73
N ALA C 221 -14.56 -16.10 -19.02
CA ALA C 221 -15.93 -16.42 -19.45
C ALA C 221 -16.27 -17.89 -19.18
N VAL C 222 -15.31 -18.78 -19.42
CA VAL C 222 -15.50 -20.18 -19.05
C VAL C 222 -15.77 -20.30 -17.55
N ALA C 223 -15.06 -19.53 -16.73
CA ALA C 223 -15.22 -19.64 -15.28
C ALA C 223 -16.64 -19.33 -14.86
N GLU C 224 -17.16 -18.19 -15.32
CA GLU C 224 -18.56 -17.84 -15.05
C GLU C 224 -19.51 -18.92 -15.60
N ALA C 225 -19.23 -19.43 -16.80
CA ALA C 225 -20.08 -20.46 -17.37
C ALA C 225 -20.11 -21.71 -16.51
N LEU C 226 -19.00 -22.06 -15.87
CA LEU C 226 -19.01 -23.27 -15.07
C LEU C 226 -19.70 -23.07 -13.74
N GLY C 227 -20.19 -21.86 -13.47
CA GLY C 227 -20.77 -21.57 -12.18
C GLY C 227 -19.78 -21.31 -11.07
N LEU C 228 -18.53 -20.98 -11.41
CA LEU C 228 -17.48 -20.81 -10.44
C LEU C 228 -17.25 -19.36 -10.07
N SER C 229 -18.08 -18.44 -10.59
CA SER C 229 -17.89 -17.04 -10.29
C SER C 229 -19.24 -16.35 -10.38
N LEU C 230 -19.31 -15.14 -9.83
CA LEU C 230 -20.58 -14.45 -9.80
C LEU C 230 -21.02 -14.05 -11.21
N THR C 231 -22.33 -13.94 -11.37
CA THR C 231 -22.94 -13.60 -12.64
C THR C 231 -22.53 -12.19 -13.05
N GLY C 232 -21.96 -12.08 -14.25
CA GLY C 232 -21.45 -10.83 -14.75
C GLY C 232 -20.01 -10.54 -14.39
N CYS C 233 -19.39 -11.41 -13.60
CA CYS C 233 -17.97 -11.28 -13.28
C CYS C 233 -17.21 -12.04 -14.34
N ALA C 234 -16.64 -11.32 -15.29
CA ALA C 234 -15.77 -11.92 -16.30
C ALA C 234 -15.33 -10.82 -17.24
N ALA C 235 -16.31 -10.14 -17.84
CA ALA C 235 -16.07 -9.15 -18.87
C ALA C 235 -15.97 -7.73 -18.33
N ILE C 236 -16.15 -7.50 -17.04
CA ILE C 236 -15.96 -6.15 -16.51
C ILE C 236 -14.53 -5.69 -16.75
N PRO C 237 -14.32 -4.61 -17.51
CA PRO C 237 -12.97 -4.05 -17.62
C PRO C 237 -12.36 -3.81 -16.25
N ALA C 238 -11.08 -4.14 -16.13
CA ALA C 238 -10.37 -3.96 -14.87
C ALA C 238 -10.48 -2.57 -14.24
N PRO C 239 -10.36 -1.45 -14.97
CA PRO C 239 -10.41 -0.14 -14.32
C PRO C 239 -11.81 0.36 -14.00
N TYR C 240 -12.83 -0.46 -14.14
CA TYR C 240 -14.21 -0.05 -13.85
C TYR C 240 -14.52 -0.21 -12.37
N ARG C 241 -15.24 0.75 -11.80
CA ARG C 241 -15.71 0.58 -10.42
C ARG C 241 -16.62 -0.63 -10.27
N GLU C 242 -17.33 -1.02 -11.33
CA GLU C 242 -18.06 -2.27 -11.30
C GLU C 242 -17.16 -3.44 -10.93
N ARG C 243 -15.86 -3.33 -11.22
CA ARG C 243 -14.94 -4.45 -10.97
C ARG C 243 -14.57 -4.53 -9.49
N GLY C 244 -14.39 -3.39 -8.84
CA GLY C 244 -14.21 -3.41 -7.39
C GLY C 244 -15.47 -3.73 -6.63
N GLN C 245 -16.62 -3.29 -7.13
CA GLN C 245 -17.88 -3.73 -6.55
C GLN C 245 -18.04 -5.24 -6.68
N MET C 246 -17.63 -5.79 -7.81
CA MET C 246 -17.70 -7.23 -7.96
C MET C 246 -16.76 -7.94 -6.98
N ALA C 247 -15.58 -7.37 -6.74
CA ALA C 247 -14.64 -8.01 -5.81
C ALA C 247 -15.19 -8.03 -4.39
N TYR C 248 -15.85 -6.96 -3.96
CA TYR C 248 -16.51 -6.93 -2.66
C TYR C 248 -17.57 -8.02 -2.56
N LYS C 249 -18.53 -8.03 -3.49
CA LYS C 249 -19.54 -9.08 -3.54
C LYS C 249 -18.89 -10.46 -3.46
N THR C 250 -17.78 -10.64 -4.17
CA THR C 250 -17.14 -11.95 -4.18
C THR C 250 -16.56 -12.28 -2.81
N GLY C 251 -16.07 -11.28 -2.10
CA GLY C 251 -15.57 -11.52 -0.75
C GLY C 251 -16.66 -11.97 0.20
N GLN C 252 -17.82 -11.28 0.16
CA GLN C 252 -19.02 -11.72 0.89
C GLN C 252 -19.38 -13.17 0.56
N ARG C 253 -19.55 -13.48 -0.74
CA ARG C 253 -20.17 -14.75 -1.09
C ARG C 253 -19.28 -15.94 -0.73
N ILE C 254 -17.97 -15.73 -0.65
CA ILE C 254 -17.12 -16.87 -0.34
C ILE C 254 -17.30 -17.27 1.12
N VAL C 255 -17.66 -16.33 1.98
CA VAL C 255 -17.93 -16.70 3.37
C VAL C 255 -19.17 -17.60 3.44
N ASP C 256 -20.26 -17.17 2.79
CA ASP C 256 -21.44 -18.01 2.64
C ASP C 256 -21.09 -19.40 2.11
N LEU C 257 -20.28 -19.47 1.04
CA LEU C 257 -19.93 -20.77 0.48
C LEU C 257 -19.20 -21.63 1.49
N ALA C 258 -18.45 -21.01 2.40
CA ALA C 258 -17.68 -21.77 3.38
C ALA C 258 -18.60 -22.40 4.42
N TYR C 259 -19.55 -21.61 4.94
CA TYR C 259 -20.55 -22.15 5.85
C TYR C 259 -21.43 -23.20 5.17
N ASP C 260 -21.86 -22.95 3.93
CA ASP C 260 -22.73 -23.91 3.26
C ASP C 260 -21.98 -25.11 2.71
N ASP C 261 -20.65 -25.10 2.78
CA ASP C 261 -19.84 -26.22 2.32
C ASP C 261 -20.14 -26.55 0.85
N VAL C 262 -20.04 -25.54 -0.01
CA VAL C 262 -20.28 -25.66 -1.44
C VAL C 262 -18.92 -25.88 -2.12
N LYS C 263 -18.58 -27.12 -2.37
CA LYS C 263 -17.21 -27.38 -2.82
C LYS C 263 -17.14 -27.40 -4.35
N PRO C 264 -15.93 -27.23 -4.91
CA PRO C 264 -15.78 -27.37 -6.36
C PRO C 264 -16.41 -28.62 -6.95
N LEU C 265 -16.17 -29.78 -6.34
CA LEU C 265 -16.70 -31.02 -6.90
C LEU C 265 -18.24 -31.06 -6.86
N ASP C 266 -18.88 -30.21 -6.04
CA ASP C 266 -20.33 -30.10 -6.11
C ASP C 266 -20.78 -29.38 -7.37
N ILE C 267 -19.95 -28.49 -7.92
CA ILE C 267 -20.33 -27.65 -9.05
C ILE C 267 -19.84 -28.22 -10.37
N LEU C 268 -18.60 -28.69 -10.41
CA LEU C 268 -17.95 -29.09 -11.66
C LEU C 268 -18.39 -30.49 -12.07
N THR C 269 -19.64 -30.57 -12.56
CA THR C 269 -20.19 -31.77 -13.17
C THR C 269 -19.99 -31.75 -14.68
N LYS C 270 -20.16 -32.91 -15.30
CA LYS C 270 -20.12 -32.97 -16.76
C LYS C 270 -21.11 -32.00 -17.38
N GLN C 271 -22.27 -31.81 -16.74
CA GLN C 271 -23.21 -30.81 -17.22
C GLN C 271 -22.61 -29.41 -17.22
N ALA C 272 -21.72 -29.13 -16.26
CA ALA C 272 -21.15 -27.79 -16.16
C ALA C 272 -20.11 -27.59 -17.25
N PHE C 273 -19.21 -28.55 -17.43
CA PHE C 273 -18.24 -28.41 -18.52
C PHE C 273 -18.94 -28.31 -19.87
N GLU C 274 -20.03 -29.07 -20.06
CA GLU C 274 -20.78 -28.96 -21.31
C GLU C 274 -21.31 -27.55 -21.51
N ASN C 275 -21.82 -26.93 -20.45
CA ASN C 275 -22.19 -25.51 -20.54
C ASN C 275 -20.99 -24.64 -20.90
N ALA C 276 -19.80 -25.00 -20.42
CA ALA C 276 -18.61 -24.24 -20.77
C ALA C 276 -18.25 -24.43 -22.23
N ILE C 277 -18.23 -25.68 -22.70
CA ILE C 277 -17.94 -25.95 -24.10
C ILE C 277 -18.88 -25.19 -25.02
N ALA C 278 -20.16 -25.12 -24.67
CA ALA C 278 -21.09 -24.37 -25.49
C ALA C 278 -20.71 -22.89 -25.54
N LEU C 279 -20.42 -22.30 -24.39
CA LEU C 279 -20.10 -20.87 -24.31
C LEU C 279 -18.88 -20.53 -25.15
N VAL C 280 -17.89 -21.44 -25.18
CA VAL C 280 -16.65 -21.16 -25.90
C VAL C 280 -16.94 -20.99 -27.39
N ALA C 281 -17.50 -22.03 -28.01
CA ALA C 281 -17.96 -21.95 -29.39
C ALA C 281 -18.84 -20.72 -29.64
N ALA C 282 -19.85 -20.50 -28.79
CA ALA C 282 -20.75 -19.39 -29.02
C ALA C 282 -20.03 -18.04 -28.98
N ALA C 283 -18.90 -17.95 -28.27
CA ALA C 283 -18.21 -16.67 -28.10
C ALA C 283 -17.00 -16.51 -29.00
N GLY C 284 -16.67 -17.53 -29.80
CA GLY C 284 -15.47 -17.46 -30.61
C GLY C 284 -14.23 -17.54 -29.77
N GLY C 285 -14.25 -18.37 -28.74
CA GLY C 285 -13.18 -18.44 -27.77
C GLY C 285 -11.94 -19.10 -28.31
N SER C 286 -10.87 -18.93 -27.53
CA SER C 286 -9.56 -19.42 -27.91
C SER C 286 -9.51 -20.94 -27.94
N THR C 287 -8.78 -21.47 -28.92
CA THR C 287 -8.51 -22.90 -28.98
C THR C 287 -7.75 -23.40 -27.74
N ASN C 288 -7.09 -22.49 -27.01
CA ASN C 288 -6.41 -22.90 -25.79
C ASN C 288 -7.38 -23.34 -24.71
N ALA C 289 -8.66 -22.98 -24.84
CA ALA C 289 -9.67 -23.42 -23.87
C ALA C 289 -9.85 -24.93 -23.90
N GLN C 290 -9.59 -25.57 -25.05
CA GLN C 290 -9.78 -27.01 -25.12
C GLN C 290 -8.82 -27.78 -24.22
N PRO C 291 -7.49 -27.57 -24.26
CA PRO C 291 -6.64 -28.26 -23.26
C PRO C 291 -6.94 -27.84 -21.82
N HIS C 292 -7.34 -26.58 -21.56
CA HIS C 292 -7.58 -26.16 -20.18
C HIS C 292 -8.87 -26.75 -19.65
N ILE C 293 -9.91 -26.83 -20.49
CA ILE C 293 -11.18 -27.36 -20.02
C ILE C 293 -11.04 -28.86 -19.75
N VAL C 294 -10.29 -29.55 -20.61
CA VAL C 294 -10.07 -30.97 -20.38
C VAL C 294 -9.28 -31.17 -19.10
N ALA C 295 -8.30 -30.30 -18.85
CA ALA C 295 -7.47 -30.39 -17.66
C ALA C 295 -8.31 -30.21 -16.38
N MET C 296 -9.13 -29.17 -16.34
CA MET C 296 -10.01 -28.97 -15.19
C MET C 296 -10.93 -30.17 -15.00
N ALA C 297 -11.55 -30.63 -16.08
CA ALA C 297 -12.45 -31.78 -16.01
C ALA C 297 -11.75 -32.98 -15.41
N ARG C 298 -10.56 -33.31 -15.91
CA ARG C 298 -9.83 -34.46 -15.41
C ARG C 298 -9.56 -34.33 -13.92
N HIS C 299 -9.17 -33.14 -13.49
CA HIS C 299 -8.92 -32.93 -12.08
C HIS C 299 -10.20 -32.96 -11.28
N ALA C 300 -11.34 -32.73 -11.93
CA ALA C 300 -12.65 -32.95 -11.34
C ALA C 300 -13.14 -34.39 -11.46
N GLY C 301 -12.27 -35.32 -11.87
CA GLY C 301 -12.67 -36.69 -12.15
C GLY C 301 -13.74 -36.83 -13.21
N VAL C 302 -13.78 -35.91 -14.17
CA VAL C 302 -14.79 -35.89 -15.24
C VAL C 302 -14.08 -36.20 -16.55
N GLU C 303 -14.66 -37.09 -17.36
CA GLU C 303 -14.11 -37.34 -18.68
C GLU C 303 -14.73 -36.36 -19.68
N ILE C 304 -13.89 -35.74 -20.50
CA ILE C 304 -14.35 -34.91 -21.60
C ILE C 304 -13.69 -35.44 -22.86
N THR C 305 -14.48 -35.80 -23.84
CA THR C 305 -13.95 -36.50 -24.99
C THR C 305 -14.09 -35.66 -26.25
N ALA C 306 -13.38 -36.11 -27.29
CA ALA C 306 -13.47 -35.45 -28.59
C ALA C 306 -14.90 -35.36 -29.08
N ASP C 307 -15.75 -36.28 -28.65
CA ASP C 307 -17.15 -36.22 -29.04
C ASP C 307 -17.85 -35.02 -28.43
N ASP C 308 -17.52 -34.69 -27.17
CA ASP C 308 -18.15 -33.54 -26.54
C ASP C 308 -17.77 -32.24 -27.23
N TRP C 309 -16.62 -32.22 -27.92
CA TRP C 309 -16.27 -31.06 -28.71
C TRP C 309 -17.09 -31.00 -29.98
N ARG C 310 -17.27 -32.17 -30.63
CA ARG C 310 -18.10 -32.24 -31.83
C ARG C 310 -19.51 -31.73 -31.58
N ALA C 311 -20.07 -32.06 -30.40
CA ALA C 311 -21.42 -31.62 -30.06
C ALA C 311 -21.59 -30.11 -30.04
N ALA C 312 -20.50 -29.35 -29.93
CA ALA C 312 -20.60 -27.90 -29.91
C ALA C 312 -20.32 -27.26 -31.27
N TYR C 313 -19.79 -28.04 -32.22
CA TYR C 313 -19.42 -27.51 -33.53
C TYR C 313 -20.52 -26.66 -34.14
N ASP C 314 -21.72 -27.20 -34.23
CA ASP C 314 -22.76 -26.48 -34.96
C ASP C 314 -23.33 -25.24 -34.22
N ILE C 315 -22.71 -24.72 -33.15
CA ILE C 315 -23.24 -23.54 -32.45
C ILE C 315 -22.80 -22.29 -33.19
N PRO C 316 -23.67 -21.30 -33.37
CA PRO C 316 -23.28 -20.11 -34.13
C PRO C 316 -22.36 -19.19 -33.34
N LEU C 317 -21.60 -18.38 -34.08
CA LEU C 317 -20.83 -17.29 -33.50
C LEU C 317 -21.76 -16.13 -33.15
N ILE C 318 -21.82 -15.80 -31.87
CA ILE C 318 -22.77 -14.83 -31.33
C ILE C 318 -22.10 -13.52 -30.92
N VAL C 319 -20.79 -13.50 -30.71
CA VAL C 319 -20.08 -12.35 -30.13
C VAL C 319 -19.26 -11.66 -31.21
N ASN C 320 -19.44 -10.35 -31.32
CA ASN C 320 -18.81 -9.55 -32.37
C ASN C 320 -17.55 -8.88 -31.83
N MET C 321 -16.58 -9.72 -31.50
CA MET C 321 -15.38 -9.30 -30.78
C MET C 321 -14.15 -9.78 -31.54
N GLN C 322 -13.16 -8.92 -31.70
CA GLN C 322 -11.90 -9.38 -32.26
C GLN C 322 -11.38 -10.55 -31.42
N PRO C 323 -10.78 -11.58 -32.04
CA PRO C 323 -10.32 -11.72 -33.44
C PRO C 323 -11.41 -11.97 -34.47
N ALA C 324 -12.34 -12.88 -34.15
CA ALA C 324 -13.37 -13.30 -35.07
C ALA C 324 -14.22 -12.12 -35.54
N GLY C 325 -14.60 -11.25 -34.61
CA GLY C 325 -15.47 -10.14 -34.93
C GLY C 325 -14.76 -8.81 -34.97
N LYS C 326 -15.40 -7.79 -34.40
CA LYS C 326 -15.04 -6.40 -34.60
C LYS C 326 -14.68 -5.65 -33.32
N TYR C 327 -15.44 -5.83 -32.24
CA TYR C 327 -15.29 -4.99 -31.06
C TYR C 327 -14.33 -5.60 -30.03
N LEU C 328 -14.15 -4.88 -28.92
CA LEU C 328 -13.24 -5.26 -27.85
C LEU C 328 -14.01 -5.40 -26.53
N GLY C 329 -13.26 -5.77 -25.48
CA GLY C 329 -13.86 -6.19 -24.23
C GLY C 329 -14.82 -5.19 -23.62
N GLU C 330 -14.58 -3.88 -23.84
CA GLU C 330 -15.47 -2.87 -23.27
C GLU C 330 -16.90 -3.01 -23.81
N ARG C 331 -17.05 -3.06 -25.14
CA ARG C 331 -18.40 -3.15 -25.73
C ARG C 331 -19.08 -4.46 -25.37
N PHE C 332 -18.31 -5.54 -25.30
CA PHE C 332 -18.84 -6.83 -24.89
C PHE C 332 -19.42 -6.77 -23.48
N HIS C 333 -18.72 -6.11 -22.56
CA HIS C 333 -19.28 -5.99 -21.22
C HIS C 333 -20.54 -5.14 -21.23
N ARG C 334 -20.52 -4.00 -21.94
CA ARG C 334 -21.69 -3.14 -22.00
C ARG C 334 -22.90 -3.84 -22.59
N ALA C 335 -22.69 -4.89 -23.38
CA ALA C 335 -23.75 -5.64 -24.00
C ALA C 335 -24.30 -6.74 -23.10
N GLY C 336 -23.83 -6.83 -21.85
CA GLY C 336 -24.26 -7.89 -20.96
C GLY C 336 -23.30 -9.05 -20.80
N GLY C 337 -22.15 -9.00 -21.46
CA GLY C 337 -21.05 -9.96 -21.29
C GLY C 337 -21.45 -11.40 -21.47
N ALA C 338 -20.70 -12.27 -20.80
CA ALA C 338 -21.00 -13.70 -20.87
C ALA C 338 -22.41 -14.06 -20.40
N PRO C 339 -23.05 -13.35 -19.46
CA PRO C 339 -24.47 -13.63 -19.20
C PRO C 339 -25.31 -13.54 -20.46
N ALA C 340 -25.20 -12.44 -21.20
CA ALA C 340 -25.98 -12.30 -22.43
C ALA C 340 -25.72 -13.44 -23.39
N VAL C 341 -24.47 -13.91 -23.45
CA VAL C 341 -24.15 -15.00 -24.38
C VAL C 341 -24.72 -16.32 -23.88
N LEU C 342 -24.78 -16.50 -22.56
CA LEU C 342 -25.36 -17.72 -22.04
C LEU C 342 -26.87 -17.73 -22.21
N TRP C 343 -27.49 -16.57 -21.99
CA TRP C 343 -28.94 -16.40 -22.15
C TRP C 343 -29.40 -16.83 -23.55
N GLU C 344 -28.68 -16.38 -24.60
CA GLU C 344 -28.92 -16.89 -25.94
C GLU C 344 -28.91 -18.41 -25.94
N LEU C 345 -27.81 -19.00 -25.49
CA LEU C 345 -27.69 -20.46 -25.49
C LEU C 345 -28.82 -21.11 -24.71
N LEU C 346 -29.32 -20.46 -23.65
CA LEU C 346 -30.38 -21.04 -22.84
C LEU C 346 -31.68 -21.21 -23.63
N GLN C 347 -32.16 -20.12 -24.24
CA GLN C 347 -33.45 -20.14 -24.92
C GLN C 347 -33.51 -21.14 -26.07
N GLN C 348 -32.38 -21.45 -26.68
CA GLN C 348 -32.34 -22.48 -27.71
C GLN C 348 -32.04 -23.85 -27.13
N GLY C 349 -32.23 -24.03 -25.82
CA GLY C 349 -32.05 -25.33 -25.21
C GLY C 349 -30.66 -25.91 -25.32
N ARG C 350 -29.63 -25.05 -25.37
CA ARG C 350 -28.26 -25.52 -25.48
C ARG C 350 -27.51 -25.54 -24.15
N LEU C 351 -28.08 -24.95 -23.10
CA LEU C 351 -27.55 -25.01 -21.75
C LEU C 351 -28.32 -26.05 -20.93
N HIS C 352 -27.66 -26.55 -19.88
CA HIS C 352 -28.36 -27.23 -18.78
C HIS C 352 -28.62 -26.18 -17.70
N GLY C 353 -29.74 -25.47 -17.84
CA GLY C 353 -29.99 -24.30 -17.02
C GLY C 353 -30.26 -24.54 -15.55
N ASP C 354 -30.25 -25.78 -15.08
CA ASP C 354 -30.58 -26.05 -13.69
C ASP C 354 -29.39 -26.54 -12.88
N VAL C 355 -28.18 -26.48 -13.45
CA VAL C 355 -26.99 -26.80 -12.66
C VAL C 355 -26.76 -25.73 -11.60
N LEU C 356 -26.07 -26.13 -10.54
CA LEU C 356 -25.80 -25.26 -9.40
C LEU C 356 -24.61 -24.37 -9.66
N THR C 357 -24.66 -23.15 -9.12
CA THR C 357 -23.56 -22.20 -9.24
C THR C 357 -23.22 -21.61 -7.88
N VAL C 358 -22.07 -20.95 -7.81
CA VAL C 358 -21.60 -20.36 -6.54
C VAL C 358 -22.44 -19.15 -6.20
N THR C 359 -23.52 -18.90 -6.92
CA THR C 359 -24.42 -17.82 -6.55
C THR C 359 -25.52 -18.27 -5.60
N GLY C 360 -25.71 -19.59 -5.46
CA GLY C 360 -26.87 -20.10 -4.74
C GLY C 360 -28.00 -20.45 -5.70
N LYS C 361 -28.33 -19.51 -6.59
CA LYS C 361 -29.28 -19.78 -7.67
C LYS C 361 -28.66 -20.73 -8.68
N THR C 362 -29.52 -21.28 -9.55
CA THR C 362 -29.05 -22.08 -10.67
C THR C 362 -28.78 -21.20 -11.88
N MET C 363 -28.16 -21.80 -12.89
CA MET C 363 -27.76 -21.05 -14.08
C MET C 363 -28.96 -20.35 -14.72
N SER C 364 -30.13 -21.01 -14.74
CA SER C 364 -31.29 -20.37 -15.32
C SER C 364 -31.70 -19.14 -14.51
N GLU C 365 -31.80 -19.28 -13.18
CA GLU C 365 -32.20 -18.10 -12.42
C GLU C 365 -31.13 -17.02 -12.45
N ASN C 366 -29.88 -17.39 -12.76
CA ASN C 366 -28.83 -16.40 -12.89
C ASN C 366 -29.05 -15.51 -14.11
N LEU C 367 -29.55 -16.09 -15.21
CA LEU C 367 -29.68 -15.38 -16.47
C LEU C 367 -31.07 -14.85 -16.74
N GLN C 368 -32.05 -15.13 -15.89
CA GLN C 368 -33.34 -14.49 -16.03
C GLN C 368 -33.11 -12.97 -16.06
N GLY C 369 -33.38 -12.35 -17.19
CA GLY C 369 -33.26 -10.92 -17.34
C GLY C 369 -32.02 -10.46 -18.07
N ARG C 370 -31.18 -11.38 -18.51
CA ARG C 370 -29.85 -11.08 -19.04
C ARG C 370 -29.80 -11.07 -20.56
N GLU C 371 -30.89 -10.73 -21.24
CA GLU C 371 -30.80 -10.58 -22.69
C GLU C 371 -29.99 -9.35 -23.03
N THR C 372 -29.15 -9.47 -24.05
CA THR C 372 -28.24 -8.39 -24.38
C THR C 372 -28.97 -7.08 -24.65
N SER C 373 -28.30 -5.99 -24.36
CA SER C 373 -28.83 -4.66 -24.63
C SER C 373 -28.20 -4.03 -25.86
N ASP C 374 -27.43 -4.80 -26.63
CA ASP C 374 -26.73 -4.24 -27.80
C ASP C 374 -26.55 -5.35 -28.84
N ARG C 375 -27.53 -5.45 -29.75
CA ARG C 375 -27.49 -6.47 -30.79
C ARG C 375 -26.42 -6.20 -31.84
N GLU C 376 -25.78 -5.03 -31.81
CA GLU C 376 -24.61 -4.80 -32.65
C GLU C 376 -23.39 -5.59 -32.19
N VAL C 377 -23.40 -6.10 -30.94
CA VAL C 377 -22.23 -6.74 -30.33
C VAL C 377 -22.50 -8.21 -30.02
N ILE C 378 -23.64 -8.49 -29.38
CA ILE C 378 -24.06 -9.88 -29.14
C ILE C 378 -25.28 -10.14 -30.03
N PHE C 379 -25.11 -11.04 -31.00
CA PHE C 379 -26.07 -11.31 -32.05
C PHE C 379 -27.12 -12.32 -31.59
N PRO C 380 -28.31 -12.29 -32.19
CA PRO C 380 -29.31 -13.31 -31.85
C PRO C 380 -28.96 -14.67 -32.45
N TYR C 381 -29.19 -15.71 -31.65
CA TYR C 381 -28.81 -17.06 -32.03
C TYR C 381 -29.27 -17.42 -33.43
N HIS C 382 -30.43 -16.91 -33.84
CA HIS C 382 -31.06 -17.34 -35.08
C HIS C 382 -30.70 -16.47 -36.26
N GLU C 383 -30.31 -15.21 -36.02
CA GLU C 383 -29.72 -14.35 -37.05
C GLU C 383 -28.31 -13.98 -36.60
N PRO C 384 -27.35 -14.92 -36.74
CA PRO C 384 -26.06 -14.74 -36.07
C PRO C 384 -24.95 -14.16 -36.95
N LEU C 385 -23.75 -14.11 -36.38
CA LEU C 385 -22.58 -13.63 -37.11
C LEU C 385 -22.12 -14.66 -38.13
N ALA C 386 -22.05 -15.93 -37.72
CA ALA C 386 -21.57 -16.99 -38.58
C ALA C 386 -22.08 -18.31 -38.01
N GLU C 387 -22.06 -19.34 -38.84
CA GLU C 387 -22.58 -20.63 -38.45
C GLU C 387 -21.43 -21.61 -38.24
N LYS C 388 -21.74 -22.69 -37.52
CA LYS C 388 -20.77 -23.75 -37.22
C LYS C 388 -19.45 -23.18 -36.68
N ALA C 389 -19.54 -22.38 -35.62
CA ALA C 389 -18.40 -21.64 -35.10
C ALA C 389 -17.57 -22.45 -34.10
N GLY C 390 -18.12 -23.54 -33.59
CA GLY C 390 -17.38 -24.37 -32.65
C GLY C 390 -16.10 -24.96 -33.25
N PHE C 391 -15.22 -25.40 -32.36
CA PHE C 391 -14.02 -26.08 -32.83
C PHE C 391 -14.42 -27.32 -33.59
N LEU C 392 -13.63 -27.66 -34.60
CA LEU C 392 -13.90 -28.82 -35.42
C LEU C 392 -12.78 -29.82 -35.20
N VAL C 393 -13.14 -31.01 -34.73
CA VAL C 393 -12.16 -32.05 -34.45
C VAL C 393 -11.72 -32.73 -35.75
N LEU C 394 -10.43 -33.07 -35.83
CA LEU C 394 -9.88 -33.78 -36.99
C LEU C 394 -9.06 -34.98 -36.52
N LYS C 395 -9.45 -36.18 -36.95
CA LYS C 395 -8.63 -37.38 -36.87
C LYS C 395 -7.79 -37.51 -38.14
N GLY C 396 -6.96 -38.53 -38.20
CA GLY C 396 -6.10 -38.74 -39.35
C GLY C 396 -4.90 -39.59 -39.01
N ASN C 397 -4.07 -39.78 -40.04
CA ASN C 397 -2.84 -40.56 -39.91
C ASN C 397 -1.66 -39.69 -39.49
N LEU C 398 -1.85 -38.39 -39.38
CA LEU C 398 -0.84 -37.49 -38.84
C LEU C 398 -1.02 -37.24 -37.35
N PHE C 399 -2.20 -37.52 -36.80
CA PHE C 399 -2.52 -37.30 -35.40
C PHE C 399 -3.89 -37.86 -35.10
N ASP C 400 -4.10 -38.27 -33.85
CA ASP C 400 -5.37 -38.85 -33.42
C ASP C 400 -6.33 -37.81 -32.87
N PHE C 401 -5.90 -36.56 -32.75
CA PHE C 401 -6.77 -35.46 -32.35
C PHE C 401 -6.11 -34.14 -32.74
N ALA C 402 -6.93 -33.23 -33.26
CA ALA C 402 -6.58 -31.82 -33.41
C ALA C 402 -7.89 -31.06 -33.46
N ILE C 403 -7.78 -29.72 -33.45
CA ILE C 403 -8.95 -28.87 -33.59
C ILE C 403 -8.61 -27.69 -34.47
N MET C 404 -9.63 -27.14 -35.13
CA MET C 404 -9.47 -26.05 -36.08
C MET C 404 -10.35 -24.88 -35.64
N LYS C 405 -9.80 -23.67 -35.67
CA LYS C 405 -10.53 -22.50 -35.22
C LYS C 405 -11.53 -22.09 -36.30
N SER C 406 -12.65 -22.81 -36.32
CA SER C 406 -13.71 -22.53 -37.29
C SER C 406 -14.15 -21.08 -37.25
N SER C 407 -14.13 -20.46 -36.07
CA SER C 407 -14.76 -19.16 -35.91
C SER C 407 -14.05 -18.07 -36.70
N VAL C 408 -12.77 -18.27 -37.06
CA VAL C 408 -12.00 -17.23 -37.73
C VAL C 408 -11.67 -17.59 -39.18
N ILE C 409 -12.52 -18.41 -39.81
CA ILE C 409 -12.43 -18.66 -41.25
C ILE C 409 -12.99 -17.43 -41.96
N GLY C 410 -12.12 -16.68 -42.67
CA GLY C 410 -12.59 -15.53 -43.41
C GLY C 410 -13.13 -15.86 -44.81
N GLU C 411 -13.67 -14.81 -45.46
CA GLU C 411 -14.32 -14.98 -46.76
C GLU C 411 -13.37 -15.58 -47.80
N GLU C 412 -12.18 -15.00 -47.94
CA GLU C 412 -11.27 -15.44 -48.97
C GLU C 412 -10.77 -16.86 -48.71
N PHE C 413 -10.46 -17.18 -47.46
CA PHE C 413 -10.03 -18.53 -47.13
C PHE C 413 -11.09 -19.55 -47.52
N ARG C 414 -12.37 -19.24 -47.24
CA ARG C 414 -13.46 -20.16 -47.55
C ARG C 414 -13.58 -20.35 -49.06
N LYS C 415 -13.47 -19.25 -49.83
CA LYS C 415 -13.48 -19.31 -51.28
C LYS C 415 -12.30 -20.13 -51.80
N ARG C 416 -11.08 -19.84 -51.34
CA ARG C 416 -9.90 -20.40 -51.97
C ARG C 416 -9.68 -21.88 -51.67
N TYR C 417 -10.14 -22.39 -50.52
CA TYR C 417 -9.87 -23.77 -50.15
C TYR C 417 -11.11 -24.61 -49.87
N LEU C 418 -12.23 -24.00 -49.50
CA LEU C 418 -13.34 -24.77 -48.94
C LEU C 418 -14.56 -24.77 -49.86
N SER C 419 -14.41 -24.39 -51.13
CA SER C 419 -15.55 -24.06 -51.96
C SER C 419 -15.55 -24.82 -53.30
N GLN C 420 -14.93 -26.00 -53.35
CA GLN C 420 -14.98 -26.86 -54.54
C GLN C 420 -16.42 -27.22 -54.86
N PRO C 421 -16.93 -26.90 -56.07
CA PRO C 421 -18.36 -27.15 -56.35
C PRO C 421 -18.76 -28.60 -56.20
N GLY C 422 -17.90 -29.52 -56.60
CA GLY C 422 -18.12 -30.91 -56.21
C GLY C 422 -18.27 -31.10 -54.71
N GLN C 423 -17.16 -30.96 -53.94
CA GLN C 423 -17.10 -31.34 -52.54
C GLN C 423 -16.64 -30.16 -51.69
N GLU C 424 -17.59 -29.36 -51.21
CA GLU C 424 -17.28 -28.25 -50.33
C GLU C 424 -16.70 -28.77 -49.00
N GLY C 425 -15.77 -27.99 -48.45
CA GLY C 425 -15.08 -28.41 -47.25
C GLY C 425 -13.99 -29.45 -47.44
N VAL C 426 -13.64 -29.81 -48.67
CA VAL C 426 -12.49 -30.68 -48.90
C VAL C 426 -11.47 -29.86 -49.68
N PHE C 427 -10.20 -30.17 -49.46
CA PHE C 427 -9.10 -29.62 -50.25
C PHE C 427 -7.84 -30.40 -49.96
N GLU C 428 -6.85 -30.19 -50.82
CA GLU C 428 -5.55 -30.82 -50.72
C GLU C 428 -4.50 -29.74 -50.86
N ALA C 429 -3.43 -29.84 -50.06
CA ALA C 429 -2.37 -28.86 -50.13
C ALA C 429 -1.04 -29.56 -49.95
N ARG C 430 0.01 -28.88 -50.42
CA ARG C 430 1.38 -29.37 -50.30
C ARG C 430 1.97 -28.92 -48.96
N ALA C 431 2.58 -29.86 -48.25
CA ALA C 431 3.08 -29.62 -46.91
C ALA C 431 4.45 -28.93 -46.97
N ILE C 432 4.54 -27.75 -46.37
CA ILE C 432 5.82 -27.08 -46.10
C ILE C 432 6.07 -27.22 -44.59
N VAL C 433 7.17 -27.86 -44.23
CA VAL C 433 7.35 -28.41 -42.89
C VAL C 433 8.53 -27.74 -42.20
N PHE C 434 8.24 -27.05 -41.09
CA PHE C 434 9.23 -26.38 -40.27
C PHE C 434 9.39 -27.06 -38.92
N ASP C 435 10.63 -27.14 -38.43
CA ASP C 435 10.93 -27.78 -37.16
C ASP C 435 11.17 -26.68 -36.12
N GLY C 436 10.09 -26.25 -35.47
CA GLY C 436 10.16 -25.13 -34.56
C GLY C 436 10.13 -23.80 -35.29
N SER C 437 9.83 -22.74 -34.55
CA SER C 437 9.55 -21.44 -35.17
C SER C 437 10.80 -20.80 -35.73
N ASP C 438 11.99 -21.15 -35.21
CA ASP C 438 13.20 -20.52 -35.74
C ASP C 438 13.46 -21.01 -37.15
N ASP C 439 13.21 -22.30 -37.39
CA ASP C 439 13.22 -22.86 -38.73
C ASP C 439 12.31 -22.09 -39.67
N TYR C 440 11.13 -21.71 -39.18
CA TYR C 440 10.17 -20.98 -39.99
C TYR C 440 10.74 -19.62 -40.42
N HIS C 441 11.21 -18.82 -39.47
CA HIS C 441 11.66 -17.47 -39.79
C HIS C 441 12.89 -17.45 -40.69
N LYS C 442 13.67 -18.53 -40.73
CA LYS C 442 14.87 -18.57 -41.53
C LYS C 442 14.65 -19.22 -42.90
N ARG C 443 13.47 -19.75 -43.18
CA ARG C 443 13.20 -20.43 -44.43
C ARG C 443 11.90 -20.03 -45.11
N ILE C 444 10.98 -19.35 -44.43
CA ILE C 444 9.66 -19.10 -45.02
C ILE C 444 9.80 -18.31 -46.32
N ASN C 445 10.85 -17.51 -46.44
CA ASN C 445 11.07 -16.69 -47.63
C ASN C 445 12.24 -17.21 -48.47
N ASP C 446 12.74 -18.39 -48.17
CA ASP C 446 13.72 -19.06 -49.01
C ASP C 446 13.00 -19.51 -50.28
N PRO C 447 13.27 -18.90 -51.44
CA PRO C 447 12.44 -19.16 -52.63
C PRO C 447 12.64 -20.56 -53.21
N ALA C 448 13.66 -21.29 -52.79
CA ALA C 448 13.82 -22.68 -53.23
C ALA C 448 12.68 -23.58 -52.79
N LEU C 449 11.75 -23.08 -51.97
CA LEU C 449 10.63 -23.87 -51.49
C LEU C 449 9.42 -23.79 -52.40
N GLU C 450 9.38 -22.81 -53.30
CA GLU C 450 8.33 -22.70 -54.31
C GLU C 450 6.94 -22.72 -53.67
N ILE C 451 6.74 -21.84 -52.69
CA ILE C 451 5.48 -21.82 -51.96
C ILE C 451 4.45 -21.06 -52.79
N ASP C 452 3.26 -21.64 -52.91
CA ASP C 452 2.16 -21.05 -53.64
C ASP C 452 0.88 -21.16 -52.81
N GLU C 453 -0.17 -20.51 -53.31
CA GLU C 453 -1.50 -20.54 -52.69
C GLU C 453 -2.00 -21.95 -52.32
N ARG C 454 -1.43 -23.01 -52.88
CA ARG C 454 -1.91 -24.37 -52.59
C ARG C 454 -1.00 -25.14 -51.64
N CYS C 455 -0.27 -24.42 -50.78
CA CYS C 455 0.58 -25.03 -49.78
C CYS C 455 -0.04 -24.90 -48.40
N ILE C 456 0.30 -25.84 -47.52
CA ILE C 456 -0.08 -25.79 -46.12
C ILE C 456 1.21 -25.66 -45.30
N LEU C 457 1.30 -24.60 -44.50
CA LEU C 457 2.45 -24.40 -43.61
C LEU C 457 2.30 -25.29 -42.39
N VAL C 458 3.33 -26.08 -42.10
CA VAL C 458 3.28 -27.06 -41.02
C VAL C 458 4.47 -26.85 -40.09
N ILE C 459 4.19 -26.82 -38.78
CA ILE C 459 5.22 -26.65 -37.76
C ILE C 459 5.06 -27.76 -36.75
N ARG C 460 6.17 -28.40 -36.38
CA ARG C 460 6.18 -29.50 -35.44
C ARG C 460 7.36 -29.33 -34.50
N GLY C 461 7.44 -30.23 -33.52
CA GLY C 461 8.41 -30.06 -32.46
C GLY C 461 8.01 -29.01 -31.45
N ALA C 462 6.70 -28.78 -31.28
CA ALA C 462 6.19 -27.65 -30.51
C ALA C 462 5.04 -28.06 -29.60
N GLY C 463 4.99 -29.33 -29.19
CA GLY C 463 4.04 -29.76 -28.17
C GLY C 463 4.64 -29.76 -26.77
N PRO C 464 3.88 -30.30 -25.80
CA PRO C 464 4.36 -30.34 -24.40
C PRO C 464 5.78 -30.86 -24.23
N ILE C 465 6.10 -32.01 -24.82
CA ILE C 465 7.45 -32.54 -24.70
C ILE C 465 8.41 -31.88 -25.68
N GLY C 466 7.92 -31.35 -26.79
CA GLY C 466 8.82 -30.93 -27.84
C GLY C 466 9.50 -29.61 -27.60
N TRP C 467 8.75 -28.61 -27.13
CA TRP C 467 9.22 -27.24 -27.12
C TRP C 467 10.22 -26.94 -25.99
N PRO C 468 9.96 -27.33 -24.71
CA PRO C 468 8.84 -28.02 -24.06
C PRO C 468 7.74 -27.08 -23.58
N GLY C 469 6.57 -27.64 -23.23
CA GLY C 469 5.39 -26.84 -22.97
C GLY C 469 4.88 -26.28 -24.29
N SER C 470 3.71 -26.74 -24.75
CA SER C 470 3.17 -26.35 -26.06
C SER C 470 3.35 -24.86 -26.31
N ALA C 471 3.83 -24.50 -27.51
CA ALA C 471 4.13 -23.11 -27.85
C ALA C 471 3.10 -22.53 -28.82
N GLU C 472 2.99 -21.20 -28.81
CA GLU C 472 2.03 -20.48 -29.63
C GLU C 472 2.72 -19.99 -30.92
N VAL C 473 3.04 -20.96 -31.79
CA VAL C 473 3.84 -20.69 -32.98
C VAL C 473 3.18 -21.21 -34.27
N VAL C 474 1.92 -21.65 -34.19
CA VAL C 474 1.24 -22.25 -35.32
C VAL C 474 0.60 -21.24 -36.28
N ASN C 475 0.26 -20.03 -35.81
CA ASN C 475 -0.36 -19.02 -36.68
C ASN C 475 0.69 -18.37 -37.60
N MET C 476 1.34 -19.22 -38.40
CA MET C 476 2.33 -18.75 -39.38
C MET C 476 1.69 -17.98 -40.52
N GLN C 477 2.36 -16.93 -40.95
CA GLN C 477 1.82 -16.11 -42.03
C GLN C 477 2.41 -16.53 -43.38
N PRO C 478 1.77 -16.17 -44.50
CA PRO C 478 2.32 -16.55 -45.80
C PRO C 478 3.67 -15.90 -46.04
N PRO C 479 4.45 -16.40 -47.00
CA PRO C 479 5.70 -15.72 -47.39
C PRO C 479 5.42 -14.30 -47.84
N ASP C 480 6.49 -13.50 -47.93
CA ASP C 480 6.30 -12.11 -48.30
C ASP C 480 5.67 -11.99 -49.68
N HIS C 481 6.12 -12.81 -50.65
CA HIS C 481 5.63 -12.70 -52.02
C HIS C 481 4.14 -13.05 -52.14
N LEU C 482 3.66 -14.02 -51.35
CA LEU C 482 2.23 -14.29 -51.34
C LEU C 482 1.45 -13.16 -50.68
N LEU C 483 2.05 -12.47 -49.70
CA LEU C 483 1.32 -11.40 -49.03
C LEU C 483 1.15 -10.20 -49.95
N LYS C 484 2.18 -9.90 -50.75
CA LYS C 484 2.08 -8.82 -51.71
C LYS C 484 1.05 -9.13 -52.81
N LYS C 485 0.85 -10.41 -53.11
CA LYS C 485 -0.19 -10.81 -54.06
C LYS C 485 -1.59 -10.82 -53.44
N GLY C 486 -1.78 -10.24 -52.25
CA GLY C 486 -3.09 -10.19 -51.62
C GLY C 486 -3.51 -11.41 -50.84
N ILE C 487 -2.78 -12.52 -50.93
CA ILE C 487 -3.08 -13.73 -50.19
C ILE C 487 -2.75 -13.50 -48.72
N MET C 488 -3.76 -13.35 -47.87
CA MET C 488 -3.51 -12.94 -46.49
C MET C 488 -3.22 -14.09 -45.55
N SER C 489 -3.39 -15.33 -45.98
CA SER C 489 -3.24 -16.49 -45.09
C SER C 489 -3.29 -17.77 -45.92
N LEU C 490 -2.53 -18.77 -45.47
CA LEU C 490 -2.59 -20.11 -46.04
C LEU C 490 -3.03 -21.07 -44.94
N PRO C 491 -3.45 -22.29 -45.28
CA PRO C 491 -3.69 -23.28 -44.22
C PRO C 491 -2.44 -23.48 -43.39
N THR C 492 -2.66 -23.64 -42.08
CA THR C 492 -1.60 -23.81 -41.08
C THR C 492 -1.94 -25.01 -40.21
N LEU C 493 -0.96 -25.87 -39.98
CA LEU C 493 -1.14 -27.05 -39.15
C LEU C 493 0.04 -27.20 -38.22
N GLY C 494 -0.19 -27.66 -36.99
CA GLY C 494 0.90 -27.83 -36.04
C GLY C 494 0.50 -28.67 -34.84
N ASP C 495 1.51 -29.25 -34.19
CA ASP C 495 1.31 -29.88 -32.89
C ASP C 495 1.42 -28.89 -31.73
N GLY C 496 1.77 -27.64 -32.00
CA GLY C 496 1.71 -26.58 -31.01
C GLY C 496 0.35 -25.92 -30.92
N ARG C 497 0.38 -24.65 -30.54
CA ARG C 497 -0.82 -23.85 -30.28
C ARG C 497 -0.68 -22.51 -30.98
N GLN C 498 -1.60 -21.59 -30.69
CA GLN C 498 -1.49 -20.23 -31.19
C GLN C 498 -2.22 -19.34 -30.21
N SER C 499 -1.83 -18.07 -30.17
CA SER C 499 -2.48 -17.13 -29.27
C SER C 499 -3.98 -17.16 -29.50
N GLY C 500 -4.75 -17.09 -28.42
CA GLY C 500 -6.18 -16.96 -28.59
C GLY C 500 -6.59 -15.67 -29.27
N THR C 501 -5.66 -14.74 -29.49
CA THR C 501 -5.97 -13.52 -30.21
C THR C 501 -5.73 -13.65 -31.71
N ALA C 502 -5.34 -14.83 -32.18
CA ALA C 502 -4.98 -15.04 -33.56
C ALA C 502 -6.23 -15.25 -34.44
N ASP C 503 -6.26 -14.57 -35.59
CA ASP C 503 -7.31 -14.76 -36.57
C ASP C 503 -6.95 -15.79 -37.64
N SER C 504 -6.17 -16.82 -37.28
CA SER C 504 -5.74 -17.86 -38.22
C SER C 504 -6.59 -19.09 -38.06
N PRO C 505 -7.26 -19.57 -39.13
CA PRO C 505 -8.03 -20.81 -39.02
C PRO C 505 -7.11 -22.02 -38.97
N SER C 506 -6.16 -21.99 -38.04
CA SER C 506 -5.17 -23.06 -37.91
C SER C 506 -5.82 -24.35 -37.47
N ILE C 507 -5.12 -25.45 -37.75
CA ILE C 507 -5.42 -26.76 -37.17
C ILE C 507 -4.37 -27.00 -36.10
N LEU C 508 -4.80 -27.13 -34.83
CA LEU C 508 -3.91 -26.96 -33.68
C LEU C 508 -3.96 -28.16 -32.74
N ASN C 509 -3.07 -28.12 -31.74
CA ASN C 509 -3.09 -29.03 -30.59
C ASN C 509 -2.90 -30.49 -31.01
N ALA C 510 -2.19 -30.73 -32.11
CA ALA C 510 -2.11 -32.06 -32.68
C ALA C 510 -1.52 -33.09 -31.73
N SER C 511 -2.36 -34.00 -31.24
CA SER C 511 -1.82 -35.07 -30.40
C SER C 511 -1.99 -36.41 -31.10
N PRO C 512 -1.00 -37.31 -31.03
CA PRO C 512 0.30 -37.04 -30.42
C PRO C 512 1.17 -36.12 -31.24
N GLU C 513 1.82 -35.20 -30.53
CA GLU C 513 2.81 -34.32 -31.15
C GLU C 513 3.94 -35.13 -31.76
N SER C 514 4.70 -34.46 -32.61
CA SER C 514 5.78 -35.12 -33.33
C SER C 514 6.78 -35.73 -32.36
N ALA C 515 7.15 -34.99 -31.33
CA ALA C 515 8.31 -35.35 -30.52
C ALA C 515 8.14 -36.69 -29.81
N ILE C 516 6.93 -37.20 -29.67
CA ILE C 516 6.75 -38.52 -29.08
C ILE C 516 6.34 -39.56 -30.13
N GLY C 517 6.58 -39.26 -31.41
CA GLY C 517 6.36 -40.22 -32.48
C GLY C 517 5.07 -40.08 -33.26
N GLY C 518 4.31 -39.02 -33.03
CA GLY C 518 3.10 -38.80 -33.80
C GLY C 518 3.39 -38.60 -35.29
N GLY C 519 2.30 -38.68 -36.07
CA GLY C 519 2.42 -38.73 -37.52
C GLY C 519 3.30 -37.64 -38.10
N LEU C 520 3.23 -36.42 -37.55
CA LEU C 520 4.04 -35.33 -38.08
C LEU C 520 5.53 -35.61 -38.01
N SER C 521 5.97 -36.61 -37.24
CA SER C 521 7.39 -36.95 -37.23
C SER C 521 7.84 -37.47 -38.60
N TRP C 522 7.02 -38.30 -39.25
CA TRP C 522 7.47 -38.87 -40.52
C TRP C 522 7.12 -38.02 -41.73
N LEU C 523 6.15 -37.12 -41.61
CA LEU C 523 5.74 -36.31 -42.75
C LEU C 523 6.88 -35.41 -43.20
N ARG C 524 6.89 -35.11 -44.51
CA ARG C 524 8.01 -34.40 -45.12
C ARG C 524 7.51 -33.26 -46.01
N THR C 525 8.40 -32.31 -46.26
CA THR C 525 8.06 -31.20 -47.14
C THR C 525 7.78 -31.71 -48.54
N GLY C 526 6.70 -31.23 -49.15
CA GLY C 526 6.30 -31.67 -50.47
C GLY C 526 5.18 -32.70 -50.47
N ASP C 527 5.01 -33.44 -49.39
CA ASP C 527 3.90 -34.38 -49.29
C ASP C 527 2.55 -33.67 -49.42
N THR C 528 1.55 -34.42 -49.83
CA THR C 528 0.21 -33.91 -50.02
C THR C 528 -0.62 -34.28 -48.80
N ILE C 529 -1.31 -33.30 -48.24
CA ILE C 529 -2.26 -33.49 -47.16
C ILE C 529 -3.65 -33.22 -47.71
N ARG C 530 -4.62 -34.04 -47.33
CA ARG C 530 -6.02 -33.82 -47.67
C ARG C 530 -6.81 -33.64 -46.39
N ILE C 531 -7.54 -32.53 -46.30
CA ILE C 531 -8.41 -32.26 -45.16
C ILE C 531 -9.85 -32.29 -45.64
N ASP C 532 -10.72 -32.89 -44.82
CA ASP C 532 -12.15 -33.02 -45.12
C ASP C 532 -12.94 -32.55 -43.90
N LEU C 533 -13.42 -31.31 -43.93
CA LEU C 533 -14.19 -30.76 -42.81
C LEU C 533 -15.57 -31.37 -42.66
N ASN C 534 -15.94 -32.35 -43.48
CA ASN C 534 -17.26 -32.99 -43.37
C ASN C 534 -17.19 -34.33 -42.68
N THR C 535 -16.10 -35.06 -42.86
CA THR C 535 -15.82 -36.27 -42.11
C THR C 535 -14.94 -36.01 -40.89
N GLY C 536 -14.37 -34.80 -40.79
CA GLY C 536 -13.36 -34.51 -39.80
C GLY C 536 -12.07 -35.29 -39.99
N ARG C 537 -11.58 -35.38 -41.23
CA ARG C 537 -10.39 -36.17 -41.50
C ARG C 537 -9.28 -35.26 -41.99
N CYS C 538 -8.05 -35.66 -41.71
CA CYS C 538 -6.87 -34.97 -42.24
C CYS C 538 -5.78 -36.01 -42.41
N ASP C 539 -5.34 -36.23 -43.66
CA ASP C 539 -4.44 -37.33 -43.94
C ASP C 539 -3.34 -36.88 -44.89
N ALA C 540 -2.16 -37.44 -44.66
CA ALA C 540 -1.00 -37.25 -45.55
C ALA C 540 -0.99 -38.38 -46.57
N LEU C 541 -1.30 -38.04 -47.82
CA LEU C 541 -1.34 -39.02 -48.92
C LEU C 541 0.07 -39.54 -49.18
N VAL C 542 0.44 -40.53 -48.37
CA VAL C 542 1.73 -41.21 -48.36
C VAL C 542 1.44 -42.67 -48.03
N ASP C 543 2.14 -43.59 -48.69
CA ASP C 543 1.77 -45.00 -48.55
C ASP C 543 2.49 -45.64 -47.37
N GLU C 544 1.84 -46.67 -46.81
CA GLU C 544 2.36 -47.37 -45.64
C GLU C 544 3.82 -47.74 -45.79
N ALA C 545 4.29 -48.01 -47.01
CA ALA C 545 5.69 -48.41 -47.17
C ALA C 545 6.62 -47.24 -46.92
N THR C 546 6.28 -46.05 -47.44
CA THR C 546 7.13 -44.89 -47.22
C THR C 546 7.09 -44.43 -45.76
N ILE C 547 5.96 -44.65 -45.08
CA ILE C 547 5.86 -44.29 -43.66
C ILE C 547 6.86 -45.10 -42.85
N ALA C 548 6.82 -46.43 -43.00
CA ALA C 548 7.71 -47.28 -42.21
C ALA C 548 9.18 -46.95 -42.48
N ALA C 549 9.50 -46.58 -43.73
CA ALA C 549 10.88 -46.30 -44.09
C ALA C 549 11.35 -44.98 -43.50
N ARG C 550 10.44 -44.00 -43.35
CA ARG C 550 10.82 -42.72 -42.77
C ARG C 550 10.98 -42.83 -41.27
N LYS C 551 10.12 -43.59 -40.60
CA LYS C 551 10.25 -43.81 -39.17
C LYS C 551 11.63 -44.35 -38.81
N GLN C 552 12.21 -45.20 -39.66
CA GLN C 552 13.54 -45.74 -39.40
C GLN C 552 14.61 -44.66 -39.36
N ASP C 553 14.34 -43.48 -39.92
CA ASP C 553 15.33 -42.43 -39.91
C ASP C 553 15.31 -41.61 -38.62
N GLY C 554 14.32 -41.83 -37.75
CA GLY C 554 14.30 -41.26 -36.43
C GLY C 554 13.43 -40.02 -36.33
N ILE C 555 12.88 -39.81 -35.12
CA ILE C 555 12.06 -38.62 -34.84
C ILE C 555 12.90 -37.36 -34.96
N PRO C 556 12.39 -36.28 -35.56
CA PRO C 556 13.21 -35.05 -35.67
C PRO C 556 13.58 -34.50 -34.30
N ALA C 557 14.76 -33.90 -34.23
CA ALA C 557 15.33 -33.50 -32.96
C ALA C 557 14.56 -32.35 -32.33
N VAL C 558 14.72 -32.21 -31.02
CA VAL C 558 14.21 -31.10 -30.24
C VAL C 558 15.32 -30.64 -29.30
N PRO C 559 15.22 -29.42 -28.75
CA PRO C 559 16.23 -28.96 -27.79
C PRO C 559 16.26 -29.86 -26.56
N ALA C 560 17.45 -29.99 -25.98
CA ALA C 560 17.60 -30.73 -24.73
C ALA C 560 16.89 -29.99 -23.59
N THR C 561 16.55 -30.76 -22.54
CA THR C 561 15.96 -30.16 -21.35
C THR C 561 16.93 -29.17 -20.74
N MET C 562 16.42 -28.05 -20.26
CA MET C 562 17.28 -26.93 -19.92
C MET C 562 17.16 -26.42 -18.48
N THR C 563 16.02 -26.60 -17.82
CA THR C 563 15.81 -26.22 -16.43
C THR C 563 15.30 -27.43 -15.67
N PRO C 564 15.53 -27.47 -14.34
CA PRO C 564 15.01 -28.61 -13.57
C PRO C 564 13.53 -28.83 -13.73
N TRP C 565 12.72 -27.76 -13.74
CA TRP C 565 11.28 -27.97 -13.86
C TRP C 565 10.93 -28.50 -15.25
N GLN C 566 11.70 -28.14 -16.28
CA GLN C 566 11.44 -28.71 -17.59
C GLN C 566 11.61 -30.23 -17.56
N GLU C 567 12.63 -30.73 -16.86
CA GLU C 567 12.81 -32.18 -16.77
C GLU C 567 11.63 -32.84 -16.07
N ILE C 568 11.05 -32.19 -15.06
CA ILE C 568 9.87 -32.78 -14.45
C ILE C 568 8.71 -32.77 -15.44
N TYR C 569 8.55 -31.64 -16.16
CA TYR C 569 7.45 -31.47 -17.10
C TYR C 569 7.52 -32.49 -18.23
N ARG C 570 8.70 -32.62 -18.86
CA ARG C 570 8.85 -33.55 -19.96
C ARG C 570 8.60 -34.98 -19.52
N ALA C 571 8.86 -35.28 -18.25
CA ALA C 571 8.69 -36.62 -17.73
C ALA C 571 7.28 -36.93 -17.27
N HIS C 572 6.38 -35.94 -17.26
CA HIS C 572 5.07 -36.13 -16.64
C HIS C 572 3.91 -35.48 -17.37
N ALA C 573 4.15 -34.50 -18.23
CA ALA C 573 3.05 -33.84 -18.93
C ALA C 573 2.39 -34.80 -19.91
N SER C 574 1.06 -34.71 -19.99
CA SER C 574 0.27 -35.43 -20.96
C SER C 574 0.16 -34.59 -22.24
N GLN C 575 -0.56 -35.12 -23.22
CA GLN C 575 -0.74 -34.45 -24.51
C GLN C 575 -1.88 -33.45 -24.44
N LEU C 576 -1.84 -32.46 -25.33
CA LEU C 576 -2.85 -31.40 -25.31
C LEU C 576 -4.27 -31.97 -25.41
N ASP C 577 -4.44 -33.12 -26.07
CA ASP C 577 -5.76 -33.68 -26.23
C ASP C 577 -6.31 -34.21 -24.91
N THR C 578 -5.43 -34.70 -24.02
CA THR C 578 -5.80 -35.09 -22.67
C THR C 578 -5.54 -33.97 -21.65
N GLY C 579 -5.35 -32.73 -22.12
CA GLY C 579 -5.28 -31.57 -21.26
C GLY C 579 -3.89 -31.09 -20.87
N GLY C 580 -2.83 -31.75 -21.30
CA GLY C 580 -1.49 -31.30 -20.93
C GLY C 580 -1.23 -31.28 -19.44
N VAL C 581 -1.95 -32.10 -18.68
CA VAL C 581 -1.82 -32.23 -17.24
C VAL C 581 -0.60 -33.05 -16.87
N LEU C 582 -0.21 -33.00 -15.59
CA LEU C 582 0.69 -33.98 -15.00
C LEU C 582 -0.14 -35.23 -14.68
N GLU C 583 0.05 -36.30 -15.47
CA GLU C 583 -0.95 -37.36 -15.46
C GLU C 583 -1.02 -38.06 -14.11
N PHE C 584 0.12 -38.23 -13.44
CA PHE C 584 0.12 -38.80 -12.09
C PHE C 584 -0.70 -37.99 -11.12
N ALA C 585 -0.97 -36.72 -11.42
CA ALA C 585 -1.59 -35.82 -10.47
C ALA C 585 -3.11 -35.86 -10.49
N VAL C 586 -3.73 -36.44 -11.51
CA VAL C 586 -5.19 -36.36 -11.60
C VAL C 586 -5.84 -37.40 -10.70
N LYS C 587 -5.11 -38.45 -10.32
CA LYS C 587 -5.63 -39.43 -9.39
C LYS C 587 -5.88 -38.86 -7.99
N TYR C 588 -5.22 -37.74 -7.63
CA TYR C 588 -5.45 -37.08 -6.35
C TYR C 588 -6.76 -36.31 -6.39
N GLN C 589 -7.69 -36.66 -5.49
CA GLN C 589 -8.97 -35.98 -5.39
C GLN C 589 -9.34 -35.77 -3.94
N ASP C 590 -10.16 -34.74 -3.72
CA ASP C 590 -10.79 -34.46 -2.42
C ASP C 590 -9.78 -34.54 -1.28
N LEU C 591 -8.64 -33.86 -1.47
CA LEU C 591 -7.52 -33.97 -0.53
C LEU C 591 -7.88 -33.41 0.84
N ALA C 592 -8.73 -32.40 0.90
CA ALA C 592 -9.11 -31.78 2.16
C ALA C 592 -9.96 -32.68 3.04
N ALA C 593 -10.23 -33.91 2.63
CA ALA C 593 -10.99 -34.83 3.46
C ALA C 593 -10.10 -35.60 4.43
N LYS C 594 -8.79 -35.59 4.20
CA LYS C 594 -7.81 -36.09 5.14
C LYS C 594 -6.96 -34.92 5.67
N LEU C 595 -6.63 -34.95 7.08
CA LEU C 595 -5.75 -33.87 7.54
C LEU C 595 -4.28 -34.26 7.33
N PRO C 596 -3.40 -33.30 7.13
CA PRO C 596 -1.96 -33.60 7.16
C PRO C 596 -1.48 -33.83 8.59
N ARG C 597 -0.33 -34.47 8.71
CA ARG C 597 0.29 -34.65 10.02
C ARG C 597 0.66 -33.31 10.64
N HIS C 598 0.85 -33.30 11.95
CA HIS C 598 1.39 -32.13 12.62
C HIS C 598 2.88 -31.99 12.32
N ASN C 599 3.36 -30.76 12.24
CA ASN C 599 4.73 -30.51 11.80
C ASN C 599 5.76 -30.54 12.92
N HIS C 600 5.33 -30.54 14.19
CA HIS C 600 6.25 -30.66 15.32
C HIS C 600 5.73 -31.67 16.36
N ARG D 13 28.91 2.17 -14.26
CA ARG D 13 28.09 2.20 -15.47
C ARG D 13 28.97 2.12 -16.72
N THR D 14 29.22 0.89 -17.21
CA THR D 14 29.97 0.71 -18.45
C THR D 14 29.25 1.46 -19.57
N PRO D 15 28.05 1.06 -20.06
CA PRO D 15 27.12 -0.09 -19.87
C PRO D 15 27.49 -1.37 -20.65
N ARG D 16 27.00 -2.52 -20.15
CA ARG D 16 27.04 -3.83 -20.80
C ARG D 16 25.74 -4.08 -21.55
N ARG D 17 25.61 -5.26 -22.18
CA ARG D 17 24.33 -5.63 -22.81
C ARG D 17 23.74 -6.77 -21.99
N PHE D 18 22.73 -6.41 -21.19
CA PHE D 18 22.07 -7.31 -20.28
C PHE D 18 21.07 -8.21 -21.01
N ARG D 19 20.95 -9.45 -20.50
CA ARG D 19 20.03 -10.43 -21.08
C ARG D 19 18.62 -9.89 -21.25
N SER D 20 18.19 -8.98 -20.36
CA SER D 20 16.89 -8.36 -20.53
C SER D 20 16.74 -7.77 -21.94
N ARG D 21 17.83 -7.26 -22.52
CA ARG D 21 17.73 -6.59 -23.81
C ARG D 21 17.35 -7.54 -24.93
N ASP D 22 17.56 -8.83 -24.75
CA ASP D 22 17.03 -9.81 -25.69
C ASP D 22 15.51 -9.87 -25.69
N TRP D 23 14.85 -9.24 -24.72
CA TRP D 23 13.40 -9.07 -24.70
C TRP D 23 13.01 -7.69 -25.21
N PHE D 24 13.66 -6.63 -24.71
CA PHE D 24 13.18 -5.27 -24.87
C PHE D 24 13.87 -4.50 -25.99
N ASP D 25 14.95 -5.03 -26.55
CA ASP D 25 15.66 -4.39 -27.67
C ASP D 25 16.31 -5.46 -28.52
N ASN D 26 15.51 -6.36 -29.08
CA ASN D 26 16.01 -7.37 -30.00
C ASN D 26 15.96 -6.84 -31.43
N PRO D 27 17.10 -6.63 -32.10
CA PRO D 27 17.06 -6.17 -33.49
C PRO D 27 16.87 -7.27 -34.54
N ASP D 28 16.86 -8.55 -34.15
CA ASP D 28 16.38 -9.59 -35.06
C ASP D 28 14.86 -9.57 -35.12
N HIS D 29 14.20 -9.97 -34.04
CA HIS D 29 12.75 -10.05 -33.96
C HIS D 29 12.19 -8.74 -33.44
N ILE D 30 11.68 -7.90 -34.34
CA ILE D 30 11.07 -6.65 -33.89
C ILE D 30 9.63 -6.88 -33.43
N ASP D 31 8.93 -7.81 -34.08
CA ASP D 31 7.60 -8.19 -33.59
C ASP D 31 7.65 -8.64 -32.14
N MET D 32 8.63 -9.47 -31.77
CA MET D 32 8.74 -9.97 -30.41
C MET D 32 9.02 -8.84 -29.42
N THR D 33 9.97 -7.96 -29.77
CA THR D 33 10.24 -6.80 -28.94
C THR D 33 8.98 -5.97 -28.70
N ALA D 34 8.15 -5.81 -29.73
CA ALA D 34 6.89 -5.09 -29.54
C ALA D 34 5.96 -5.87 -28.62
N LEU D 35 5.90 -7.19 -28.80
CA LEU D 35 5.05 -8.04 -27.97
C LEU D 35 5.54 -8.04 -26.52
N TYR D 36 6.86 -8.07 -26.31
CA TYR D 36 7.40 -8.16 -24.96
C TYR D 36 7.22 -6.85 -24.20
N LEU D 37 7.39 -5.73 -24.88
CA LEU D 37 7.33 -4.43 -24.22
C LEU D 37 5.91 -4.01 -23.90
N GLU D 38 4.93 -4.41 -24.71
CA GLU D 38 3.60 -3.80 -24.69
C GLU D 38 2.99 -3.80 -23.30
N ARG D 39 2.87 -4.98 -22.68
CA ARG D 39 2.06 -5.11 -21.50
C ARG D 39 2.77 -4.56 -20.26
N PHE D 40 4.11 -4.59 -20.25
CA PHE D 40 4.88 -4.14 -19.10
C PHE D 40 4.68 -2.66 -18.82
N MET D 41 3.95 -1.98 -19.70
CA MET D 41 3.67 -0.56 -19.54
C MET D 41 2.25 -0.31 -19.05
N ASN D 42 1.45 -1.36 -18.83
CA ASN D 42 0.04 -1.13 -18.56
C ASN D 42 -0.24 -0.63 -17.13
N TYR D 43 0.78 -0.46 -16.29
CA TYR D 43 0.57 0.25 -15.03
C TYR D 43 1.47 1.46 -14.92
N GLY D 44 1.97 1.98 -16.04
CA GLY D 44 2.53 3.32 -16.06
C GLY D 44 4.02 3.42 -16.28
N ILE D 45 4.73 2.28 -16.35
CA ILE D 45 6.12 2.31 -16.75
C ILE D 45 6.23 2.93 -18.14
N THR D 46 7.22 3.90 -18.32
CA THR D 46 7.47 4.62 -19.56
C THR D 46 8.45 3.86 -20.44
N PRO D 47 8.36 4.06 -21.78
CA PRO D 47 9.23 3.27 -22.68
C PRO D 47 10.71 3.52 -22.45
N GLU D 48 11.08 4.77 -22.11
CA GLU D 48 12.47 5.06 -21.77
C GLU D 48 12.96 4.17 -20.63
N GLU D 49 12.07 3.80 -19.70
CA GLU D 49 12.48 2.97 -18.59
C GLU D 49 12.90 1.59 -19.06
N LEU D 50 12.12 0.98 -19.94
CA LEU D 50 12.41 -0.36 -20.38
C LEU D 50 13.28 -0.39 -21.62
N ARG D 51 13.49 0.74 -22.28
CA ARG D 51 14.26 0.72 -23.51
C ARG D 51 15.61 1.42 -23.42
N SER D 52 15.96 2.02 -22.27
CA SER D 52 17.21 2.73 -22.11
C SER D 52 18.41 1.82 -21.84
N GLY D 53 18.20 0.54 -21.58
CA GLY D 53 19.34 -0.31 -21.26
C GLY D 53 19.77 -0.35 -19.82
N LYS D 54 19.04 0.27 -18.91
CA LYS D 54 19.25 0.05 -17.49
C LYS D 54 18.96 -1.42 -17.17
N PRO D 55 19.63 -2.01 -16.19
CA PRO D 55 19.32 -3.41 -15.84
C PRO D 55 17.96 -3.52 -15.15
N ILE D 56 17.29 -4.64 -15.42
CA ILE D 56 16.05 -5.00 -14.75
C ILE D 56 16.41 -5.79 -13.50
N ILE D 57 16.06 -5.26 -12.34
CA ILE D 57 16.40 -5.89 -11.07
C ILE D 57 15.14 -6.60 -10.55
N GLY D 58 15.11 -7.93 -10.62
CA GLY D 58 14.03 -8.66 -10.00
C GLY D 58 14.18 -8.59 -8.48
N ILE D 59 13.05 -8.46 -7.79
CA ILE D 59 13.00 -8.53 -6.34
C ILE D 59 12.13 -9.74 -5.98
N ALA D 60 12.74 -10.77 -5.42
CA ALA D 60 12.02 -11.99 -5.07
C ALA D 60 11.35 -11.78 -3.72
N GLN D 61 10.08 -11.40 -3.74
CA GLN D 61 9.30 -11.14 -2.53
C GLN D 61 8.84 -12.43 -1.86
N THR D 62 9.15 -12.59 -0.57
CA THR D 62 8.75 -13.77 0.18
C THR D 62 7.71 -13.48 1.25
N GLY D 63 7.31 -12.23 1.42
CA GLY D 63 6.44 -11.84 2.52
C GLY D 63 5.00 -11.81 2.06
N SER D 64 4.09 -12.18 2.98
CA SER D 64 2.65 -12.18 2.74
C SER D 64 1.94 -12.36 4.07
N ASP D 65 0.60 -12.23 4.03
CA ASP D 65 -0.25 -12.54 5.17
C ASP D 65 -0.02 -13.95 5.70
N ILE D 66 0.30 -14.90 4.81
CA ILE D 66 0.52 -16.28 5.24
C ILE D 66 1.96 -16.52 5.61
N SER D 67 2.82 -15.51 5.49
CA SER D 67 4.24 -15.66 5.79
C SER D 67 4.66 -14.57 6.78
N PRO D 68 4.15 -14.62 8.01
CA PRO D 68 4.37 -13.48 8.93
C PRO D 68 5.82 -13.25 9.31
N CYS D 69 6.68 -14.27 9.19
CA CYS D 69 8.11 -14.08 9.45
C CYS D 69 8.78 -13.25 8.37
N ASN D 70 8.27 -13.30 7.14
CA ASN D 70 8.82 -12.55 6.01
C ASN D 70 7.95 -11.36 5.61
N ARG D 71 6.85 -11.12 6.31
CA ARG D 71 5.92 -10.08 5.91
C ARG D 71 6.52 -8.69 5.98
N ILE D 72 7.56 -8.49 6.80
CA ILE D 72 8.25 -7.20 6.87
C ILE D 72 8.71 -6.75 5.49
N HIS D 73 8.99 -7.70 4.59
CA HIS D 73 9.42 -7.36 3.24
C HIS D 73 8.35 -6.64 2.42
N LEU D 74 7.08 -6.77 2.79
CA LEU D 74 6.05 -5.99 2.12
C LEU D 74 6.28 -4.50 2.32
N ASP D 75 6.84 -4.13 3.47
CA ASP D 75 7.22 -2.76 3.76
C ASP D 75 8.60 -2.45 3.21
N LEU D 76 9.57 -3.35 3.46
CA LEU D 76 10.95 -3.08 3.08
C LEU D 76 11.10 -2.86 1.58
N VAL D 77 10.30 -3.58 0.78
CA VAL D 77 10.48 -3.59 -0.67
C VAL D 77 10.49 -2.18 -1.25
N GLN D 78 9.77 -1.24 -0.64
CA GLN D 78 9.82 0.11 -1.19
C GLN D 78 11.17 0.76 -0.98
N ARG D 79 11.90 0.41 0.11
CA ARG D 79 13.26 0.90 0.29
C ARG D 79 14.21 0.27 -0.72
N VAL D 80 14.05 -1.03 -0.99
CA VAL D 80 14.83 -1.68 -2.05
C VAL D 80 14.61 -0.99 -3.38
N ARG D 81 13.35 -0.73 -3.74
CA ARG D 81 13.07 -0.08 -5.02
C ARG D 81 13.72 1.29 -5.11
N ASP D 82 13.66 2.07 -4.02
CA ASP D 82 14.31 3.38 -4.03
C ASP D 82 15.81 3.24 -4.30
N GLY D 83 16.45 2.23 -3.70
CA GLY D 83 17.88 2.04 -3.89
C GLY D 83 18.24 1.61 -5.31
N ILE D 84 17.48 0.66 -5.87
CA ILE D 84 17.65 0.33 -7.28
C ILE D 84 17.51 1.58 -8.14
N ARG D 85 16.51 2.40 -7.87
CA ARG D 85 16.30 3.56 -8.73
C ARG D 85 17.43 4.56 -8.58
N ASP D 86 17.85 4.84 -7.34
CA ASP D 86 18.92 5.81 -7.14
C ASP D 86 20.18 5.38 -7.88
N ALA D 87 20.45 4.09 -7.90
CA ALA D 87 21.64 3.55 -8.53
C ALA D 87 21.49 3.36 -10.05
N GLY D 88 20.28 3.44 -10.60
CA GLY D 88 20.09 3.37 -12.02
C GLY D 88 19.64 2.04 -12.58
N GLY D 89 18.92 1.24 -11.79
CA GLY D 89 18.25 0.06 -12.29
C GLY D 89 16.75 0.28 -12.36
N ILE D 90 16.06 -0.73 -12.87
CA ILE D 90 14.60 -0.74 -12.94
C ILE D 90 14.14 -1.94 -12.12
N PRO D 91 13.42 -1.73 -11.02
CA PRO D 91 13.01 -2.85 -10.16
C PRO D 91 11.80 -3.58 -10.71
N MET D 92 11.59 -4.79 -10.20
CA MET D 92 10.60 -5.69 -10.76
C MET D 92 10.26 -6.70 -9.66
N GLU D 93 9.32 -6.32 -8.80
CA GLU D 93 8.93 -7.21 -7.70
C GLU D 93 8.09 -8.36 -8.23
N PHE D 94 8.35 -9.56 -7.71
CA PHE D 94 7.57 -10.73 -8.04
C PHE D 94 7.60 -11.68 -6.86
N PRO D 95 6.59 -12.55 -6.71
CA PRO D 95 6.59 -13.45 -5.55
C PRO D 95 7.18 -14.81 -5.85
N VAL D 96 7.36 -15.61 -4.80
CA VAL D 96 7.73 -17.00 -4.90
C VAL D 96 6.75 -17.82 -4.08
N HIS D 97 6.96 -19.11 -4.03
CA HIS D 97 5.98 -19.97 -3.38
C HIS D 97 6.04 -19.76 -1.86
N PRO D 98 4.92 -19.48 -1.21
CA PRO D 98 4.98 -19.09 0.21
C PRO D 98 5.44 -20.23 1.12
N ILE D 99 6.26 -19.88 2.12
CA ILE D 99 6.70 -20.83 3.14
C ILE D 99 6.60 -20.19 4.52
N PHE D 100 5.92 -20.86 5.43
CA PHE D 100 5.71 -20.39 6.79
C PHE D 100 5.91 -21.62 7.69
N GLU D 101 7.09 -21.69 8.32
CA GLU D 101 7.58 -22.94 8.90
C GLU D 101 6.69 -23.42 10.06
N ASN D 102 6.08 -22.50 10.81
CA ASN D 102 5.28 -22.89 11.97
C ASN D 102 3.95 -23.58 11.64
N CYS D 103 3.23 -23.14 10.60
CA CYS D 103 1.92 -23.70 10.35
C CYS D 103 1.88 -24.69 9.20
N ARG D 104 2.91 -24.75 8.37
CA ARG D 104 2.88 -25.61 7.19
C ARG D 104 2.97 -27.07 7.61
N ARG D 105 1.92 -27.84 7.30
CA ARG D 105 1.86 -29.26 7.56
C ARG D 105 1.76 -30.04 6.25
N PRO D 106 2.35 -31.24 6.18
CA PRO D 106 3.04 -32.00 7.23
C PRO D 106 4.39 -31.42 7.69
N THR D 107 5.03 -30.60 6.85
CA THR D 107 6.31 -29.98 7.16
C THR D 107 6.65 -28.97 6.07
N ALA D 108 7.27 -27.87 6.48
CA ALA D 108 7.69 -26.85 5.53
C ALA D 108 8.96 -27.24 4.78
N ALA D 109 9.59 -28.37 5.13
CA ALA D 109 10.74 -28.81 4.38
C ALA D 109 10.34 -29.34 3.00
N LEU D 110 9.07 -29.69 2.81
CA LEU D 110 8.58 -29.95 1.46
C LEU D 110 8.78 -28.74 0.56
N ASP D 111 8.57 -27.55 1.11
CA ASP D 111 8.43 -26.36 0.28
C ASP D 111 9.74 -25.83 -0.25
N ARG D 112 10.87 -26.14 0.38
CA ARG D 112 12.11 -25.50 -0.04
C ARG D 112 12.44 -25.83 -1.49
N ASN D 113 12.30 -27.11 -1.88
CA ASN D 113 12.62 -27.49 -3.26
C ASN D 113 11.55 -27.00 -4.23
N LEU D 114 10.28 -27.01 -3.81
CA LEU D 114 9.22 -26.47 -4.67
C LEU D 114 9.41 -24.99 -4.93
N SER D 115 9.86 -24.25 -3.93
CA SER D 115 10.14 -22.84 -4.14
C SER D 115 11.34 -22.66 -5.07
N TYR D 116 12.33 -23.54 -4.95
CA TYR D 116 13.48 -23.50 -5.85
C TYR D 116 13.06 -23.60 -7.32
N LEU D 117 12.25 -24.62 -7.64
CA LEU D 117 11.84 -24.84 -9.02
C LEU D 117 11.18 -23.60 -9.61
N GLY D 118 10.25 -23.00 -8.85
CA GLY D 118 9.49 -21.88 -9.38
C GLY D 118 10.38 -20.67 -9.61
N LEU D 119 11.36 -20.47 -8.73
CA LEU D 119 12.17 -19.27 -8.78
C LEU D 119 13.21 -19.38 -9.88
N VAL D 120 13.77 -20.57 -10.07
CA VAL D 120 14.59 -20.84 -11.24
C VAL D 120 13.83 -20.46 -12.50
N GLU D 121 12.60 -20.95 -12.63
CA GLU D 121 11.77 -20.63 -13.80
C GLU D 121 11.63 -19.13 -14.00
N THR D 122 11.29 -18.40 -12.94
CA THR D 122 11.00 -16.99 -13.08
C THR D 122 12.24 -16.21 -13.51
N LEU D 123 13.39 -16.50 -12.91
CA LEU D 123 14.61 -15.78 -13.22
C LEU D 123 15.08 -16.10 -14.64
N HIS D 124 15.08 -17.37 -15.01
CA HIS D 124 15.53 -17.70 -16.34
C HIS D 124 14.52 -17.28 -17.40
N GLY D 125 13.22 -17.43 -17.10
CA GLY D 125 12.16 -17.26 -18.07
C GLY D 125 11.75 -15.84 -18.40
N TYR D 126 12.17 -14.87 -17.61
CA TYR D 126 11.74 -13.49 -17.75
C TYR D 126 12.96 -12.60 -17.95
N PRO D 127 12.79 -11.40 -18.48
CA PRO D 127 13.95 -10.52 -18.68
C PRO D 127 14.49 -9.93 -17.38
N ILE D 128 15.07 -10.77 -16.52
CA ILE D 128 15.64 -10.32 -15.27
C ILE D 128 17.16 -10.41 -15.35
N ASP D 129 17.85 -9.31 -15.05
CA ASP D 129 19.29 -9.20 -15.10
C ASP D 129 19.99 -9.51 -13.79
N ALA D 130 19.31 -9.32 -12.66
CA ALA D 130 19.87 -9.46 -11.33
C ALA D 130 18.72 -9.50 -10.36
N VAL D 131 18.91 -10.17 -9.22
CA VAL D 131 17.83 -10.37 -8.27
C VAL D 131 18.25 -9.95 -6.85
N VAL D 132 17.32 -9.39 -6.11
CA VAL D 132 17.40 -9.22 -4.66
C VAL D 132 16.56 -10.32 -4.05
N LEU D 133 17.19 -11.23 -3.30
CA LEU D 133 16.49 -12.34 -2.65
C LEU D 133 16.10 -11.90 -1.25
N THR D 134 14.81 -11.63 -1.04
CA THR D 134 14.36 -11.35 0.32
C THR D 134 14.25 -12.65 1.10
N THR D 135 14.75 -12.64 2.32
CA THR D 135 14.76 -13.85 3.12
C THR D 135 14.29 -13.57 4.52
N GLY D 136 14.01 -14.64 5.24
CA GLY D 136 13.49 -14.57 6.60
C GLY D 136 13.26 -15.95 7.17
N CYS D 137 12.03 -16.48 7.03
CA CYS D 137 11.67 -17.76 7.60
C CYS D 137 12.62 -18.87 7.16
N ASP D 138 12.77 -19.86 8.05
CA ASP D 138 13.70 -21.00 7.87
C ASP D 138 14.17 -21.26 6.46
N THR D 140 13.29 -20.13 3.36
CA THR D 140 13.35 -19.13 2.30
C THR D 140 14.77 -18.74 1.93
N THR D 141 15.71 -18.81 2.87
CA THR D 141 17.07 -18.37 2.54
C THR D 141 17.80 -19.38 1.65
N PRO D 142 17.92 -20.67 2.02
CA PRO D 142 18.52 -21.61 1.06
C PRO D 142 17.78 -21.67 -0.27
N ALA D 143 16.45 -21.62 -0.25
CA ALA D 143 15.70 -21.76 -1.49
C ALA D 143 16.05 -20.64 -2.47
N GLY D 144 16.20 -19.41 -1.96
CA GLY D 144 16.55 -18.31 -2.82
C GLY D 144 17.95 -18.46 -3.37
N ILE D 145 18.89 -18.85 -2.51
CA ILE D 145 20.28 -18.92 -2.94
C ILE D 145 20.49 -20.08 -3.89
N MET D 146 19.92 -21.24 -3.58
CA MET D 146 19.94 -22.36 -4.53
C MET D 146 19.47 -21.93 -5.91
N ALA D 147 18.30 -21.29 -5.99
CA ALA D 147 17.77 -20.86 -7.27
C ALA D 147 18.67 -19.83 -7.93
N ALA D 148 19.09 -18.81 -7.19
CA ALA D 148 19.96 -17.81 -7.79
C ALA D 148 21.31 -18.39 -8.21
N THR D 149 21.69 -19.55 -7.65
CA THR D 149 22.94 -20.18 -8.05
C THR D 149 22.77 -20.93 -9.36
N THR D 150 21.71 -21.72 -9.47
CA THR D 150 21.43 -22.47 -10.69
C THR D 150 21.33 -21.54 -11.90
N VAL D 151 20.59 -20.44 -11.79
CA VAL D 151 20.51 -19.53 -12.92
C VAL D 151 21.77 -18.69 -13.04
N ASN D 152 22.34 -18.29 -11.90
CA ASN D 152 23.64 -17.63 -11.85
C ASN D 152 23.63 -16.27 -12.57
N ILE D 153 22.61 -15.47 -12.27
CA ILE D 153 22.67 -14.03 -12.56
C ILE D 153 23.08 -13.34 -11.27
N PRO D 154 23.66 -12.14 -11.33
CA PRO D 154 24.03 -11.45 -10.08
C PRO D 154 22.88 -11.48 -9.07
N ALA D 155 23.23 -11.68 -7.80
CA ALA D 155 22.24 -11.90 -6.77
C ALA D 155 22.76 -11.38 -5.44
N ILE D 156 21.83 -10.96 -4.58
CA ILE D 156 22.17 -10.52 -3.24
C ILE D 156 21.02 -10.85 -2.31
N VAL D 157 21.34 -11.25 -1.09
CA VAL D 157 20.34 -11.59 -0.08
C VAL D 157 20.01 -10.34 0.75
N LEU D 158 18.71 -10.08 0.96
CA LEU D 158 18.27 -9.08 1.92
C LEU D 158 17.50 -9.77 3.04
N SER D 159 18.12 -9.90 4.21
CA SER D 159 17.48 -10.56 5.32
C SER D 159 16.39 -9.69 5.93
N GLY D 160 15.35 -10.35 6.43
CA GLY D 160 14.27 -9.66 7.11
C GLY D 160 14.62 -9.25 8.52
N GLY D 161 15.09 -10.21 9.32
CA GLY D 161 15.48 -9.92 10.68
C GLY D 161 14.61 -10.58 11.73
N PRO D 162 15.19 -10.80 12.91
CA PRO D 162 14.41 -11.34 14.03
C PRO D 162 13.38 -10.34 14.51
N MET D 163 12.34 -10.89 15.16
CA MET D 163 11.46 -10.09 16.00
C MET D 163 12.23 -9.50 17.18
N LEU D 164 11.59 -8.56 17.88
CA LEU D 164 12.21 -8.01 19.09
C LEU D 164 12.17 -9.04 20.23
N ASP D 165 12.92 -8.72 21.29
CA ASP D 165 12.90 -9.53 22.52
C ASP D 165 11.47 -9.76 23.00
N GLY D 166 11.15 -11.02 23.32
CA GLY D 166 9.90 -11.34 24.01
C GLY D 166 10.09 -11.39 25.53
N TRP D 167 9.19 -10.72 26.24
CA TRP D 167 9.20 -10.77 27.71
C TRP D 167 7.87 -11.31 28.22
N HIS D 168 7.95 -12.16 29.24
CA HIS D 168 6.76 -12.52 30.02
C HIS D 168 7.18 -12.73 31.46
N GLU D 169 6.56 -11.94 32.36
CA GLU D 169 6.92 -11.89 33.78
C GLU D 169 8.38 -11.52 33.98
N ASN D 170 8.80 -10.46 33.28
CA ASN D 170 10.17 -9.93 33.37
C ASN D 170 11.24 -10.98 33.06
N GLU D 171 10.89 -11.96 32.22
CA GLU D 171 11.83 -12.99 31.81
C GLU D 171 11.90 -13.05 30.29
N LEU D 172 13.12 -13.16 29.76
CA LEU D 172 13.33 -13.31 28.33
C LEU D 172 12.71 -14.61 27.82
N VAL D 173 11.81 -14.50 26.86
CA VAL D 173 11.09 -15.65 26.36
C VAL D 173 11.32 -15.72 24.83
N GLY D 174 11.94 -16.80 24.39
CA GLY D 174 12.41 -16.91 23.01
C GLY D 174 11.45 -17.68 22.11
N SER D 175 11.26 -17.16 20.90
CA SER D 175 10.53 -17.87 19.84
C SER D 175 10.96 -19.32 19.75
N GLY D 176 9.97 -20.22 19.79
CA GLY D 176 10.23 -21.64 19.67
C GLY D 176 10.67 -22.27 20.99
N THR D 177 11.82 -21.83 21.51
CA THR D 177 12.32 -22.36 22.78
C THR D 177 11.28 -22.30 23.89
N VAL D 178 10.41 -21.28 23.87
CA VAL D 178 9.34 -21.21 24.87
C VAL D 178 8.44 -22.43 24.77
N ILE D 179 8.14 -22.89 23.54
CA ILE D 179 7.27 -24.04 23.36
C ILE D 179 7.87 -25.30 24.00
N TRP D 180 9.16 -25.54 23.80
CA TRP D 180 9.73 -26.78 24.33
C TRP D 180 9.82 -26.73 25.84
N ARG D 181 10.32 -25.62 26.39
CA ARG D 181 10.32 -25.42 27.83
C ARG D 181 8.90 -25.44 28.41
N SER D 182 7.92 -24.92 27.67
CA SER D 182 6.54 -24.98 28.16
C SER D 182 6.00 -26.40 28.13
N ARG D 183 6.43 -27.21 27.15
CA ARG D 183 5.99 -28.60 27.11
C ARG D 183 6.42 -29.34 28.38
N ARG D 184 7.65 -29.11 28.84
CA ARG D 184 8.12 -29.77 30.07
C ARG D 184 7.36 -29.25 31.29
N LYS D 185 7.04 -27.96 31.32
CA LYS D 185 6.34 -27.39 32.47
C LYS D 185 4.88 -27.84 32.52
N LEU D 186 4.20 -27.86 31.38
CA LEU D 186 2.81 -28.32 31.35
C LEU D 186 2.70 -29.78 31.79
N ALA D 187 3.70 -30.60 31.46
CA ALA D 187 3.64 -32.01 31.82
C ALA D 187 3.83 -32.21 33.30
N ALA D 188 4.71 -31.42 33.92
CA ALA D 188 4.86 -31.37 35.36
C ALA D 188 3.82 -30.46 36.02
N GLY D 189 2.75 -30.12 35.31
CA GLY D 189 1.63 -29.41 35.91
C GLY D 189 1.95 -28.07 36.54
N GLU D 190 2.95 -27.36 36.01
CA GLU D 190 3.39 -26.08 36.58
C GLU D 190 2.81 -24.86 35.88
N ILE D 191 2.08 -25.04 34.78
CA ILE D 191 1.43 -23.95 34.06
C ILE D 191 0.12 -24.48 33.50
N THR D 192 -0.88 -23.61 33.39
CA THR D 192 -2.16 -24.04 32.83
C THR D 192 -2.06 -24.17 31.31
N GLU D 193 -3.18 -24.50 30.67
CA GLU D 193 -3.14 -24.64 29.22
C GLU D 193 -3.30 -23.29 28.52
N GLU D 194 -4.10 -22.37 29.09
CA GLU D 194 -4.15 -21.01 28.54
C GLU D 194 -2.89 -20.23 28.88
N GLU D 195 -2.10 -20.68 29.85
CA GLU D 195 -0.81 -20.04 30.10
C GLU D 195 0.25 -20.47 29.08
N PHE D 196 0.18 -21.73 28.64
CA PHE D 196 1.01 -22.18 27.52
C PHE D 196 0.76 -21.32 26.28
N ILE D 197 -0.50 -21.22 25.86
CA ILE D 197 -0.87 -20.37 24.74
C ILE D 197 -0.45 -18.92 24.99
N ASP D 198 -0.46 -18.49 26.25
CA ASP D 198 -0.12 -17.11 26.60
C ASP D 198 1.36 -16.82 26.35
N ARG D 199 2.25 -17.62 26.95
CA ARG D 199 3.67 -17.32 26.88
C ARG D 199 4.21 -17.56 25.48
N ALA D 200 3.59 -18.44 24.71
CA ALA D 200 3.88 -18.55 23.29
C ALA D 200 3.62 -17.23 22.58
N ALA D 201 2.49 -16.59 22.87
CA ALA D 201 2.17 -15.31 22.25
C ALA D 201 3.12 -14.21 22.71
N SER D 202 3.59 -14.26 23.97
CA SER D 202 4.52 -13.24 24.44
C SER D 202 5.85 -13.28 23.71
N SER D 203 6.19 -14.41 23.10
CA SER D 203 7.46 -14.59 22.44
C SER D 203 7.48 -14.01 21.04
N ALA D 204 6.35 -13.54 20.52
CA ALA D 204 6.25 -13.04 19.16
C ALA D 204 5.74 -11.62 19.25
N PRO D 205 6.59 -10.68 19.65
CA PRO D 205 6.13 -9.31 19.94
C PRO D 205 6.09 -8.34 18.76
N SER D 206 6.52 -8.74 17.57
CA SER D 206 6.69 -7.79 16.47
C SER D 206 6.77 -8.54 15.14
N ALA D 207 6.79 -7.79 14.05
CA ALA D 207 7.21 -8.36 12.78
C ALA D 207 8.61 -8.97 12.93
N GLY D 208 8.96 -9.87 12.01
CA GLY D 208 10.28 -10.52 12.00
C GLY D 208 10.17 -12.03 12.11
N HIS D 209 11.34 -12.67 12.16
CA HIS D 209 11.39 -14.13 12.25
C HIS D 209 11.77 -14.54 13.69
N CYS D 210 12.01 -15.84 13.91
CA CYS D 210 12.24 -16.33 15.26
C CYS D 210 13.43 -15.62 15.87
N ASN D 211 13.24 -15.05 17.07
CA ASN D 211 14.22 -14.17 17.69
C ASN D 211 15.30 -14.92 18.46
N THR D 212 15.26 -16.25 18.44
CA THR D 212 16.32 -17.09 18.94
C THR D 212 17.31 -17.41 17.82
N MET D 213 18.42 -18.07 18.17
CA MET D 213 19.38 -18.55 17.18
C MET D 213 18.87 -19.84 16.56
N GLY D 214 17.74 -19.72 15.86
CA GLY D 214 17.13 -20.84 15.20
C GLY D 214 17.63 -20.95 13.78
N THR D 215 16.81 -21.59 12.93
CA THR D 215 17.24 -21.79 11.56
C THR D 215 17.29 -20.48 10.80
N ALA D 216 16.28 -19.61 11.01
CA ALA D 216 16.27 -18.32 10.32
C ALA D 216 17.48 -17.47 10.71
N SER D 217 17.76 -17.37 12.02
CA SER D 217 18.91 -16.58 12.46
C SER D 217 20.20 -17.18 11.95
N THR D 218 20.32 -18.51 12.04
CA THR D 218 21.49 -19.21 11.53
C THR D 218 21.65 -19.01 10.02
N MET D 219 20.59 -19.31 9.26
CA MET D 219 20.70 -19.27 7.80
C MET D 219 20.98 -17.87 7.30
N ASN D 220 20.42 -16.86 7.95
CA ASN D 220 20.69 -15.51 7.50
C ASN D 220 22.11 -15.07 7.86
N ALA D 221 22.64 -15.51 9.02
CA ALA D 221 24.06 -15.32 9.30
C ALA D 221 24.92 -16.09 8.32
N VAL D 222 24.46 -17.27 7.91
CA VAL D 222 25.23 -18.05 6.94
C VAL D 222 25.31 -17.32 5.61
N ALA D 223 24.24 -16.63 5.21
CA ALA D 223 24.30 -15.84 3.99
C ALA D 223 25.34 -14.74 4.11
N GLU D 224 25.45 -14.10 5.28
CA GLU D 224 26.50 -13.11 5.47
C GLU D 224 27.89 -13.75 5.41
N ALA D 225 28.06 -14.90 6.09
CA ALA D 225 29.33 -15.61 6.05
C ALA D 225 29.67 -16.12 4.64
N LEU D 226 28.66 -16.46 3.82
CA LEU D 226 28.94 -16.88 2.46
C LEU D 226 29.42 -15.73 1.58
N GLY D 227 29.14 -14.49 1.96
CA GLY D 227 29.47 -13.34 1.16
C GLY D 227 28.32 -12.81 0.32
N LEU D 228 27.09 -13.23 0.60
CA LEU D 228 25.94 -12.95 -0.25
C LEU D 228 25.08 -11.79 0.25
N SER D 229 25.39 -11.19 1.40
CA SER D 229 24.69 -10.01 1.86
C SER D 229 25.71 -8.98 2.33
N LEU D 230 25.28 -7.72 2.37
CA LEU D 230 26.10 -6.64 2.90
C LEU D 230 26.42 -6.90 4.37
N THR D 231 27.59 -6.40 4.78
CA THR D 231 28.09 -6.64 6.13
C THR D 231 27.11 -6.12 7.18
N GLY D 232 26.73 -7.00 8.09
CA GLY D 232 25.78 -6.65 9.13
C GLY D 232 24.33 -6.83 8.77
N CYS D 233 24.04 -7.48 7.64
CA CYS D 233 22.66 -7.59 7.18
C CYS D 233 21.86 -8.63 7.97
N ALA D 234 22.52 -9.66 8.51
CA ALA D 234 21.76 -10.78 9.03
C ALA D 234 20.97 -10.40 10.28
N ALA D 235 21.64 -9.77 11.26
CA ALA D 235 21.12 -9.74 12.63
C ALA D 235 20.17 -8.59 12.94
N ILE D 236 20.14 -7.51 12.14
CA ILE D 236 19.27 -6.37 12.42
C ILE D 236 17.84 -6.82 12.66
N PRO D 237 17.28 -6.60 13.86
CA PRO D 237 15.86 -6.96 14.09
C PRO D 237 14.95 -6.29 13.07
N ALA D 238 13.93 -7.02 12.65
CA ALA D 238 13.10 -6.54 11.55
C ALA D 238 12.49 -5.16 11.75
N PRO D 239 12.06 -4.74 12.93
CA PRO D 239 11.42 -3.41 13.03
C PRO D 239 12.40 -2.26 13.23
N TYR D 240 13.70 -2.52 13.26
CA TYR D 240 14.65 -1.42 13.37
C TYR D 240 14.66 -0.58 12.10
N ARG D 241 14.75 0.73 12.30
CA ARG D 241 15.07 1.65 11.22
C ARG D 241 16.28 1.18 10.41
N GLU D 242 17.28 0.59 11.08
CA GLU D 242 18.48 0.08 10.41
C GLU D 242 18.13 -0.94 9.35
N ARG D 243 17.09 -1.75 9.59
CA ARG D 243 16.71 -2.74 8.60
C ARG D 243 16.24 -2.07 7.32
N GLY D 244 15.47 -0.99 7.47
CA GLY D 244 15.06 -0.24 6.29
C GLY D 244 16.22 0.40 5.58
N GLN D 245 17.18 0.93 6.33
CA GLN D 245 18.37 1.51 5.70
C GLN D 245 19.18 0.45 4.99
N MET D 246 19.28 -0.75 5.58
CA MET D 246 19.99 -1.83 4.93
C MET D 246 19.32 -2.21 3.62
N ALA D 247 17.99 -2.19 3.57
CA ALA D 247 17.30 -2.58 2.33
C ALA D 247 17.58 -1.59 1.21
N TYR D 248 17.71 -0.30 1.55
CA TYR D 248 18.10 0.71 0.57
C TYR D 248 19.52 0.45 0.06
N LYS D 249 20.49 0.32 0.97
CA LYS D 249 21.86 0.03 0.56
C LYS D 249 21.93 -1.22 -0.30
N THR D 250 21.09 -2.22 0.01
CA THR D 250 21.11 -3.43 -0.77
C THR D 250 20.57 -3.19 -2.18
N GLY D 251 19.55 -2.35 -2.31
CA GLY D 251 19.05 -2.05 -3.63
C GLY D 251 20.08 -1.35 -4.48
N GLN D 252 20.85 -0.44 -3.87
CA GLN D 252 21.97 0.19 -4.56
C GLN D 252 22.98 -0.85 -5.05
N ARG D 253 23.40 -1.74 -4.14
CA ARG D 253 24.48 -2.66 -4.43
C ARG D 253 24.13 -3.62 -5.58
N ILE D 254 22.89 -4.11 -5.62
CA ILE D 254 22.53 -5.09 -6.64
C ILE D 254 22.67 -4.51 -8.04
N VAL D 255 22.40 -3.21 -8.21
CA VAL D 255 22.64 -2.57 -9.52
C VAL D 255 24.12 -2.67 -9.88
N ASP D 256 24.98 -2.35 -8.92
CA ASP D 256 26.43 -2.45 -9.13
C ASP D 256 26.84 -3.86 -9.49
N LEU D 257 26.32 -4.87 -8.77
CA LEU D 257 26.67 -6.24 -9.11
C LEU D 257 26.21 -6.59 -10.52
N ALA D 258 25.17 -5.93 -11.02
CA ALA D 258 24.73 -6.21 -12.37
C ALA D 258 25.77 -5.71 -13.36
N TYR D 259 26.26 -4.48 -13.16
CA TYR D 259 27.27 -3.93 -14.05
C TYR D 259 28.60 -4.64 -13.92
N ASP D 260 29.09 -4.83 -12.69
CA ASP D 260 30.35 -5.54 -12.51
C ASP D 260 30.22 -7.04 -12.77
N ASP D 261 29.01 -7.55 -12.99
CA ASP D 261 28.76 -8.94 -13.36
C ASP D 261 29.32 -9.93 -12.34
N VAL D 262 29.01 -9.69 -11.07
CA VAL D 262 29.44 -10.55 -9.97
C VAL D 262 28.33 -11.56 -9.72
N LYS D 263 28.64 -12.83 -9.96
CA LYS D 263 27.60 -13.84 -9.97
C LYS D 263 27.75 -14.79 -8.80
N PRO D 264 26.68 -15.51 -8.44
CA PRO D 264 26.78 -16.50 -7.35
C PRO D 264 27.99 -17.42 -7.46
N LEU D 265 28.22 -18.03 -8.64
CA LEU D 265 29.29 -18.99 -8.73
C LEU D 265 30.67 -18.34 -8.59
N ASP D 266 30.77 -17.03 -8.81
CA ASP D 266 32.00 -16.32 -8.48
C ASP D 266 32.24 -16.26 -6.97
N ILE D 267 31.18 -16.30 -6.16
CA ILE D 267 31.31 -16.10 -4.73
C ILE D 267 31.25 -17.41 -3.94
N LEU D 268 30.45 -18.39 -4.38
CA LEU D 268 30.26 -19.62 -3.61
C LEU D 268 31.32 -20.69 -3.93
N THR D 269 32.56 -20.35 -3.61
CA THR D 269 33.66 -21.29 -3.65
C THR D 269 33.64 -22.20 -2.41
N LYS D 270 34.48 -23.24 -2.43
CA LYS D 270 34.56 -24.10 -1.25
C LYS D 270 35.00 -23.33 -0.02
N GLN D 271 35.84 -22.31 -0.19
CA GLN D 271 36.28 -21.53 0.97
C GLN D 271 35.11 -20.83 1.64
N ALA D 272 34.22 -20.21 0.85
CA ALA D 272 33.09 -19.49 1.43
C ALA D 272 32.17 -20.42 2.20
N PHE D 273 31.97 -21.63 1.70
CA PHE D 273 31.21 -22.60 2.47
C PHE D 273 31.95 -23.04 3.72
N GLU D 274 33.28 -23.09 3.67
CA GLU D 274 34.04 -23.42 4.86
C GLU D 274 33.90 -22.31 5.91
N ASN D 275 33.95 -21.06 5.47
CA ASN D 275 33.68 -19.92 6.35
C ASN D 275 32.30 -20.03 6.99
N ALA D 276 31.28 -20.36 6.21
CA ALA D 276 29.94 -20.51 6.78
C ALA D 276 29.89 -21.63 7.79
N ILE D 277 30.66 -22.70 7.58
CA ILE D 277 30.62 -23.82 8.51
C ILE D 277 31.26 -23.41 9.83
N ALA D 278 32.37 -22.66 9.76
CA ALA D 278 32.98 -22.08 10.95
C ALA D 278 31.96 -21.26 11.74
N LEU D 279 31.22 -20.39 11.05
CA LEU D 279 30.34 -19.48 11.76
C LEU D 279 29.20 -20.22 12.45
N VAL D 280 28.64 -21.25 11.80
CA VAL D 280 27.55 -21.98 12.42
C VAL D 280 28.00 -22.56 13.75
N ALA D 281 29.21 -23.12 13.77
CA ALA D 281 29.75 -23.69 14.99
C ALA D 281 29.95 -22.62 16.07
N ALA D 282 30.60 -21.50 15.70
CA ALA D 282 30.87 -20.46 16.66
C ALA D 282 29.59 -19.86 17.23
N ALA D 283 28.51 -19.83 16.45
CA ALA D 283 27.30 -19.11 16.84
C ALA D 283 26.24 -19.99 17.48
N GLY D 284 26.54 -21.25 17.77
CA GLY D 284 25.49 -22.11 18.29
C GLY D 284 24.32 -22.28 17.34
N GLY D 285 24.61 -22.42 16.03
CA GLY D 285 23.56 -22.44 15.01
C GLY D 285 22.73 -23.72 14.98
N SER D 286 21.62 -23.63 14.26
CA SER D 286 20.71 -24.76 14.09
C SER D 286 21.35 -25.88 13.28
N THR D 287 21.01 -27.12 13.64
CA THR D 287 21.46 -28.28 12.86
C THR D 287 20.79 -28.37 11.51
N ASN D 288 19.72 -27.63 11.30
CA ASN D 288 19.13 -27.58 9.98
C ASN D 288 20.04 -26.85 9.00
N ALA D 289 21.03 -26.10 9.49
CA ALA D 289 22.02 -25.51 8.59
C ALA D 289 22.82 -26.57 7.85
N GLN D 290 22.93 -27.77 8.41
CA GLN D 290 23.73 -28.80 7.75
C GLN D 290 23.11 -29.19 6.40
N PRO D 291 21.87 -29.67 6.32
CA PRO D 291 21.31 -29.94 4.98
C PRO D 291 21.30 -28.71 4.08
N HIS D 292 20.99 -27.52 4.61
CA HIS D 292 20.88 -26.34 3.76
C HIS D 292 22.23 -25.94 3.18
N ILE D 293 23.31 -26.17 3.91
CA ILE D 293 24.60 -25.77 3.37
C ILE D 293 25.08 -26.77 2.33
N VAL D 294 24.78 -28.06 2.53
CA VAL D 294 25.16 -29.07 1.56
C VAL D 294 24.32 -28.93 0.29
N ALA D 295 23.04 -28.57 0.43
CA ALA D 295 22.21 -28.27 -0.73
C ALA D 295 22.79 -27.09 -1.51
N MET D 296 23.03 -25.97 -0.82
CA MET D 296 23.53 -24.78 -1.51
C MET D 296 24.84 -25.08 -2.23
N ALA D 297 25.72 -25.83 -1.60
CA ALA D 297 27.02 -26.12 -2.21
C ALA D 297 26.86 -27.01 -3.43
N ARG D 298 26.08 -28.09 -3.30
CA ARG D 298 25.81 -28.96 -4.43
C ARG D 298 25.30 -28.15 -5.63
N HIS D 299 24.28 -27.31 -5.41
CA HIS D 299 23.78 -26.53 -6.54
C HIS D 299 24.82 -25.56 -7.08
N ALA D 300 25.87 -25.30 -6.32
CA ALA D 300 27.00 -24.50 -6.80
C ALA D 300 28.13 -25.36 -7.36
N GLY D 301 27.97 -26.68 -7.39
CA GLY D 301 29.05 -27.54 -7.81
C GLY D 301 30.23 -27.65 -6.86
N VAL D 302 29.98 -27.58 -5.56
CA VAL D 302 31.02 -27.70 -4.53
C VAL D 302 30.64 -28.89 -3.66
N GLU D 303 31.63 -29.70 -3.30
CA GLU D 303 31.36 -30.87 -2.45
C GLU D 303 31.69 -30.54 -1.01
N ILE D 304 30.73 -30.77 -0.12
CA ILE D 304 30.91 -30.64 1.32
C ILE D 304 30.78 -32.03 1.92
N THR D 305 31.85 -32.52 2.53
CA THR D 305 31.87 -33.86 3.10
C THR D 305 31.74 -33.82 4.61
N ALA D 306 31.49 -35.01 5.21
CA ALA D 306 31.46 -35.13 6.66
C ALA D 306 32.76 -34.64 7.29
N ASP D 307 33.88 -34.81 6.60
CA ASP D 307 35.13 -34.32 7.16
C ASP D 307 35.19 -32.81 7.20
N ASP D 308 34.41 -32.11 6.36
CA ASP D 308 34.37 -30.65 6.49
C ASP D 308 33.61 -30.22 7.73
N TRP D 309 32.61 -31.00 8.15
CA TRP D 309 31.95 -30.70 9.43
C TRP D 309 32.86 -31.01 10.60
N ARG D 310 33.53 -32.17 10.56
CA ARG D 310 34.44 -32.54 11.64
C ARG D 310 35.51 -31.48 11.84
N ALA D 311 35.90 -30.78 10.78
CA ALA D 311 36.90 -29.73 10.87
C ALA D 311 36.46 -28.55 11.75
N ALA D 312 35.15 -28.37 11.93
CA ALA D 312 34.62 -27.26 12.72
C ALA D 312 34.11 -27.69 14.09
N TYR D 313 34.26 -28.98 14.44
CA TYR D 313 33.83 -29.45 15.76
C TYR D 313 34.54 -28.70 16.88
N ASP D 314 35.84 -28.46 16.75
CA ASP D 314 36.59 -27.82 17.83
C ASP D 314 36.51 -26.30 17.78
N ILE D 315 35.43 -25.75 17.26
CA ILE D 315 35.27 -24.29 17.32
C ILE D 315 34.44 -24.02 18.57
N PRO D 316 34.80 -23.02 19.37
CA PRO D 316 34.08 -22.79 20.62
C PRO D 316 32.82 -21.97 20.42
N LEU D 317 31.85 -22.17 21.32
CA LEU D 317 30.67 -21.30 21.37
C LEU D 317 31.07 -19.87 21.70
N ILE D 318 30.52 -18.92 20.96
CA ILE D 318 31.00 -17.55 20.98
C ILE D 318 29.84 -16.61 21.31
N VAL D 319 28.62 -16.98 20.90
CA VAL D 319 27.48 -16.10 21.07
C VAL D 319 26.59 -16.63 22.18
N ASN D 320 26.11 -15.73 23.03
CA ASN D 320 25.39 -16.08 24.24
C ASN D 320 23.89 -15.88 24.02
N MET D 321 23.34 -16.73 23.16
CA MET D 321 21.98 -16.57 22.65
C MET D 321 21.20 -17.86 22.84
N GLN D 322 19.94 -17.73 23.23
CA GLN D 322 19.06 -18.88 23.28
C GLN D 322 19.02 -19.53 21.90
N PRO D 323 18.95 -20.87 21.81
CA PRO D 323 18.74 -21.82 22.90
C PRO D 323 20.00 -22.25 23.64
N ALA D 324 21.17 -22.01 23.06
CA ALA D 324 22.39 -22.44 23.72
C ALA D 324 22.77 -21.49 24.86
N GLY D 325 22.63 -20.19 24.63
CA GLY D 325 22.94 -19.18 25.63
C GLY D 325 21.70 -18.51 26.17
N LYS D 326 21.78 -17.19 26.38
CA LYS D 326 20.84 -16.50 27.26
C LYS D 326 20.00 -15.45 26.56
N TYR D 327 20.61 -14.58 25.75
CA TYR D 327 19.91 -13.45 25.16
C TYR D 327 19.21 -13.83 23.85
N LEU D 328 18.59 -12.82 23.20
CA LEU D 328 17.86 -13.02 21.95
C LEU D 328 18.44 -12.12 20.86
N GLY D 329 17.69 -11.92 19.77
CA GLY D 329 18.28 -11.28 18.58
C GLY D 329 18.74 -9.86 18.82
N GLU D 330 17.94 -9.09 19.58
CA GLU D 330 18.25 -7.68 19.79
C GLU D 330 19.64 -7.50 20.40
N ARG D 331 19.96 -8.32 21.41
CA ARG D 331 21.26 -8.22 22.06
C ARG D 331 22.36 -8.68 21.12
N PHE D 332 22.14 -9.77 20.37
CA PHE D 332 23.13 -10.23 19.42
C PHE D 332 23.47 -9.14 18.42
N HIS D 333 22.45 -8.48 17.86
CA HIS D 333 22.74 -7.43 16.90
C HIS D 333 23.49 -6.26 17.55
N ARG D 334 23.01 -5.77 18.69
CA ARG D 334 23.62 -4.61 19.32
C ARG D 334 25.08 -4.84 19.68
N ALA D 335 25.47 -6.09 19.96
CA ALA D 335 26.85 -6.47 20.23
C ALA D 335 27.69 -6.67 18.98
N GLY D 336 27.13 -6.52 17.78
CA GLY D 336 27.89 -6.61 16.56
C GLY D 336 27.37 -7.64 15.58
N GLY D 337 26.42 -8.48 15.97
CA GLY D 337 25.81 -9.46 15.08
C GLY D 337 26.83 -10.38 14.45
N ALA D 338 26.48 -10.87 13.26
CA ALA D 338 27.36 -11.82 12.55
C ALA D 338 28.77 -11.29 12.31
N PRO D 339 28.98 -10.04 11.88
CA PRO D 339 30.37 -9.57 11.70
C PRO D 339 31.25 -9.72 12.94
N ALA D 340 30.72 -9.43 14.13
CA ALA D 340 31.51 -9.60 15.34
C ALA D 340 31.91 -11.05 15.57
N VAL D 341 31.05 -12.00 15.17
CA VAL D 341 31.43 -13.40 15.29
C VAL D 341 32.48 -13.75 14.26
N LEU D 342 32.31 -13.28 13.02
CA LEU D 342 33.30 -13.59 12.00
C LEU D 342 34.63 -12.95 12.34
N TRP D 343 34.60 -11.77 12.96
CA TRP D 343 35.83 -11.11 13.39
C TRP D 343 36.60 -11.99 14.38
N GLU D 344 35.90 -12.58 15.33
CA GLU D 344 36.54 -13.46 16.31
C GLU D 344 37.24 -14.62 15.62
N LEU D 345 36.56 -15.25 14.66
CA LEU D 345 37.16 -16.39 13.95
C LEU D 345 38.30 -15.96 13.06
N LEU D 346 38.17 -14.80 12.42
CA LEU D 346 39.24 -14.31 11.56
C LEU D 346 40.54 -14.17 12.32
N GLN D 347 40.49 -13.58 13.53
CA GLN D 347 41.69 -13.36 14.32
C GLN D 347 42.42 -14.67 14.64
N GLN D 348 41.69 -15.78 14.76
CA GLN D 348 42.30 -17.05 15.11
C GLN D 348 42.74 -17.85 13.90
N GLY D 349 42.76 -17.23 12.72
CA GLY D 349 42.99 -17.96 11.48
C GLY D 349 42.01 -19.09 11.22
N ARG D 350 40.75 -18.91 11.59
CA ARG D 350 39.72 -19.90 11.33
C ARG D 350 38.89 -19.57 10.10
N LEU D 351 39.22 -18.48 9.40
CA LEU D 351 38.49 -18.00 8.24
C LEU D 351 39.44 -17.78 7.07
N HIS D 352 38.91 -18.01 5.88
CA HIS D 352 39.56 -17.60 4.65
C HIS D 352 39.13 -16.16 4.40
N GLY D 353 39.99 -15.22 4.71
CA GLY D 353 39.61 -13.83 4.55
C GLY D 353 39.86 -13.24 3.20
N ASP D 354 40.37 -14.02 2.25
CA ASP D 354 40.72 -13.49 0.93
C ASP D 354 39.60 -13.66 -0.08
N VAL D 355 38.52 -14.33 0.31
CA VAL D 355 37.38 -14.59 -0.57
C VAL D 355 36.65 -13.29 -0.90
N LEU D 356 36.09 -13.23 -2.11
CA LEU D 356 35.34 -12.07 -2.57
C LEU D 356 33.90 -12.13 -2.06
N THR D 357 33.34 -10.97 -1.71
CA THR D 357 31.97 -10.89 -1.23
C THR D 357 31.18 -9.89 -2.08
N VAL D 358 29.86 -9.91 -1.91
CA VAL D 358 28.99 -9.00 -2.64
C VAL D 358 29.15 -7.56 -2.23
N THR D 359 29.97 -7.26 -1.22
CA THR D 359 30.27 -5.87 -0.92
C THR D 359 31.29 -5.27 -1.89
N GLY D 360 31.95 -6.12 -2.69
CA GLY D 360 33.06 -5.67 -3.51
C GLY D 360 34.39 -5.68 -2.81
N LYS D 361 34.46 -6.22 -1.60
CA LYS D 361 35.69 -6.37 -0.84
C LYS D 361 35.80 -7.81 -0.35
N THR D 362 36.98 -8.17 0.16
CA THR D 362 37.15 -9.50 0.71
C THR D 362 36.55 -9.55 2.11
N MET D 363 36.25 -10.78 2.56
CA MET D 363 35.71 -10.94 3.90
C MET D 363 36.58 -10.24 4.92
N SER D 364 37.91 -10.41 4.79
CA SER D 364 38.85 -9.78 5.70
C SER D 364 38.66 -8.27 5.74
N GLU D 365 38.56 -7.62 4.59
CA GLU D 365 38.41 -6.17 4.63
C GLU D 365 37.05 -5.76 5.20
N ASN D 366 35.97 -6.52 4.90
CA ASN D 366 34.66 -6.23 5.48
C ASN D 366 34.73 -6.24 7.00
N LEU D 367 35.58 -7.10 7.57
CA LEU D 367 35.57 -7.36 9.00
C LEU D 367 36.46 -6.43 9.81
N GLN D 368 37.26 -5.57 9.18
CA GLN D 368 38.13 -4.70 9.98
C GLN D 368 37.27 -3.78 10.82
N GLY D 369 37.56 -3.74 12.12
CA GLY D 369 36.85 -2.88 13.03
C GLY D 369 35.58 -3.47 13.57
N ARG D 370 35.34 -4.76 13.33
CA ARG D 370 34.07 -5.38 13.67
C ARG D 370 34.10 -6.14 14.98
N GLU D 371 35.14 -5.99 15.79
CA GLU D 371 35.17 -6.65 17.09
C GLU D 371 33.95 -6.22 17.92
N THR D 372 33.37 -7.18 18.64
CA THR D 372 32.14 -6.96 19.40
C THR D 372 32.25 -5.74 20.32
N SER D 373 31.10 -5.24 20.75
CA SER D 373 31.01 -4.12 21.67
C SER D 373 30.43 -4.54 23.02
N ASP D 374 30.06 -5.81 23.17
CA ASP D 374 29.35 -6.30 24.35
C ASP D 374 29.81 -7.74 24.61
N ARG D 375 30.83 -7.88 25.45
CA ARG D 375 31.38 -9.19 25.73
C ARG D 375 30.48 -10.05 26.61
N GLU D 376 29.37 -9.53 27.14
CA GLU D 376 28.42 -10.43 27.78
C GLU D 376 27.69 -11.30 26.77
N VAL D 377 27.77 -10.95 25.48
CA VAL D 377 26.94 -11.55 24.44
C VAL D 377 27.78 -12.34 23.44
N ILE D 378 28.90 -11.78 23.01
CA ILE D 378 29.80 -12.40 22.07
C ILE D 378 31.14 -12.57 22.78
N PHE D 379 31.36 -13.76 23.34
CA PHE D 379 32.52 -14.02 24.19
C PHE D 379 33.79 -14.06 23.36
N PRO D 380 34.95 -13.89 24.00
CA PRO D 380 36.21 -14.01 23.27
C PRO D 380 36.52 -15.46 22.93
N TYR D 381 37.16 -15.66 21.77
CA TYR D 381 37.47 -17.00 21.31
C TYR D 381 38.19 -17.81 22.39
N HIS D 382 39.18 -17.20 23.05
CA HIS D 382 40.10 -17.93 23.91
C HIS D 382 39.62 -18.11 25.33
N GLU D 383 38.53 -17.45 25.73
CA GLU D 383 37.81 -17.80 26.95
C GLU D 383 36.33 -17.73 26.62
N PRO D 384 35.80 -18.77 26.00
CA PRO D 384 34.44 -18.72 25.44
C PRO D 384 33.37 -19.23 26.37
N LEU D 385 32.14 -19.29 25.85
CA LEU D 385 31.02 -19.86 26.60
C LEU D 385 31.23 -21.35 26.85
N ALA D 386 31.83 -22.05 25.89
CA ALA D 386 32.06 -23.49 25.89
C ALA D 386 32.91 -23.81 24.69
N GLU D 387 33.71 -24.87 24.79
CA GLU D 387 34.51 -25.32 23.68
C GLU D 387 33.80 -26.50 23.01
N LYS D 388 34.21 -26.82 21.77
CA LYS D 388 33.66 -27.94 21.00
C LYS D 388 32.17 -27.80 20.76
N ALA D 389 31.81 -26.65 20.19
CA ALA D 389 30.42 -26.30 19.95
C ALA D 389 29.94 -26.73 18.58
N GLY D 390 30.87 -27.13 17.70
CA GLY D 390 30.51 -27.63 16.39
C GLY D 390 29.60 -28.84 16.45
N PHE D 391 28.90 -29.07 15.35
CA PHE D 391 28.22 -30.34 15.17
C PHE D 391 29.24 -31.48 15.25
N LEU D 392 28.82 -32.58 15.86
CA LEU D 392 29.65 -33.77 15.95
C LEU D 392 29.06 -34.82 15.03
N VAL D 393 29.85 -35.22 14.02
CA VAL D 393 29.43 -36.26 13.07
C VAL D 393 29.50 -37.63 13.74
N LEU D 394 28.41 -38.37 13.68
CA LEU D 394 28.33 -39.73 14.18
C LEU D 394 28.00 -40.71 13.05
N LYS D 395 28.56 -41.91 13.11
CA LYS D 395 28.25 -42.97 12.16
C LYS D 395 28.28 -44.31 12.88
N GLY D 396 27.66 -45.30 12.26
CA GLY D 396 27.70 -46.65 12.77
C GLY D 396 26.84 -47.59 11.97
N ASN D 397 26.30 -48.60 12.65
CA ASN D 397 25.45 -49.59 12.00
C ASN D 397 23.99 -49.17 11.95
N LEU D 398 23.67 -47.92 12.34
CA LEU D 398 22.31 -47.41 12.23
C LEU D 398 22.15 -46.32 11.18
N PHE D 399 23.25 -45.71 10.74
CA PHE D 399 23.25 -44.62 9.77
C PHE D 399 24.70 -44.36 9.39
N ASP D 400 24.89 -43.80 8.19
CA ASP D 400 26.24 -43.45 7.77
C ASP D 400 26.60 -42.03 8.10
N PHE D 401 25.60 -41.23 8.45
CA PHE D 401 25.81 -39.83 8.79
C PHE D 401 24.67 -39.37 9.68
N ALA D 402 25.06 -38.74 10.79
CA ALA D 402 24.17 -37.96 11.64
C ALA D 402 25.04 -36.91 12.32
N ILE D 403 24.39 -35.87 12.83
CA ILE D 403 25.12 -34.88 13.61
C ILE D 403 24.45 -34.73 14.98
N MET D 404 25.27 -34.34 15.95
CA MET D 404 24.85 -34.09 17.32
C MET D 404 25.01 -32.61 17.60
N LYS D 405 23.98 -32.00 18.21
CA LYS D 405 24.06 -30.58 18.56
C LYS D 405 24.89 -30.45 19.85
N SER D 406 26.20 -30.28 19.69
CA SER D 406 27.10 -30.21 20.84
C SER D 406 26.85 -28.96 21.68
N SER D 407 26.63 -27.81 21.03
CA SER D 407 26.58 -26.51 21.71
C SER D 407 25.52 -26.46 22.80
N VAL D 408 24.67 -27.47 22.90
CA VAL D 408 23.45 -27.45 23.68
C VAL D 408 23.47 -28.47 24.81
N ILE D 409 24.55 -29.24 24.94
CA ILE D 409 24.72 -30.12 26.10
C ILE D 409 24.77 -29.30 27.38
N GLY D 410 23.82 -29.55 28.29
CA GLY D 410 23.81 -28.91 29.59
C GLY D 410 24.62 -29.69 30.63
N GLU D 411 24.70 -29.10 31.83
CA GLU D 411 25.55 -29.67 32.87
C GLU D 411 25.00 -31.01 33.38
N GLU D 412 23.68 -31.12 33.58
CA GLU D 412 23.11 -32.37 34.06
C GLU D 412 23.31 -33.49 33.05
N PHE D 413 23.16 -33.18 31.77
CA PHE D 413 23.37 -34.16 30.71
C PHE D 413 24.83 -34.60 30.66
N ARG D 414 25.76 -33.64 30.67
CA ARG D 414 27.18 -33.97 30.70
C ARG D 414 27.54 -34.76 31.95
N LYS D 415 26.79 -34.58 33.04
CA LYS D 415 27.07 -35.36 34.23
C LYS D 415 26.56 -36.79 34.07
N ARG D 416 25.34 -36.95 33.58
CA ARG D 416 24.68 -38.26 33.60
C ARG D 416 25.22 -39.23 32.55
N TYR D 417 25.82 -38.75 31.47
CA TYR D 417 26.18 -39.65 30.37
C TYR D 417 27.61 -39.45 29.88
N LEU D 418 28.09 -38.22 29.93
CA LEU D 418 29.35 -37.89 29.27
C LEU D 418 30.53 -37.93 30.21
N SER D 419 30.33 -38.39 31.45
CA SER D 419 31.38 -38.29 32.46
C SER D 419 31.65 -39.63 33.16
N GLN D 420 31.30 -40.74 32.53
CA GLN D 420 31.66 -42.05 33.03
C GLN D 420 33.17 -42.15 33.26
N PRO D 421 33.60 -42.64 34.41
CA PRO D 421 35.03 -42.53 34.79
C PRO D 421 35.89 -43.48 33.98
N GLY D 422 37.07 -43.00 33.59
CA GLY D 422 37.99 -43.79 32.78
C GLY D 422 37.51 -44.08 31.38
N GLN D 423 36.46 -43.41 30.94
CA GLN D 423 35.65 -43.83 29.80
C GLN D 423 34.80 -42.64 29.33
N GLU D 424 35.38 -41.44 29.39
CA GLU D 424 34.61 -40.21 29.27
C GLU D 424 34.31 -39.90 27.81
N GLY D 425 33.04 -39.69 27.52
CA GLY D 425 32.57 -39.51 26.16
C GLY D 425 31.84 -40.72 25.63
N VAL D 426 31.92 -41.85 26.33
CA VAL D 426 31.28 -43.09 25.94
C VAL D 426 30.18 -43.37 26.95
N PHE D 427 28.99 -43.73 26.46
CA PHE D 427 27.94 -44.19 27.33
C PHE D 427 27.01 -45.09 26.53
N GLU D 428 26.12 -45.77 27.23
CA GLU D 428 25.22 -46.72 26.62
C GLU D 428 23.81 -46.43 27.10
N ALA D 429 22.85 -46.57 26.19
CA ALA D 429 21.47 -46.28 26.53
C ALA D 429 20.55 -47.33 25.91
N ARG D 430 19.40 -47.52 26.54
CA ARG D 430 18.42 -48.50 26.11
C ARG D 430 17.37 -47.85 25.22
N ALA D 431 17.32 -48.27 23.96
CA ALA D 431 16.49 -47.59 22.97
C ALA D 431 15.01 -47.80 23.20
N ILE D 432 14.23 -46.73 23.07
CA ILE D 432 12.78 -46.80 23.05
C ILE D 432 12.36 -46.12 21.77
N VAL D 433 11.82 -46.91 20.86
CA VAL D 433 11.67 -46.51 19.47
C VAL D 433 10.22 -46.14 19.20
N PHE D 434 10.03 -45.04 18.48
CA PHE D 434 8.70 -44.64 18.04
C PHE D 434 8.70 -44.43 16.53
N ASP D 435 7.56 -44.77 15.92
CA ASP D 435 7.33 -44.62 14.48
C ASP D 435 6.40 -43.42 14.28
N GLY D 436 7.02 -42.25 14.11
CA GLY D 436 6.28 -41.01 13.99
C GLY D 436 6.12 -40.32 15.34
N SER D 437 5.72 -39.05 15.27
CA SER D 437 5.52 -38.28 16.49
C SER D 437 4.21 -38.63 17.17
N ASP D 438 3.21 -39.08 16.41
CA ASP D 438 1.96 -39.50 17.03
C ASP D 438 2.20 -40.68 17.97
N ASP D 439 3.00 -41.64 17.52
CA ASP D 439 3.32 -42.80 18.32
C ASP D 439 4.03 -42.40 19.62
N TYR D 440 4.97 -41.46 19.54
CA TYR D 440 5.60 -40.90 20.73
C TYR D 440 4.55 -40.36 21.70
N HIS D 441 3.73 -39.41 21.25
CA HIS D 441 2.74 -38.80 22.13
C HIS D 441 1.71 -39.79 22.65
N LYS D 442 1.68 -41.02 22.13
CA LYS D 442 0.67 -41.97 22.57
C LYS D 442 1.20 -42.96 23.60
N ARG D 443 2.49 -43.29 23.53
CA ARG D 443 3.07 -44.32 24.37
C ARG D 443 4.21 -43.84 25.28
N ILE D 444 4.55 -42.55 25.27
CA ILE D 444 5.67 -42.10 26.09
C ILE D 444 5.34 -42.22 27.57
N ASN D 445 4.06 -42.10 27.94
CA ASN D 445 3.61 -42.20 29.32
C ASN D 445 2.89 -43.51 29.60
N ASP D 446 3.14 -44.51 28.78
CA ASP D 446 2.61 -45.85 29.03
C ASP D 446 3.64 -46.56 29.89
N PRO D 447 3.33 -46.90 31.15
CA PRO D 447 4.36 -47.45 32.05
C PRO D 447 4.90 -48.80 31.61
N ALA D 448 4.23 -49.46 30.66
CA ALA D 448 4.75 -50.72 30.15
C ALA D 448 6.19 -50.61 29.67
N LEU D 449 6.59 -49.42 29.20
CA LEU D 449 7.94 -49.26 28.66
C LEU D 449 9.01 -49.18 29.74
N GLU D 450 8.63 -48.85 30.98
CA GLU D 450 9.54 -48.75 32.12
C GLU D 450 10.79 -47.93 31.77
N ILE D 451 10.56 -46.65 31.48
CA ILE D 451 11.62 -45.76 31.06
C ILE D 451 12.39 -45.24 32.27
N ASP D 452 13.71 -45.43 32.25
CA ASP D 452 14.64 -44.96 33.26
C ASP D 452 15.40 -43.75 32.74
N GLU D 453 16.30 -43.24 33.57
CA GLU D 453 17.15 -42.15 33.14
C GLU D 453 18.29 -42.60 32.22
N ARG D 454 18.38 -43.88 31.87
CA ARG D 454 19.44 -44.39 31.01
C ARG D 454 18.89 -44.95 29.70
N CYS D 455 17.72 -44.45 29.28
CA CYS D 455 17.11 -44.75 28.00
C CYS D 455 17.43 -43.65 27.00
N ILE D 456 17.53 -44.03 25.72
CA ILE D 456 17.59 -43.08 24.61
C ILE D 456 16.26 -43.14 23.87
N LEU D 457 15.63 -41.98 23.70
CA LEU D 457 14.37 -41.87 22.96
C LEU D 457 14.67 -41.76 21.48
N VAL D 458 14.11 -42.68 20.68
CA VAL D 458 14.42 -42.79 19.26
C VAL D 458 13.14 -42.68 18.45
N ILE D 459 13.20 -41.91 17.36
CA ILE D 459 12.08 -41.71 16.45
C ILE D 459 12.56 -41.94 15.02
N ARG D 460 11.74 -42.63 14.22
CA ARG D 460 12.12 -42.97 12.87
C ARG D 460 10.91 -42.89 11.95
N GLY D 461 11.18 -42.83 10.65
CA GLY D 461 10.12 -42.59 9.68
C GLY D 461 9.80 -41.12 9.52
N ALA D 462 10.79 -40.26 9.80
CA ALA D 462 10.61 -38.81 9.83
C ALA D 462 11.61 -38.10 8.92
N GLY D 463 12.32 -38.83 8.06
CA GLY D 463 13.19 -38.23 7.09
C GLY D 463 12.46 -37.77 5.85
N PRO D 464 13.26 -37.28 4.86
CA PRO D 464 12.69 -36.84 3.56
C PRO D 464 11.63 -37.77 2.98
N ILE D 465 11.91 -39.07 2.90
CA ILE D 465 10.94 -40.01 2.34
C ILE D 465 9.87 -40.39 3.36
N GLY D 466 10.26 -40.61 4.61
CA GLY D 466 9.33 -41.19 5.57
C GLY D 466 8.11 -40.33 5.87
N TRP D 467 8.31 -39.01 6.04
CA TRP D 467 7.26 -38.19 6.64
C TRP D 467 6.08 -37.88 5.71
N PRO D 468 6.30 -37.39 4.47
CA PRO D 468 7.52 -37.03 3.72
C PRO D 468 8.01 -35.60 4.01
N GLY D 469 9.20 -35.24 3.53
CA GLY D 469 9.92 -34.03 3.93
C GLY D 469 10.43 -34.27 5.33
N SER D 470 11.70 -34.03 5.65
CA SER D 470 12.09 -34.36 7.02
C SER D 470 11.32 -33.49 8.01
N ALA D 471 11.09 -34.02 9.21
CA ALA D 471 10.20 -33.39 10.18
C ALA D 471 10.92 -33.08 11.50
N GLU D 472 10.51 -31.98 12.15
CA GLU D 472 11.18 -31.52 13.37
C GLU D 472 10.48 -32.13 14.59
N VAL D 473 10.85 -33.38 14.91
CA VAL D 473 10.13 -34.18 15.89
C VAL D 473 11.11 -34.94 16.80
N VAL D 474 12.41 -34.70 16.65
CA VAL D 474 13.42 -35.48 17.37
C VAL D 474 13.67 -34.94 18.80
N ASN D 475 13.30 -33.70 19.09
CA ASN D 475 13.48 -33.15 20.43
C ASN D 475 12.35 -33.62 21.36
N MET D 476 12.29 -34.94 21.52
CA MET D 476 11.36 -35.56 22.45
C MET D 476 11.79 -35.35 23.91
N GLN D 477 10.80 -35.09 24.78
CA GLN D 477 11.08 -34.91 26.20
C GLN D 477 10.80 -36.19 26.96
N PRO D 478 11.37 -36.33 28.16
CA PRO D 478 11.14 -37.56 28.95
C PRO D 478 9.68 -37.74 29.28
N PRO D 479 9.27 -38.93 29.73
CA PRO D 479 7.90 -39.09 30.22
C PRO D 479 7.63 -38.26 31.47
N ASP D 480 6.33 -38.06 31.75
CA ASP D 480 5.91 -37.21 32.84
C ASP D 480 6.67 -37.53 34.13
N HIS D 481 6.80 -38.81 34.46
CA HIS D 481 7.31 -39.16 35.78
C HIS D 481 8.80 -38.89 35.92
N LEU D 482 9.56 -38.89 34.82
CA LEU D 482 10.96 -38.49 34.90
C LEU D 482 11.10 -36.98 35.06
N LEU D 483 10.21 -36.22 34.41
CA LEU D 483 10.30 -34.77 34.50
C LEU D 483 10.03 -34.29 35.92
N LYS D 484 9.23 -35.04 36.68
CA LYS D 484 8.96 -34.68 38.07
C LYS D 484 10.13 -34.97 39.00
N LYS D 485 11.09 -35.79 38.58
CA LYS D 485 12.27 -36.07 39.40
C LYS D 485 13.44 -35.16 39.09
N GLY D 486 13.27 -34.16 38.22
CA GLY D 486 14.37 -33.28 37.82
C GLY D 486 15.22 -33.81 36.69
N ILE D 487 14.72 -34.76 35.91
CA ILE D 487 15.37 -35.25 34.70
C ILE D 487 14.70 -34.52 33.54
N MET D 488 15.34 -33.46 33.05
CA MET D 488 14.69 -32.62 32.04
C MET D 488 14.93 -33.11 30.61
N SER D 489 15.91 -33.98 30.40
CA SER D 489 16.21 -34.46 29.06
C SER D 489 16.87 -35.83 29.11
N LEU D 490 16.36 -36.74 28.30
CA LEU D 490 17.05 -37.95 27.92
C LEU D 490 17.77 -37.73 26.60
N PRO D 491 18.79 -38.53 26.29
CA PRO D 491 19.36 -38.45 24.95
C PRO D 491 18.33 -38.82 23.89
N THR D 492 18.48 -38.24 22.70
CA THR D 492 17.47 -38.41 21.66
C THR D 492 18.15 -38.67 20.32
N LEU D 493 17.53 -39.50 19.50
CA LEU D 493 18.07 -39.92 18.22
C LEU D 493 16.93 -40.08 17.21
N GLY D 494 17.16 -39.68 15.98
CA GLY D 494 16.10 -39.76 14.99
C GLY D 494 16.62 -39.52 13.59
N ASP D 495 15.82 -39.99 12.61
CA ASP D 495 16.10 -39.70 11.21
C ASP D 495 15.35 -38.48 10.71
N GLY D 496 14.62 -37.80 11.59
CA GLY D 496 14.06 -36.50 11.33
C GLY D 496 15.00 -35.38 11.75
N ARG D 497 14.42 -34.21 11.98
CA ARG D 497 15.18 -33.06 12.43
C ARG D 497 14.58 -32.53 13.75
N GLN D 498 15.04 -31.35 14.17
CA GLN D 498 14.38 -30.61 15.24
C GLN D 498 14.44 -29.13 14.91
N SER D 499 13.58 -28.36 15.57
CA SER D 499 13.62 -26.92 15.42
C SER D 499 15.02 -26.43 15.76
N GLY D 500 15.50 -25.44 14.99
CA GLY D 500 16.76 -24.83 15.38
C GLY D 500 16.69 -24.12 16.71
N THR D 501 15.48 -23.91 17.23
CA THR D 501 15.25 -23.30 18.52
C THR D 501 15.28 -24.32 19.65
N ALA D 502 15.62 -25.56 19.36
CA ALA D 502 15.56 -26.62 20.35
C ALA D 502 16.80 -26.60 21.21
N ASP D 503 16.62 -26.92 22.50
CA ASP D 503 17.75 -27.03 23.41
C ASP D 503 18.00 -28.48 23.80
N SER D 504 17.63 -29.41 22.95
CA SER D 504 17.94 -30.81 23.10
C SER D 504 19.24 -31.13 22.37
N PRO D 505 20.19 -31.79 23.04
CA PRO D 505 21.43 -32.23 22.36
C PRO D 505 21.22 -33.52 21.57
N SER D 506 20.40 -33.43 20.52
CA SER D 506 19.99 -34.62 19.81
C SER D 506 21.06 -35.07 18.82
N ILE D 507 20.93 -36.33 18.41
CA ILE D 507 21.60 -36.87 17.24
C ILE D 507 20.57 -36.90 16.11
N LEU D 508 20.83 -36.11 15.05
CA LEU D 508 19.81 -35.70 14.08
C LEU D 508 20.24 -36.02 12.64
N ASN D 509 19.26 -35.94 11.74
CA ASN D 509 19.49 -36.00 10.29
C ASN D 509 20.05 -37.34 9.86
N ALA D 510 19.60 -38.42 10.50
CA ALA D 510 20.23 -39.73 10.33
C ALA D 510 20.00 -40.22 8.90
N SER D 511 21.08 -40.36 8.12
CA SER D 511 21.04 -40.77 6.73
C SER D 511 21.85 -42.05 6.54
N PRO D 512 21.32 -43.06 5.84
CA PRO D 512 19.98 -43.15 5.29
C PRO D 512 18.92 -43.32 6.35
N GLU D 513 17.72 -42.81 6.08
CA GLU D 513 16.63 -42.90 7.03
C GLU D 513 16.08 -44.31 7.07
N SER D 514 15.09 -44.50 7.95
CA SER D 514 14.48 -45.81 8.13
C SER D 514 13.67 -46.21 6.92
N ALA D 515 13.03 -45.24 6.26
CA ALA D 515 12.12 -45.56 5.18
C ALA D 515 12.82 -46.08 3.92
N ILE D 516 14.09 -45.76 3.71
CA ILE D 516 14.83 -46.35 2.60
C ILE D 516 15.83 -47.41 3.08
N GLY D 517 15.58 -48.02 4.23
CA GLY D 517 16.40 -49.12 4.70
C GLY D 517 17.66 -48.78 5.46
N GLY D 518 17.77 -47.59 6.06
CA GLY D 518 18.85 -47.34 6.98
C GLY D 518 18.65 -48.11 8.28
N GLY D 519 19.76 -48.21 9.03
CA GLY D 519 19.78 -49.04 10.25
C GLY D 519 18.63 -48.82 11.22
N LEU D 520 18.10 -47.60 11.33
CA LEU D 520 16.97 -47.36 12.20
C LEU D 520 15.76 -48.26 11.92
N SER D 521 15.71 -48.90 10.73
CA SER D 521 14.51 -49.66 10.35
C SER D 521 14.38 -50.98 11.11
N TRP D 522 15.50 -51.56 11.53
CA TRP D 522 15.49 -52.82 12.28
C TRP D 522 15.77 -52.64 13.77
N LEU D 523 15.98 -51.42 14.25
CA LEU D 523 16.12 -51.19 15.68
C LEU D 523 14.80 -51.47 16.39
N ARG D 524 14.88 -52.07 17.57
CA ARG D 524 13.70 -52.40 18.36
C ARG D 524 13.87 -51.84 19.76
N THR D 525 12.74 -51.53 20.40
CA THR D 525 12.78 -51.16 21.81
C THR D 525 13.53 -52.23 22.58
N GLY D 526 14.35 -51.79 23.54
CA GLY D 526 15.14 -52.66 24.35
C GLY D 526 16.59 -52.77 23.90
N ASP D 527 16.85 -52.61 22.60
CA ASP D 527 18.22 -52.64 22.11
C ASP D 527 19.07 -51.63 22.86
N THR D 528 20.37 -51.86 22.91
CA THR D 528 21.29 -50.96 23.58
C THR D 528 22.05 -50.22 22.50
N ILE D 529 22.19 -48.91 22.65
CA ILE D 529 23.00 -48.11 21.74
C ILE D 529 24.24 -47.68 22.48
N ARG D 530 25.40 -47.77 21.82
CA ARG D 530 26.67 -47.33 22.40
C ARG D 530 27.11 -46.09 21.62
N ILE D 531 27.01 -44.93 22.26
CA ILE D 531 27.42 -43.67 21.67
C ILE D 531 28.79 -43.30 22.22
N ASP D 532 29.69 -42.80 21.36
CA ASP D 532 31.01 -42.39 21.80
C ASP D 532 31.45 -41.16 21.00
N LEU D 533 31.48 -40.00 21.67
CA LEU D 533 31.83 -38.73 21.05
C LEU D 533 33.33 -38.56 20.85
N ASN D 534 34.13 -39.57 21.16
CA ASN D 534 35.55 -39.51 20.86
C ASN D 534 35.85 -40.19 19.53
N THR D 535 35.20 -41.32 19.28
CA THR D 535 35.36 -42.01 18.02
C THR D 535 34.42 -41.46 16.94
N GLY D 536 33.40 -40.70 17.35
CA GLY D 536 32.35 -40.32 16.42
C GLY D 536 31.43 -41.47 16.05
N ARG D 537 31.19 -42.39 16.97
CA ARG D 537 30.47 -43.61 16.65
C ARG D 537 29.15 -43.67 17.40
N CYS D 538 28.15 -44.25 16.76
CA CYS D 538 26.88 -44.54 17.38
C CYS D 538 26.40 -45.86 16.81
N ASP D 539 26.35 -46.88 17.66
CA ASP D 539 26.11 -48.22 17.18
C ASP D 539 25.12 -48.93 18.09
N ALA D 540 24.20 -49.65 17.49
CA ALA D 540 23.35 -50.55 18.27
C ALA D 540 24.07 -51.87 18.47
N LEU D 541 23.99 -52.40 19.68
CA LEU D 541 24.65 -53.65 20.05
C LEU D 541 23.68 -54.77 19.73
N VAL D 542 23.61 -55.09 18.44
CA VAL D 542 22.81 -56.20 17.91
C VAL D 542 23.70 -56.92 16.91
N ASP D 543 23.67 -58.25 16.93
CA ASP D 543 24.56 -59.04 16.06
C ASP D 543 23.98 -59.20 14.65
N GLU D 544 24.88 -59.19 13.65
CA GLU D 544 24.49 -59.25 12.24
C GLU D 544 23.48 -60.35 11.94
N ALA D 545 23.56 -61.48 12.64
CA ALA D 545 22.58 -62.53 12.45
C ALA D 545 21.18 -62.04 12.80
N THR D 546 21.02 -61.46 13.98
CA THR D 546 19.71 -60.97 14.38
C THR D 546 19.24 -59.79 13.51
N ILE D 547 20.18 -58.96 13.04
CA ILE D 547 19.81 -57.89 12.12
C ILE D 547 19.15 -58.49 10.88
N ALA D 548 19.82 -59.46 10.25
CA ALA D 548 19.27 -60.13 9.08
C ALA D 548 17.88 -60.70 9.36
N ALA D 549 17.73 -61.40 10.49
CA ALA D 549 16.41 -61.92 10.86
C ALA D 549 15.39 -60.80 10.93
N ARG D 550 15.77 -59.63 11.43
CA ARG D 550 14.84 -58.52 11.55
C ARG D 550 14.57 -57.90 10.19
N LYS D 551 15.64 -57.64 9.43
CA LYS D 551 15.51 -57.08 8.09
C LYS D 551 14.46 -57.82 7.26
N GLN D 552 14.38 -59.14 7.43
CA GLN D 552 13.42 -59.93 6.67
C GLN D 552 11.98 -59.58 7.01
N ASP D 553 11.73 -59.02 8.20
CA ASP D 553 10.37 -58.63 8.55
C ASP D 553 9.88 -57.41 7.78
N GLY D 554 10.74 -56.80 6.96
CA GLY D 554 10.36 -55.64 6.18
C GLY D 554 10.59 -54.34 6.92
N ILE D 555 10.46 -53.24 6.17
CA ILE D 555 10.69 -51.88 6.68
C ILE D 555 9.41 -51.40 7.34
N PRO D 556 9.51 -50.71 8.50
CA PRO D 556 8.29 -50.23 9.17
C PRO D 556 7.49 -49.30 8.28
N ALA D 557 6.19 -49.27 8.50
CA ALA D 557 5.30 -48.58 7.59
C ALA D 557 5.40 -47.07 7.74
N VAL D 558 5.24 -46.38 6.62
CA VAL D 558 5.18 -44.92 6.59
C VAL D 558 3.96 -44.53 5.75
N PRO D 559 3.43 -43.32 5.95
CA PRO D 559 2.14 -42.98 5.33
C PRO D 559 2.20 -42.92 3.80
N ALA D 560 1.03 -43.08 3.19
CA ALA D 560 0.92 -42.99 1.73
C ALA D 560 1.10 -41.55 1.27
N THR D 561 1.72 -41.39 0.09
CA THR D 561 1.80 -40.09 -0.55
C THR D 561 0.42 -39.47 -0.74
N MET D 562 0.26 -38.22 -0.28
CA MET D 562 -1.06 -37.63 -0.17
C MET D 562 -1.34 -36.43 -1.08
N THR D 563 -0.34 -35.84 -1.72
CA THR D 563 -0.51 -34.73 -2.65
C THR D 563 0.38 -34.97 -3.85
N PRO D 564 0.08 -34.34 -5.01
CA PRO D 564 0.96 -34.50 -6.17
C PRO D 564 2.41 -34.19 -5.87
N TRP D 565 2.68 -33.06 -5.21
CA TRP D 565 4.05 -32.65 -4.95
C TRP D 565 4.76 -33.64 -4.02
N GLN D 566 4.07 -34.23 -3.05
CA GLN D 566 4.73 -35.25 -2.25
C GLN D 566 5.26 -36.38 -3.13
N GLU D 567 4.49 -36.73 -4.18
CA GLU D 567 4.93 -37.80 -5.07
C GLU D 567 6.19 -37.41 -5.82
N ILE D 568 6.19 -36.22 -6.43
CA ILE D 568 7.42 -35.74 -7.04
C ILE D 568 8.55 -35.73 -6.01
N TYR D 569 8.26 -35.23 -4.81
CA TYR D 569 9.28 -35.11 -3.77
C TYR D 569 9.84 -36.48 -3.39
N ARG D 570 8.95 -37.43 -3.07
CA ARG D 570 9.40 -38.76 -2.69
C ARG D 570 10.24 -39.40 -3.79
N ALA D 571 9.93 -39.10 -5.06
CA ALA D 571 10.64 -39.75 -6.15
C ALA D 571 12.03 -39.18 -6.39
N HIS D 572 12.32 -37.94 -5.98
CA HIS D 572 13.58 -37.32 -6.36
C HIS D 572 14.42 -36.80 -5.21
N ALA D 573 13.88 -36.65 -4.00
CA ALA D 573 14.63 -36.03 -2.91
C ALA D 573 15.73 -36.95 -2.39
N SER D 574 16.90 -36.38 -2.17
CA SER D 574 18.03 -37.10 -1.61
C SER D 574 17.96 -37.08 -0.09
N GLN D 575 18.90 -37.79 0.54
CA GLN D 575 18.95 -37.90 1.99
C GLN D 575 19.61 -36.64 2.59
N LEU D 576 19.27 -36.37 3.86
CA LEU D 576 19.72 -35.11 4.46
C LEU D 576 21.23 -34.96 4.45
N ASP D 577 21.97 -36.08 4.52
CA ASP D 577 23.43 -35.96 4.48
C ASP D 577 23.92 -35.36 3.16
N THR D 578 23.11 -35.42 2.11
CA THR D 578 23.47 -34.81 0.83
C THR D 578 22.60 -33.60 0.49
N GLY D 579 21.94 -33.02 1.49
CA GLY D 579 21.27 -31.75 1.32
C GLY D 579 19.78 -31.81 1.12
N GLY D 580 19.18 -33.01 1.13
CA GLY D 580 17.78 -33.15 0.76
C GLY D 580 17.37 -32.48 -0.56
N VAL D 581 18.29 -32.43 -1.53
CA VAL D 581 18.03 -31.80 -2.82
C VAL D 581 17.22 -32.74 -3.72
N LEU D 582 16.58 -32.14 -4.73
CA LEU D 582 16.13 -32.91 -5.89
C LEU D 582 17.36 -33.40 -6.64
N GLU D 583 17.58 -34.72 -6.62
CA GLU D 583 18.87 -35.26 -7.05
C GLU D 583 19.14 -34.91 -8.52
N PHE D 584 18.11 -34.95 -9.37
CA PHE D 584 18.32 -34.64 -10.79
C PHE D 584 18.70 -33.19 -11.03
N ALA D 585 18.40 -32.30 -10.09
CA ALA D 585 18.48 -30.87 -10.39
C ALA D 585 19.89 -30.32 -10.24
N VAL D 586 20.77 -30.99 -9.50
CA VAL D 586 22.06 -30.37 -9.22
C VAL D 586 22.98 -30.39 -10.43
N LYS D 587 22.66 -31.18 -11.46
CA LYS D 587 23.43 -31.16 -12.70
C LYS D 587 23.24 -29.88 -13.49
N TYR D 588 22.18 -29.11 -13.21
CA TYR D 588 21.91 -27.89 -13.96
C TYR D 588 22.72 -26.73 -13.37
N GLN D 589 23.49 -26.05 -14.23
CA GLN D 589 24.48 -25.06 -13.82
C GLN D 589 24.53 -23.92 -14.82
N ASP D 590 24.68 -22.70 -14.29
CA ASP D 590 24.91 -21.49 -15.08
C ASP D 590 23.89 -21.34 -16.21
N LEU D 591 22.60 -21.49 -15.85
CA LEU D 591 21.54 -21.52 -16.85
C LEU D 591 21.43 -20.21 -17.61
N ALA D 592 21.80 -19.08 -16.99
CA ALA D 592 21.72 -17.81 -17.70
C ALA D 592 22.80 -17.67 -18.76
N ALA D 593 23.73 -18.62 -18.84
CA ALA D 593 24.67 -18.69 -19.95
C ALA D 593 24.01 -18.98 -21.29
N LYS D 594 22.75 -19.42 -21.30
CA LYS D 594 22.00 -19.77 -22.51
C LYS D 594 20.61 -19.14 -22.45
N LEU D 595 20.22 -18.42 -23.52
CA LEU D 595 18.91 -17.79 -23.59
C LEU D 595 17.83 -18.81 -23.93
N PRO D 596 16.61 -18.63 -23.42
CA PRO D 596 15.52 -19.54 -23.78
C PRO D 596 14.89 -19.15 -25.12
N ARG D 597 14.16 -20.10 -25.69
CA ARG D 597 13.47 -19.86 -26.95
C ARG D 597 12.49 -18.70 -26.81
N HIS D 598 12.16 -18.09 -27.95
CA HIS D 598 11.07 -17.11 -27.99
C HIS D 598 9.73 -17.85 -27.88
N ASN D 599 8.73 -17.17 -27.34
CA ASN D 599 7.50 -17.87 -27.01
C ASN D 599 6.41 -17.73 -28.06
N HIS D 600 6.62 -16.90 -29.09
CA HIS D 600 5.69 -16.75 -30.21
C HIS D 600 6.48 -16.73 -31.53
#